data_3G7P
# 
_entry.id   3G7P 
# 
_audit_conform.dict_name       mmcif_pdbx.dic 
_audit_conform.dict_version    5.399 
_audit_conform.dict_location   http://mmcif.pdb.org/dictionaries/ascii/mmcif_pdbx.dic 
# 
loop_
_database_2.database_id 
_database_2.database_code 
_database_2.pdbx_database_accession 
_database_2.pdbx_DOI 
PDB   3G7P         pdb_00003g7p 10.2210/pdb3g7p/pdb 
RCSB  RCSB051527   ?            ?                   
WWPDB D_1000051527 ?            ?                   
# 
loop_
_pdbx_audit_revision_history.ordinal 
_pdbx_audit_revision_history.data_content_type 
_pdbx_audit_revision_history.major_revision 
_pdbx_audit_revision_history.minor_revision 
_pdbx_audit_revision_history.revision_date 
1 'Structure model' 1 0 2009-03-03 
2 'Structure model' 1 1 2011-07-13 
3 'Structure model' 1 2 2017-11-01 
4 'Structure model' 1 3 2019-07-24 
5 'Structure model' 1 4 2023-02-01 
6 'Structure model' 1 5 2024-11-20 
# 
_pdbx_audit_revision_details.ordinal             1 
_pdbx_audit_revision_details.revision_ordinal    1 
_pdbx_audit_revision_details.data_content_type   'Structure model' 
_pdbx_audit_revision_details.provider            repository 
_pdbx_audit_revision_details.type                'Initial release' 
_pdbx_audit_revision_details.description         ? 
_pdbx_audit_revision_details.details             ? 
# 
loop_
_pdbx_audit_revision_group.ordinal 
_pdbx_audit_revision_group.revision_ordinal 
_pdbx_audit_revision_group.data_content_type 
_pdbx_audit_revision_group.group 
1  2 'Structure model' Advisory                    
2  2 'Structure model' 'Version format compliance' 
3  3 'Structure model' 'Refinement description'    
4  4 'Structure model' 'Data collection'           
5  4 'Structure model' 'Derived calculations'      
6  4 'Structure model' 'Refinement description'    
7  5 'Structure model' 'Database references'       
8  5 'Structure model' 'Derived calculations'      
9  6 'Structure model' 'Data collection'           
10 6 'Structure model' 'Structure summary'         
# 
loop_
_pdbx_audit_revision_category.ordinal 
_pdbx_audit_revision_category.revision_ordinal 
_pdbx_audit_revision_category.data_content_type 
_pdbx_audit_revision_category.category 
1  3 'Structure model' software                  
2  4 'Structure model' software                  
3  4 'Structure model' struct_conn               
4  5 'Structure model' database_2                
5  5 'Structure model' struct_ref_seq_dif        
6  5 'Structure model' struct_site               
7  6 'Structure model' chem_comp_atom            
8  6 'Structure model' chem_comp_bond            
9  6 'Structure model' pdbx_entry_details        
10 6 'Structure model' pdbx_modification_feature 
# 
loop_
_pdbx_audit_revision_item.ordinal 
_pdbx_audit_revision_item.revision_ordinal 
_pdbx_audit_revision_item.data_content_type 
_pdbx_audit_revision_item.item 
1  3 'Structure model' '_software.classification'                     
2  3 'Structure model' '_software.name'                               
3  4 'Structure model' '_software.classification'                     
4  4 'Structure model' '_software.contact_author'                     
5  4 'Structure model' '_software.contact_author_email'               
6  4 'Structure model' '_software.language'                           
7  4 'Structure model' '_software.location'                           
8  4 'Structure model' '_software.name'                               
9  4 'Structure model' '_software.type'                               
10 4 'Structure model' '_software.version'                            
11 4 'Structure model' '_struct_conn.pdbx_leaving_atom_flag'          
12 5 'Structure model' '_database_2.pdbx_DOI'                         
13 5 'Structure model' '_database_2.pdbx_database_accession'          
14 5 'Structure model' '_struct_ref_seq_dif.details'                  
15 5 'Structure model' '_struct_site.pdbx_auth_asym_id'               
16 5 'Structure model' '_struct_site.pdbx_auth_comp_id'               
17 5 'Structure model' '_struct_site.pdbx_auth_seq_id'                
18 6 'Structure model' '_pdbx_entry_details.has_protein_modification' 
# 
_pdbx_database_status.SG_entry                        Y 
_pdbx_database_status.entry_id                        3G7P 
_pdbx_database_status.deposit_site                    RCSB 
_pdbx_database_status.process_site                    RCSB 
_pdbx_database_status.recvd_initial_deposition_date   2009-02-10 
_pdbx_database_status.status_code                     REL 
_pdbx_database_status.status_code_sf                  REL 
_pdbx_database_status.status_code_mr                  ? 
_pdbx_database_status.status_code_cs                  ? 
_pdbx_database_status.pdb_format_compatible           Y 
_pdbx_database_status.methods_development_category    ? 
_pdbx_database_status.status_code_nmr_data            ? 
# 
_pdbx_database_related.db_name        TargetDB 
_pdbx_database_related.db_id          381741 
_pdbx_database_related.details        . 
_pdbx_database_related.content_type   unspecified 
# 
_audit_author.name           'Joint Center for Structural Genomics (JCSG)' 
_audit_author.pdbx_ordinal   1 
# 
_citation.id                        primary 
_citation.title                     
;Crystal structure of NifX-associated protein of unknown function (YP_002425942.1) from Acidithiobacillus ferrooxidans ATCC 23270 at 2.00 A resolution
;
_citation.journal_abbrev            'To be published' 
_citation.journal_volume            ? 
_citation.page_first                ? 
_citation.page_last                 ? 
_citation.year                      ? 
_citation.journal_id_ASTM           ? 
_citation.country                   ? 
_citation.journal_id_ISSN           ? 
_citation.journal_id_CSD            0353 
_citation.book_publisher            ? 
_citation.pdbx_database_id_PubMed   ? 
_citation.pdbx_database_id_DOI      ? 
# 
_citation_author.citation_id        primary 
_citation_author.name               'Joint Center for Structural Genomics (JCSG)' 
_citation_author.ordinal            1 
_citation_author.identifier_ORCID   ? 
# 
loop_
_entity.id 
_entity.type 
_entity.src_method 
_entity.pdbx_description 
_entity.formula_weight 
_entity.pdbx_number_of_molecules 
_entity.pdbx_ec 
_entity.pdbx_mutation 
_entity.pdbx_fragment 
_entity.details 
1 polymer     man 'Nitrogen fixation protein'                                      18249.641 1   ? ? ? ? 
2 non-polymer syn 'SULFATE ION'                                                    96.063    3   ? ? ? ? 
3 non-polymer syn 1,2-ETHANEDIOL                                                   62.068    2   ? ? ? ? 
4 non-polymer syn '1-(2-METHOXY-ETHOXY)-2-{2-[2-(2-METHOXY-ETHOXY]-ETHOXY}-ETHANE' 266.331   1   ? ? ? ? 
5 water       nat water                                                            18.015    105 ? ? ? ? 
# 
_entity_poly.entity_id                      1 
_entity_poly.type                           'polypeptide(L)' 
_entity_poly.nstd_linkage                   no 
_entity_poly.nstd_monomer                   yes 
_entity_poly.pdbx_seq_one_letter_code       
;G(MSE)PENTA(MSE)AALLPEESLFFRELVKQWRAQDSYGTWEKKSD(MSE)ELLAPYVLDKEQRRAIPIIGDPDPEIL
WRVELFYNAVGLATERASGV(MSE)VSP(MSE)(MSE)K(MSE)SHEGFGR(MSE)VLIAGRLIVVNKQLRDVHRFGFPS
(MSE)EKLAEEGDKLVAGALE(MSE)IEKFPEVARF
;
_entity_poly.pdbx_seq_one_letter_code_can   
;GMPENTAMAALLPEESLFFRELVKQWRAQDSYGTWEKKSDMELLAPYVLDKEQRRAIPIIGDPDPEILWRVELFYNAVGL
ATERASGVMVSPMMKMSHEGFGRMVLIAGRLIVVNKQLRDVHRFGFPSMEKLAEEGDKLVAGALEMIEKFPEVARF
;
_entity_poly.pdbx_strand_id                 A 
_entity_poly.pdbx_target_identifier         381741 
# 
loop_
_pdbx_entity_nonpoly.entity_id 
_pdbx_entity_nonpoly.name 
_pdbx_entity_nonpoly.comp_id 
2 'SULFATE ION'                                                    SO4 
3 1,2-ETHANEDIOL                                                   EDO 
4 '1-(2-METHOXY-ETHOXY)-2-{2-[2-(2-METHOXY-ETHOXY]-ETHOXY}-ETHANE' PG6 
5 water                                                            HOH 
# 
loop_
_entity_poly_seq.entity_id 
_entity_poly_seq.num 
_entity_poly_seq.mon_id 
_entity_poly_seq.hetero 
1 1   GLY n 
1 2   MSE n 
1 3   PRO n 
1 4   GLU n 
1 5   ASN n 
1 6   THR n 
1 7   ALA n 
1 8   MSE n 
1 9   ALA n 
1 10  ALA n 
1 11  LEU n 
1 12  LEU n 
1 13  PRO n 
1 14  GLU n 
1 15  GLU n 
1 16  SER n 
1 17  LEU n 
1 18  PHE n 
1 19  PHE n 
1 20  ARG n 
1 21  GLU n 
1 22  LEU n 
1 23  VAL n 
1 24  LYS n 
1 25  GLN n 
1 26  TRP n 
1 27  ARG n 
1 28  ALA n 
1 29  GLN n 
1 30  ASP n 
1 31  SER n 
1 32  TYR n 
1 33  GLY n 
1 34  THR n 
1 35  TRP n 
1 36  GLU n 
1 37  LYS n 
1 38  LYS n 
1 39  SER n 
1 40  ASP n 
1 41  MSE n 
1 42  GLU n 
1 43  LEU n 
1 44  LEU n 
1 45  ALA n 
1 46  PRO n 
1 47  TYR n 
1 48  VAL n 
1 49  LEU n 
1 50  ASP n 
1 51  LYS n 
1 52  GLU n 
1 53  GLN n 
1 54  ARG n 
1 55  ARG n 
1 56  ALA n 
1 57  ILE n 
1 58  PRO n 
1 59  ILE n 
1 60  ILE n 
1 61  GLY n 
1 62  ASP n 
1 63  PRO n 
1 64  ASP n 
1 65  PRO n 
1 66  GLU n 
1 67  ILE n 
1 68  LEU n 
1 69  TRP n 
1 70  ARG n 
1 71  VAL n 
1 72  GLU n 
1 73  LEU n 
1 74  PHE n 
1 75  TYR n 
1 76  ASN n 
1 77  ALA n 
1 78  VAL n 
1 79  GLY n 
1 80  LEU n 
1 81  ALA n 
1 82  THR n 
1 83  GLU n 
1 84  ARG n 
1 85  ALA n 
1 86  SER n 
1 87  GLY n 
1 88  VAL n 
1 89  MSE n 
1 90  VAL n 
1 91  SER n 
1 92  PRO n 
1 93  MSE n 
1 94  MSE n 
1 95  LYS n 
1 96  MSE n 
1 97  SER n 
1 98  HIS n 
1 99  GLU n 
1 100 GLY n 
1 101 PHE n 
1 102 GLY n 
1 103 ARG n 
1 104 MSE n 
1 105 VAL n 
1 106 LEU n 
1 107 ILE n 
1 108 ALA n 
1 109 GLY n 
1 110 ARG n 
1 111 LEU n 
1 112 ILE n 
1 113 VAL n 
1 114 VAL n 
1 115 ASN n 
1 116 LYS n 
1 117 GLN n 
1 118 LEU n 
1 119 ARG n 
1 120 ASP n 
1 121 VAL n 
1 122 HIS n 
1 123 ARG n 
1 124 PHE n 
1 125 GLY n 
1 126 PHE n 
1 127 PRO n 
1 128 SER n 
1 129 MSE n 
1 130 GLU n 
1 131 LYS n 
1 132 LEU n 
1 133 ALA n 
1 134 GLU n 
1 135 GLU n 
1 136 GLY n 
1 137 ASP n 
1 138 LYS n 
1 139 LEU n 
1 140 VAL n 
1 141 ALA n 
1 142 GLY n 
1 143 ALA n 
1 144 LEU n 
1 145 GLU n 
1 146 MSE n 
1 147 ILE n 
1 148 GLU n 
1 149 LYS n 
1 150 PHE n 
1 151 PRO n 
1 152 GLU n 
1 153 VAL n 
1 154 ALA n 
1 155 ARG n 
1 156 PHE n 
# 
_entity_src_gen.entity_id                          1 
_entity_src_gen.pdbx_src_id                        1 
_entity_src_gen.pdbx_alt_source_flag               sample 
_entity_src_gen.pdbx_seq_type                      ? 
_entity_src_gen.pdbx_beg_seq_num                   ? 
_entity_src_gen.pdbx_end_seq_num                   ? 
_entity_src_gen.gene_src_common_name               ? 
_entity_src_gen.gene_src_genus                     ? 
_entity_src_gen.pdbx_gene_src_gene                 'Lferr_1232, YP_002425942.1' 
_entity_src_gen.gene_src_species                   ? 
_entity_src_gen.gene_src_strain                    ? 
_entity_src_gen.gene_src_tissue                    ? 
_entity_src_gen.gene_src_tissue_fraction           ? 
_entity_src_gen.gene_src_details                   ? 
_entity_src_gen.pdbx_gene_src_fragment             ? 
_entity_src_gen.pdbx_gene_src_scientific_name      'Acidithiobacillus ferrooxidans ATCC 23270' 
_entity_src_gen.pdbx_gene_src_ncbi_taxonomy_id     243159 
_entity_src_gen.pdbx_gene_src_variant              ? 
_entity_src_gen.pdbx_gene_src_cell_line            ? 
_entity_src_gen.pdbx_gene_src_atcc                 23270 
_entity_src_gen.pdbx_gene_src_organ                ? 
_entity_src_gen.pdbx_gene_src_organelle            ? 
_entity_src_gen.pdbx_gene_src_cell                 ? 
_entity_src_gen.pdbx_gene_src_cellular_location    ? 
_entity_src_gen.host_org_common_name               ? 
_entity_src_gen.pdbx_host_org_scientific_name      'Escherichia coli' 
_entity_src_gen.pdbx_host_org_ncbi_taxonomy_id     562 
_entity_src_gen.host_org_genus                     ? 
_entity_src_gen.pdbx_host_org_gene                 ? 
_entity_src_gen.pdbx_host_org_organ                ? 
_entity_src_gen.host_org_species                   ? 
_entity_src_gen.pdbx_host_org_tissue               ? 
_entity_src_gen.pdbx_host_org_tissue_fraction      ? 
_entity_src_gen.pdbx_host_org_strain               HK100 
_entity_src_gen.pdbx_host_org_variant              ? 
_entity_src_gen.pdbx_host_org_cell_line            ? 
_entity_src_gen.pdbx_host_org_atcc                 ? 
_entity_src_gen.pdbx_host_org_culture_collection   ? 
_entity_src_gen.pdbx_host_org_cell                 ? 
_entity_src_gen.pdbx_host_org_organelle            ? 
_entity_src_gen.pdbx_host_org_cellular_location    ? 
_entity_src_gen.pdbx_host_org_vector_type          Plasmid 
_entity_src_gen.pdbx_host_org_vector               ? 
_entity_src_gen.host_org_details                   ? 
_entity_src_gen.expression_system_id               ? 
_entity_src_gen.plasmid_name                       SpeedET 
_entity_src_gen.plasmid_details                    ? 
_entity_src_gen.pdbx_description                   ? 
# 
loop_
_chem_comp.id 
_chem_comp.type 
_chem_comp.mon_nstd_flag 
_chem_comp.name 
_chem_comp.pdbx_synonyms 
_chem_comp.formula 
_chem_comp.formula_weight 
ALA 'L-peptide linking' y ALANINE                                                          ?                 'C3 H7 N O2'     
89.093  
ARG 'L-peptide linking' y ARGININE                                                         ?                 'C6 H15 N4 O2 1' 
175.209 
ASN 'L-peptide linking' y ASPARAGINE                                                       ?                 'C4 H8 N2 O3'    
132.118 
ASP 'L-peptide linking' y 'ASPARTIC ACID'                                                  ?                 'C4 H7 N O4'     
133.103 
EDO non-polymer         . 1,2-ETHANEDIOL                                                   'ETHYLENE GLYCOL' 'C2 H6 O2'       
62.068  
GLN 'L-peptide linking' y GLUTAMINE                                                        ?                 'C5 H10 N2 O3'   
146.144 
GLU 'L-peptide linking' y 'GLUTAMIC ACID'                                                  ?                 'C5 H9 N O4'     
147.129 
GLY 'peptide linking'   y GLYCINE                                                          ?                 'C2 H5 N O2'     
75.067  
HIS 'L-peptide linking' y HISTIDINE                                                        ?                 'C6 H10 N3 O2 1' 
156.162 
HOH non-polymer         . WATER                                                            ?                 'H2 O'           
18.015  
ILE 'L-peptide linking' y ISOLEUCINE                                                       ?                 'C6 H13 N O2'    
131.173 
LEU 'L-peptide linking' y LEUCINE                                                          ?                 'C6 H13 N O2'    
131.173 
LYS 'L-peptide linking' y LYSINE                                                           ?                 'C6 H15 N2 O2 1' 
147.195 
MSE 'L-peptide linking' n SELENOMETHIONINE                                                 ?                 'C5 H11 N O2 Se' 
196.106 
PG6 non-polymer         . '1-(2-METHOXY-ETHOXY)-2-{2-[2-(2-METHOXY-ETHOXY]-ETHOXY}-ETHANE' ?                 'C12 H26 O6'     
266.331 
PHE 'L-peptide linking' y PHENYLALANINE                                                    ?                 'C9 H11 N O2'    
165.189 
PRO 'L-peptide linking' y PROLINE                                                          ?                 'C5 H9 N O2'     
115.130 
SER 'L-peptide linking' y SERINE                                                           ?                 'C3 H7 N O3'     
105.093 
SO4 non-polymer         . 'SULFATE ION'                                                    ?                 'O4 S -2'        
96.063  
THR 'L-peptide linking' y THREONINE                                                        ?                 'C4 H9 N O3'     
119.119 
TRP 'L-peptide linking' y TRYPTOPHAN                                                       ?                 'C11 H12 N2 O2'  
204.225 
TYR 'L-peptide linking' y TYROSINE                                                         ?                 'C9 H11 N O3'    
181.189 
VAL 'L-peptide linking' y VALINE                                                           ?                 'C5 H11 N O2'    
117.146 
# 
loop_
_pdbx_poly_seq_scheme.asym_id 
_pdbx_poly_seq_scheme.entity_id 
_pdbx_poly_seq_scheme.seq_id 
_pdbx_poly_seq_scheme.mon_id 
_pdbx_poly_seq_scheme.ndb_seq_num 
_pdbx_poly_seq_scheme.pdb_seq_num 
_pdbx_poly_seq_scheme.auth_seq_num 
_pdbx_poly_seq_scheme.pdb_mon_id 
_pdbx_poly_seq_scheme.auth_mon_id 
_pdbx_poly_seq_scheme.pdb_strand_id 
_pdbx_poly_seq_scheme.pdb_ins_code 
_pdbx_poly_seq_scheme.hetero 
A 1 1   GLY 1   0   ?   ?   ?   A . n 
A 1 2   MSE 2   1   ?   ?   ?   A . n 
A 1 3   PRO 3   2   ?   ?   ?   A . n 
A 1 4   GLU 4   3   ?   ?   ?   A . n 
A 1 5   ASN 5   4   ?   ?   ?   A . n 
A 1 6   THR 6   5   ?   ?   ?   A . n 
A 1 7   ALA 7   6   ?   ?   ?   A . n 
A 1 8   MSE 8   7   ?   ?   ?   A . n 
A 1 9   ALA 9   8   ?   ?   ?   A . n 
A 1 10  ALA 10  9   ?   ?   ?   A . n 
A 1 11  LEU 11  10  ?   ?   ?   A . n 
A 1 12  LEU 12  11  11  LEU LEU A . n 
A 1 13  PRO 13  12  12  PRO PRO A . n 
A 1 14  GLU 14  13  13  GLU GLU A . n 
A 1 15  GLU 15  14  14  GLU GLU A . n 
A 1 16  SER 16  15  15  SER SER A . n 
A 1 17  LEU 17  16  16  LEU LEU A . n 
A 1 18  PHE 18  17  17  PHE PHE A . n 
A 1 19  PHE 19  18  18  PHE PHE A . n 
A 1 20  ARG 20  19  19  ARG ARG A . n 
A 1 21  GLU 21  20  20  GLU GLU A . n 
A 1 22  LEU 22  21  21  LEU LEU A . n 
A 1 23  VAL 23  22  22  VAL VAL A . n 
A 1 24  LYS 24  23  23  LYS LYS A . n 
A 1 25  GLN 25  24  24  GLN GLN A . n 
A 1 26  TRP 26  25  25  TRP TRP A . n 
A 1 27  ARG 27  26  26  ARG ARG A . n 
A 1 28  ALA 28  27  27  ALA ALA A . n 
A 1 29  GLN 29  28  28  GLN GLN A . n 
A 1 30  ASP 30  29  29  ASP ASP A . n 
A 1 31  SER 31  30  30  SER SER A . n 
A 1 32  TYR 32  31  31  TYR TYR A . n 
A 1 33  GLY 33  32  32  GLY GLY A . n 
A 1 34  THR 34  33  33  THR THR A . n 
A 1 35  TRP 35  34  34  TRP TRP A . n 
A 1 36  GLU 36  35  35  GLU GLU A . n 
A 1 37  LYS 37  36  36  LYS LYS A . n 
A 1 38  LYS 38  37  37  LYS LYS A . n 
A 1 39  SER 39  38  38  SER SER A . n 
A 1 40  ASP 40  39  39  ASP ASP A . n 
A 1 41  MSE 41  40  40  MSE MSE A . n 
A 1 42  GLU 42  41  41  GLU GLU A . n 
A 1 43  LEU 43  42  42  LEU LEU A . n 
A 1 44  LEU 44  43  43  LEU LEU A . n 
A 1 45  ALA 45  44  44  ALA ALA A . n 
A 1 46  PRO 46  45  45  PRO PRO A . n 
A 1 47  TYR 47  46  46  TYR TYR A . n 
A 1 48  VAL 48  47  47  VAL VAL A . n 
A 1 49  LEU 49  48  48  LEU LEU A . n 
A 1 50  ASP 50  49  49  ASP ASP A . n 
A 1 51  LYS 51  50  50  LYS LYS A . n 
A 1 52  GLU 52  51  51  GLU GLU A . n 
A 1 53  GLN 53  52  52  GLN GLN A . n 
A 1 54  ARG 54  53  53  ARG ARG A . n 
A 1 55  ARG 55  54  54  ARG ARG A . n 
A 1 56  ALA 56  55  55  ALA ALA A . n 
A 1 57  ILE 57  56  56  ILE ILE A . n 
A 1 58  PRO 58  57  57  PRO PRO A . n 
A 1 59  ILE 59  58  58  ILE ILE A . n 
A 1 60  ILE 60  59  59  ILE ILE A . n 
A 1 61  GLY 61  60  60  GLY GLY A . n 
A 1 62  ASP 62  61  61  ASP ASP A . n 
A 1 63  PRO 63  62  62  PRO PRO A . n 
A 1 64  ASP 64  63  63  ASP ASP A . n 
A 1 65  PRO 65  64  64  PRO PRO A . n 
A 1 66  GLU 66  65  65  GLU GLU A . n 
A 1 67  ILE 67  66  66  ILE ILE A . n 
A 1 68  LEU 68  67  67  LEU LEU A . n 
A 1 69  TRP 69  68  68  TRP TRP A . n 
A 1 70  ARG 70  69  69  ARG ARG A . n 
A 1 71  VAL 71  70  70  VAL VAL A . n 
A 1 72  GLU 72  71  71  GLU GLU A . n 
A 1 73  LEU 73  72  72  LEU LEU A . n 
A 1 74  PHE 74  73  73  PHE PHE A . n 
A 1 75  TYR 75  74  74  TYR TYR A . n 
A 1 76  ASN 76  75  75  ASN ASN A . n 
A 1 77  ALA 77  76  76  ALA ALA A . n 
A 1 78  VAL 78  77  77  VAL VAL A . n 
A 1 79  GLY 79  78  78  GLY GLY A . n 
A 1 80  LEU 80  79  79  LEU LEU A . n 
A 1 81  ALA 81  80  80  ALA ALA A . n 
A 1 82  THR 82  81  81  THR THR A . n 
A 1 83  GLU 83  82  82  GLU GLU A . n 
A 1 84  ARG 84  83  83  ARG ARG A . n 
A 1 85  ALA 85  84  84  ALA ALA A . n 
A 1 86  SER 86  85  85  SER SER A . n 
A 1 87  GLY 87  86  86  GLY GLY A . n 
A 1 88  VAL 88  87  87  VAL VAL A . n 
A 1 89  MSE 89  88  88  MSE MSE A . n 
A 1 90  VAL 90  89  89  VAL VAL A . n 
A 1 91  SER 91  90  90  SER SER A . n 
A 1 92  PRO 92  91  91  PRO PRO A . n 
A 1 93  MSE 93  92  92  MSE MSE A . n 
A 1 94  MSE 94  93  93  MSE MSE A . n 
A 1 95  LYS 95  94  94  LYS LYS A . n 
A 1 96  MSE 96  95  95  MSE MSE A . n 
A 1 97  SER 97  96  96  SER SER A . n 
A 1 98  HIS 98  97  97  HIS HIS A . n 
A 1 99  GLU 99  98  98  GLU GLU A . n 
A 1 100 GLY 100 99  99  GLY GLY A . n 
A 1 101 PHE 101 100 100 PHE PHE A . n 
A 1 102 GLY 102 101 101 GLY GLY A . n 
A 1 103 ARG 103 102 102 ARG ARG A . n 
A 1 104 MSE 104 103 103 MSE MSE A . n 
A 1 105 VAL 105 104 104 VAL VAL A . n 
A 1 106 LEU 106 105 105 LEU LEU A . n 
A 1 107 ILE 107 106 106 ILE ILE A . n 
A 1 108 ALA 108 107 107 ALA ALA A . n 
A 1 109 GLY 109 108 108 GLY GLY A . n 
A 1 110 ARG 110 109 109 ARG ARG A . n 
A 1 111 LEU 111 110 110 LEU LEU A . n 
A 1 112 ILE 112 111 111 ILE ILE A . n 
A 1 113 VAL 113 112 112 VAL VAL A . n 
A 1 114 VAL 114 113 113 VAL VAL A . n 
A 1 115 ASN 115 114 114 ASN ASN A . n 
A 1 116 LYS 116 115 115 LYS LYS A . n 
A 1 117 GLN 117 116 116 GLN GLN A . n 
A 1 118 LEU 118 117 117 LEU LEU A . n 
A 1 119 ARG 119 118 118 ARG ARG A . n 
A 1 120 ASP 120 119 119 ASP ASP A . n 
A 1 121 VAL 121 120 120 VAL VAL A . n 
A 1 122 HIS 122 121 121 HIS HIS A . n 
A 1 123 ARG 123 122 122 ARG ARG A . n 
A 1 124 PHE 124 123 123 PHE PHE A . n 
A 1 125 GLY 125 124 124 GLY GLY A . n 
A 1 126 PHE 126 125 125 PHE PHE A . n 
A 1 127 PRO 127 126 126 PRO PRO A . n 
A 1 128 SER 128 127 127 SER SER A . n 
A 1 129 MSE 129 128 128 MSE MSE A . n 
A 1 130 GLU 130 129 129 GLU GLU A . n 
A 1 131 LYS 131 130 130 LYS LYS A . n 
A 1 132 LEU 132 131 131 LEU LEU A . n 
A 1 133 ALA 133 132 132 ALA ALA A . n 
A 1 134 GLU 134 133 133 GLU GLU A . n 
A 1 135 GLU 135 134 134 GLU GLU A . n 
A 1 136 GLY 136 135 135 GLY GLY A . n 
A 1 137 ASP 137 136 136 ASP ASP A . n 
A 1 138 LYS 138 137 137 LYS LYS A . n 
A 1 139 LEU 139 138 138 LEU LEU A . n 
A 1 140 VAL 140 139 139 VAL VAL A . n 
A 1 141 ALA 141 140 140 ALA ALA A . n 
A 1 142 GLY 142 141 141 GLY GLY A . n 
A 1 143 ALA 143 142 142 ALA ALA A . n 
A 1 144 LEU 144 143 143 LEU LEU A . n 
A 1 145 GLU 145 144 144 GLU GLU A . n 
A 1 146 MSE 146 145 145 MSE MSE A . n 
A 1 147 ILE 147 146 146 ILE ILE A . n 
A 1 148 GLU 148 147 147 GLU GLU A . n 
A 1 149 LYS 149 148 148 LYS LYS A . n 
A 1 150 PHE 150 149 149 PHE PHE A . n 
A 1 151 PRO 151 150 150 PRO PRO A . n 
A 1 152 GLU 152 151 151 GLU GLU A . n 
A 1 153 VAL 153 152 152 VAL VAL A . n 
A 1 154 ALA 154 153 153 ALA ALA A . n 
A 1 155 ARG 155 154 154 ARG ARG A . n 
A 1 156 PHE 156 155 155 PHE PHE A . n 
# 
loop_
_pdbx_nonpoly_scheme.asym_id 
_pdbx_nonpoly_scheme.entity_id 
_pdbx_nonpoly_scheme.mon_id 
_pdbx_nonpoly_scheme.ndb_seq_num 
_pdbx_nonpoly_scheme.pdb_seq_num 
_pdbx_nonpoly_scheme.auth_seq_num 
_pdbx_nonpoly_scheme.pdb_mon_id 
_pdbx_nonpoly_scheme.auth_mon_id 
_pdbx_nonpoly_scheme.pdb_strand_id 
_pdbx_nonpoly_scheme.pdb_ins_code 
B 2 SO4 1   156 1   SO4 SO4 A . 
C 2 SO4 1   157 2   SO4 SO4 A . 
D 2 SO4 1   158 3   SO4 SO4 A . 
E 3 EDO 1   159 4   EDO EDO A . 
F 3 EDO 1   160 5   EDO EDO A . 
G 4 PG6 1   161 6   PG6 PG6 A . 
H 5 HOH 1   162 7   HOH HOH A . 
H 5 HOH 2   163 8   HOH HOH A . 
H 5 HOH 3   164 9   HOH HOH A . 
H 5 HOH 4   165 10  HOH HOH A . 
H 5 HOH 5   166 11  HOH HOH A . 
H 5 HOH 6   167 12  HOH HOH A . 
H 5 HOH 7   168 13  HOH HOH A . 
H 5 HOH 8   169 14  HOH HOH A . 
H 5 HOH 9   170 15  HOH HOH A . 
H 5 HOH 10  171 16  HOH HOH A . 
H 5 HOH 11  172 17  HOH HOH A . 
H 5 HOH 12  173 18  HOH HOH A . 
H 5 HOH 13  174 19  HOH HOH A . 
H 5 HOH 14  175 20  HOH HOH A . 
H 5 HOH 15  176 21  HOH HOH A . 
H 5 HOH 16  177 22  HOH HOH A . 
H 5 HOH 17  178 23  HOH HOH A . 
H 5 HOH 18  179 24  HOH HOH A . 
H 5 HOH 19  180 25  HOH HOH A . 
H 5 HOH 20  181 26  HOH HOH A . 
H 5 HOH 21  182 27  HOH HOH A . 
H 5 HOH 22  183 28  HOH HOH A . 
H 5 HOH 23  184 29  HOH HOH A . 
H 5 HOH 24  185 30  HOH HOH A . 
H 5 HOH 25  186 31  HOH HOH A . 
H 5 HOH 26  187 32  HOH HOH A . 
H 5 HOH 27  188 33  HOH HOH A . 
H 5 HOH 28  189 34  HOH HOH A . 
H 5 HOH 29  190 35  HOH HOH A . 
H 5 HOH 30  191 36  HOH HOH A . 
H 5 HOH 31  192 37  HOH HOH A . 
H 5 HOH 32  193 38  HOH HOH A . 
H 5 HOH 33  194 39  HOH HOH A . 
H 5 HOH 34  195 40  HOH HOH A . 
H 5 HOH 35  196 41  HOH HOH A . 
H 5 HOH 36  197 42  HOH HOH A . 
H 5 HOH 37  198 43  HOH HOH A . 
H 5 HOH 38  199 44  HOH HOH A . 
H 5 HOH 39  200 45  HOH HOH A . 
H 5 HOH 40  201 46  HOH HOH A . 
H 5 HOH 41  202 47  HOH HOH A . 
H 5 HOH 42  203 48  HOH HOH A . 
H 5 HOH 43  204 49  HOH HOH A . 
H 5 HOH 44  205 50  HOH HOH A . 
H 5 HOH 45  206 51  HOH HOH A . 
H 5 HOH 46  207 52  HOH HOH A . 
H 5 HOH 47  208 53  HOH HOH A . 
H 5 HOH 48  209 54  HOH HOH A . 
H 5 HOH 49  210 55  HOH HOH A . 
H 5 HOH 50  211 56  HOH HOH A . 
H 5 HOH 51  212 57  HOH HOH A . 
H 5 HOH 52  213 58  HOH HOH A . 
H 5 HOH 53  214 59  HOH HOH A . 
H 5 HOH 54  215 60  HOH HOH A . 
H 5 HOH 55  216 61  HOH HOH A . 
H 5 HOH 56  217 62  HOH HOH A . 
H 5 HOH 57  218 63  HOH HOH A . 
H 5 HOH 58  219 64  HOH HOH A . 
H 5 HOH 59  220 65  HOH HOH A . 
H 5 HOH 60  221 66  HOH HOH A . 
H 5 HOH 61  222 67  HOH HOH A . 
H 5 HOH 62  223 68  HOH HOH A . 
H 5 HOH 63  224 69  HOH HOH A . 
H 5 HOH 64  225 70  HOH HOH A . 
H 5 HOH 65  226 71  HOH HOH A . 
H 5 HOH 66  227 72  HOH HOH A . 
H 5 HOH 67  228 73  HOH HOH A . 
H 5 HOH 68  229 74  HOH HOH A . 
H 5 HOH 69  230 75  HOH HOH A . 
H 5 HOH 70  231 76  HOH HOH A . 
H 5 HOH 71  232 77  HOH HOH A . 
H 5 HOH 72  233 78  HOH HOH A . 
H 5 HOH 73  234 79  HOH HOH A . 
H 5 HOH 74  235 80  HOH HOH A . 
H 5 HOH 75  236 81  HOH HOH A . 
H 5 HOH 76  237 82  HOH HOH A . 
H 5 HOH 77  238 83  HOH HOH A . 
H 5 HOH 78  239 84  HOH HOH A . 
H 5 HOH 79  240 85  HOH HOH A . 
H 5 HOH 80  241 86  HOH HOH A . 
H 5 HOH 81  242 87  HOH HOH A . 
H 5 HOH 82  243 88  HOH HOH A . 
H 5 HOH 83  244 89  HOH HOH A . 
H 5 HOH 84  245 90  HOH HOH A . 
H 5 HOH 85  246 91  HOH HOH A . 
H 5 HOH 86  247 92  HOH HOH A . 
H 5 HOH 87  248 93  HOH HOH A . 
H 5 HOH 88  249 94  HOH HOH A . 
H 5 HOH 89  250 95  HOH HOH A . 
H 5 HOH 90  251 96  HOH HOH A . 
H 5 HOH 91  252 97  HOH HOH A . 
H 5 HOH 92  253 98  HOH HOH A . 
H 5 HOH 93  254 99  HOH HOH A . 
H 5 HOH 94  255 100 HOH HOH A . 
H 5 HOH 95  256 101 HOH HOH A . 
H 5 HOH 96  257 102 HOH HOH A . 
H 5 HOH 97  258 103 HOH HOH A . 
H 5 HOH 98  259 104 HOH HOH A . 
H 5 HOH 99  260 105 HOH HOH A . 
H 5 HOH 100 261 106 HOH HOH A . 
H 5 HOH 101 262 107 HOH HOH A . 
H 5 HOH 102 263 108 HOH HOH A . 
H 5 HOH 103 264 109 HOH HOH A . 
H 5 HOH 104 265 110 HOH HOH A . 
H 5 HOH 105 266 111 HOH HOH A . 
# 
loop_
_pdbx_unobs_or_zero_occ_atoms.id 
_pdbx_unobs_or_zero_occ_atoms.PDB_model_num 
_pdbx_unobs_or_zero_occ_atoms.polymer_flag 
_pdbx_unobs_or_zero_occ_atoms.occupancy_flag 
_pdbx_unobs_or_zero_occ_atoms.auth_asym_id 
_pdbx_unobs_or_zero_occ_atoms.auth_comp_id 
_pdbx_unobs_or_zero_occ_atoms.auth_seq_id 
_pdbx_unobs_or_zero_occ_atoms.PDB_ins_code 
_pdbx_unobs_or_zero_occ_atoms.auth_atom_id 
_pdbx_unobs_or_zero_occ_atoms.label_alt_id 
_pdbx_unobs_or_zero_occ_atoms.label_asym_id 
_pdbx_unobs_or_zero_occ_atoms.label_comp_id 
_pdbx_unobs_or_zero_occ_atoms.label_seq_id 
_pdbx_unobs_or_zero_occ_atoms.label_atom_id 
1  1 Y 1 A GLU 35  ? CG  ? A GLU 36  CG  
2  1 Y 1 A GLU 35  ? CD  ? A GLU 36  CD  
3  1 Y 1 A GLU 35  ? OE1 ? A GLU 36  OE1 
4  1 Y 1 A GLU 35  ? OE2 ? A GLU 36  OE2 
5  1 Y 1 A LYS 36  ? CD  ? A LYS 37  CD  
6  1 Y 1 A LYS 36  ? CE  ? A LYS 37  CE  
7  1 Y 1 A LYS 36  ? NZ  ? A LYS 37  NZ  
8  1 Y 1 A LYS 50  ? CG  ? A LYS 51  CG  
9  1 Y 1 A LYS 50  ? CD  ? A LYS 51  CD  
10 1 Y 1 A LYS 50  ? CE  ? A LYS 51  CE  
11 1 Y 1 A LYS 50  ? NZ  ? A LYS 51  NZ  
12 1 Y 1 A ARG 118 ? CD  ? A ARG 119 CD  
13 1 Y 1 A ARG 118 ? NE  ? A ARG 119 NE  
14 1 Y 1 A ARG 118 ? CZ  ? A ARG 119 CZ  
15 1 Y 1 A ARG 118 ? NH1 ? A ARG 119 NH1 
16 1 Y 1 A ARG 118 ? NH2 ? A ARG 119 NH2 
# 
loop_
_software.name 
_software.version 
_software.date 
_software.type 
_software.contact_author 
_software.contact_author_email 
_software.classification 
_software.location 
_software.language 
_software.citation_id 
_software.pdbx_ordinal 
REFMAC      5.2.0019 ?               program 'Garib N. Murshudov'         garib@ysbl.york.ac.uk                refinement        
http://www.ccp4.ac.uk/dist/html/refmac5.html Fortran_77 ? 1  
PHENIX      .        ?               package 'P.D. Adams'                 PDAdams@lbl.gov                      refinement        
http://www.phenix-online.org/                C++        ? 2  
SHELX       .        ?               package 'George M. Sheldrick'        gsheldr@shelx.uni-ac.gwdg.de         phasing           
http://shelx.uni-ac.gwdg.de/SHELX/           Fortran_77 ? 3  
MolProbity  3beta29  ?               package 'D.C. & J.S. Richardson lab' molprobity@kinemage.biochem.duke.edu 'model building'  
http://kinemage.biochem.duke.edu/molprobity/ ?          ? 4  
SCALA       3.2.5    5/04/2004       other   'Phil R. Evans'              pre@mrc-lmb.cam.ac.uk                'data scaling'    
http://www.ccp4.ac.uk/dist/html/scala.html   Fortran_77 ? 5  
PDB_EXTRACT 3.006    'June 11, 2008' package PDB                          help@deposit.rcsb.org                'data extraction' 
http://sw-tools.pdb.org/apps/PDB_EXTRACT/    C++        ? 6  
MAR345      CCD      ?               ?       ?                            ?                                    'data collection' ? 
?          ? 7  
XDS         .        ?               ?       ?                            ?                                    'data reduction'  ? 
?          ? 8  
SHELXD      .        ?               ?       ?                            ?                                    phasing           ? 
?          ? 9  
autoSHARP   .        ?               ?       ?                            ?                                    phasing           ? 
?          ? 10 
# 
_cell.entry_id           3G7P 
_cell.length_a           49.293 
_cell.length_b           49.293 
_cell.length_c           254.025 
_cell.angle_alpha        90.000 
_cell.angle_beta         90.000 
_cell.angle_gamma        120.000 
_cell.pdbx_unique_axis   ? 
_cell.Z_PDB              12 
_cell.length_a_esd       ? 
_cell.length_b_esd       ? 
_cell.length_c_esd       ? 
_cell.angle_alpha_esd    ? 
_cell.angle_beta_esd     ? 
_cell.angle_gamma_esd    ? 
# 
_symmetry.entry_id                         3G7P 
_symmetry.Int_Tables_number                178 
_symmetry.space_group_name_H-M             'P 61 2 2' 
_symmetry.pdbx_full_space_group_name_H-M   ? 
_symmetry.cell_setting                     ? 
_symmetry.space_group_name_Hall            ? 
# 
_exptl.crystals_number   1 
_exptl.method            'X-RAY DIFFRACTION' 
_exptl.entry_id          3G7P 
# 
_exptl_crystal.id                    1 
_exptl_crystal.density_Matthews      2.44 
_exptl_crystal.density_meas          ? 
_exptl_crystal.density_percent_sol   49.61 
_exptl_crystal.description           ? 
_exptl_crystal.F_000                 ? 
_exptl_crystal.preparation           ? 
# 
_exptl_crystal_grow.crystal_id      1 
_exptl_crystal_grow.method          'VAPOR DIFFUSION, SITTING DROP' 
_exptl_crystal_grow.pH              8.5 
_exptl_crystal_grow.temp            293 
_exptl_crystal_grow.pdbx_details    
'NANODROP, 0.20M Li2SO4, 30.0% PEG 4000, 0.1M Tris-HCl pH 8.5, VAPOR DIFFUSION, SITTING DROP, temperature 293K' 
_exptl_crystal_grow.temp_details    ? 
_exptl_crystal_grow.pdbx_pH_range   ? 
# 
_diffrn.id                     1 
_diffrn.ambient_temp           100 
_diffrn.ambient_temp_details   ? 
_diffrn.crystal_id             1 
# 
_diffrn_detector.diffrn_id              1 
_diffrn_detector.detector               CCD 
_diffrn_detector.type                   'MARMOSAIC 325 mm CCD' 
_diffrn_detector.details                'Flat collimating mirror, toroid focusing mirror' 
_diffrn_detector.pdbx_collection_date   2009-01-08 
# 
_diffrn_radiation.diffrn_id                        1 
_diffrn_radiation.pdbx_monochromatic_or_laue_m_l   M 
_diffrn_radiation.monochromator                    'Double crystal' 
_diffrn_radiation.pdbx_diffrn_protocol             MAD 
_diffrn_radiation.wavelength_id                    1 
_diffrn_radiation.pdbx_scattering_type             x-ray 
# 
loop_
_diffrn_radiation_wavelength.id 
_diffrn_radiation_wavelength.wavelength 
_diffrn_radiation_wavelength.wt 
1 0.91837 1.0 
2 0.97925 1.0 
# 
_diffrn_source.diffrn_id                   1 
_diffrn_source.source                      SYNCHROTRON 
_diffrn_source.pdbx_synchrotron_beamline   BL9-2 
_diffrn_source.type                        'SSRL BEAMLINE BL9-2' 
_diffrn_source.pdbx_wavelength_list        '0.91837, 0.97925' 
_diffrn_source.pdbx_wavelength             ? 
_diffrn_source.pdbx_synchrotron_site       SSRL 
# 
_reflns.entry_id                     3G7P 
_reflns.d_resolution_high            2.00 
_reflns.d_resolution_low             28.228 
_reflns.number_obs                   13459 
_reflns.pdbx_Rmerge_I_obs            0.131 
_reflns.pdbx_netI_over_sigmaI        4.831 
_reflns.pdbx_Rsym_value              0.131 
_reflns.pdbx_redundancy              4.400 
_reflns.percent_possible_obs         100.000 
_reflns.observed_criterion_sigma_F   ? 
_reflns.observed_criterion_sigma_I   ? 
_reflns.number_all                   ? 
_reflns.B_iso_Wilson_estimate        21.436 
_reflns.R_free_details               ? 
_reflns.limit_h_max                  ? 
_reflns.limit_h_min                  ? 
_reflns.limit_k_max                  ? 
_reflns.limit_k_min                  ? 
_reflns.limit_l_max                  ? 
_reflns.limit_l_min                  ? 
_reflns.observed_criterion_F_max     ? 
_reflns.observed_criterion_F_min     ? 
_reflns.pdbx_chi_squared             ? 
_reflns.pdbx_scaling_rejects         ? 
_reflns.pdbx_ordinal                 1 
_reflns.pdbx_diffrn_id               1 
# 
loop_
_reflns_shell.d_res_high 
_reflns_shell.d_res_low 
_reflns_shell.number_measured_obs 
_reflns_shell.number_measured_all 
_reflns_shell.number_unique_obs 
_reflns_shell.Rmerge_I_obs 
_reflns_shell.meanI_over_sigI_obs 
_reflns_shell.pdbx_Rsym_value 
_reflns_shell.pdbx_chi_squared 
_reflns_shell.pdbx_redundancy 
_reflns_shell.percent_possible_obs 
_reflns_shell.number_unique_all 
_reflns_shell.percent_possible_all 
_reflns_shell.pdbx_ordinal 
_reflns_shell.pdbx_diffrn_id 
2.00 2.05   ? 4343 ? 0.668 1.0  0.668 ? 4.50 ? 962 100.00 1  1 
2.05 2.11   ? 4302 ? 0.560 1.1  0.560 ? 4.70 ? 916 100.00 2  1 
2.11 2.17   ? 4180 ? 0.459 1.4  0.459 ? 4.60 ? 915 100.00 3  1 
2.17 2.24   ? 4091 ? 0.423 1.6  0.423 ? 4.60 ? 888 100.00 4  1 
2.24 2.31   ? 3976 ? 0.368 1.7  0.368 ? 4.60 ? 856 100.00 5  1 
2.31 2.39   ? 3698 ? 0.293 2.3  0.293 ? 4.50 ? 823 100.00 6  1 
2.39 2.48   ? 3731 ? 0.274 2.4  0.274 ? 4.50 ? 824 100.00 7  1 
2.48 2.58   ? 3559 ? 0.216 3.1  0.216 ? 4.60 ? 780 100.00 8  1 
2.58 2.70   ? 3423 ? 0.179 3.8  0.179 ? 4.60 ? 747 100.00 9  1 
2.70 2.83   ? 3268 ? 0.154 4.2  0.154 ? 4.50 ? 722 100.00 10 1 
2.83 2.98   ? 3125 ? 0.152 4.5  0.152 ? 4.50 ? 689 100.00 11 1 
2.98 3.16   ? 2967 ? 0.110 6.1  0.110 ? 4.40 ? 667 100.00 12 1 
3.16 3.38   ? 2703 ? 0.092 7.0  0.092 ? 4.40 ? 611 100.00 13 1 
3.38 3.65   ? 2605 ? 0.076 8.6  0.076 ? 4.40 ? 593 100.00 14 1 
3.65 4.00   ? 2364 ? 0.068 9.5  0.068 ? 4.30 ? 547 100.00 15 1 
4.00 4.47   ? 2214 ? 0.058 11.2 0.058 ? 4.20 ? 522 100.00 16 1 
4.47 5.16   ? 1809 ? 0.054 12.3 0.054 ? 4.10 ? 444 100.00 17 1 
5.16 6.32   ? 1618 ? 0.062 10.5 0.062 ? 3.90 ? 410 100.00 18 1 
6.32 8.94   ? 1192 ? 0.060 10.1 0.060 ? 3.60 ? 327 100.00 19 1 
8.94 28.228 ? 645  ? 0.044 10.8 0.044 ? 3.00 ? 216 97.00  20 1 
# 
_refine.entry_id                                 3G7P 
_refine.ls_d_res_high                            2.000 
_refine.ls_d_res_low                             28.228 
_refine.pdbx_ls_sigma_F                          0.00 
_refine.pdbx_data_cutoff_high_absF               ? 
_refine.pdbx_data_cutoff_low_absF                ? 
_refine.ls_percent_reflns_obs                    99.950 
_refine.ls_number_reflns_obs                     13359 
_refine.ls_number_reflns_all                     ? 
_refine.pdbx_ls_cross_valid_method               THROUGHOUT 
_refine.pdbx_R_Free_selection_details            RANDOM 
_refine.details                                  
;1. HYDROGENS HAVE BEEN ADDED IN THE RIDING POSITIONS. 2. ATOM RECORD CONTAINS RESIDUAL B FACTORS ONLY. 3. A MET-INHIBITION PROTOCOL WAS USED FOR SELENOMETHIONINE INCORPORATION DURING PROTEIN EXPRESSION. THE OCCUPANCY OF THE SE ATOMS IN THE MSE RESIDUES WAS REDUCED TO 0.75 TO ACCOUNT FOR THE REDUCED SCATTERING POWER DUE TO PARTIAL S-MET INCORPORATION. 4. ETHYLENE GLYCOL (EDO), A CRYOPROTECTANT WAS MODELED INTO THE STRUCTURE. 5. SULFATE MOLECULES (SO4), AND POLYETHYLENE GLYCOL (PG6) FROM THE CRYSTALLIZATION SOLUTION WERE MODELED INTO THE STRUCTURE.
;
_refine.ls_R_factor_all                          ? 
_refine.ls_R_factor_obs                          0.206 
_refine.ls_R_factor_R_work                       0.204 
_refine.ls_wR_factor_R_work                      ? 
_refine.ls_R_factor_R_free                       0.249 
_refine.ls_wR_factor_R_free                      ? 
_refine.ls_percent_reflns_R_free                 4.900 
_refine.ls_number_reflns_R_free                  659 
_refine.ls_R_factor_R_free_error                 ? 
_refine.B_iso_mean                               40.886 
_refine.solvent_model_param_bsol                 ? 
_refine.solvent_model_param_ksol                 ? 
_refine.pdbx_isotropic_thermal_model             ? 
_refine.aniso_B[1][1]                            0.370 
_refine.aniso_B[2][2]                            0.370 
_refine.aniso_B[3][3]                            -0.560 
_refine.aniso_B[1][2]                            0.190 
_refine.aniso_B[1][3]                            0.000 
_refine.aniso_B[2][3]                            0.000 
_refine.correlation_coeff_Fo_to_Fc               0.942 
_refine.correlation_coeff_Fo_to_Fc_free          0.913 
_refine.overall_SU_R_Cruickshank_DPI             ? 
_refine.overall_SU_R_free                        ? 
_refine.pdbx_overall_ESU_R                       0.175 
_refine.pdbx_overall_ESU_R_Free                  0.163 
_refine.overall_SU_ML                            0.116 
_refine.overall_SU_B                             8.141 
_refine.solvent_model_details                    'BABINET MODEL WITH MASK' 
_refine.pdbx_solvent_vdw_probe_radii             1.200 
_refine.pdbx_solvent_ion_probe_radii             0.800 
_refine.pdbx_solvent_shrinkage_radii             0.800 
_refine.ls_number_parameters                     ? 
_refine.ls_number_restraints                     ? 
_refine.pdbx_method_to_determine_struct          MAD 
_refine.pdbx_stereochemistry_target_values       'MAXIMUM LIKELIHOOD WITH PHASES' 
_refine.pdbx_stereochem_target_val_spec_case     ? 
_refine.overall_FOM_work_R_set                   ? 
_refine.B_iso_max                                78.62 
_refine.B_iso_min                                20.41 
_refine.occupancy_max                            1.00 
_refine.occupancy_min                            0.50 
_refine.pdbx_ls_sigma_I                          ? 
_refine.ls_redundancy_reflns_obs                 ? 
_refine.ls_R_factor_R_free_error_details         ? 
_refine.pdbx_starting_model                      ? 
_refine.pdbx_data_cutoff_high_rms_absF           ? 
_refine.overall_FOM_free_R_set                   ? 
_refine.pdbx_overall_phase_error                 ? 
_refine.pdbx_refine_id                           'X-RAY DIFFRACTION' 
_refine.pdbx_TLS_residual_ADP_flag               'LIKELY RESIDUAL' 
_refine.pdbx_diffrn_id                           1 
_refine.pdbx_overall_SU_R_free_Cruickshank_DPI   ? 
_refine.pdbx_overall_SU_R_Blow_DPI               ? 
_refine.pdbx_overall_SU_R_free_Blow_DPI          ? 
# 
_refine_hist.pdbx_refine_id                   'X-RAY DIFFRACTION' 
_refine_hist.cycle_id                         LAST 
_refine_hist.pdbx_number_atoms_protein        1156 
_refine_hist.pdbx_number_atoms_nucleic_acid   0 
_refine_hist.pdbx_number_atoms_ligand         41 
_refine_hist.number_atoms_solvent             105 
_refine_hist.number_atoms_total               1302 
_refine_hist.d_res_high                       2.000 
_refine_hist.d_res_low                        28.228 
# 
loop_
_refine_ls_restr.type 
_refine_ls_restr.pdbx_refine_id 
_refine_ls_restr.number 
_refine_ls_restr.dev_ideal 
_refine_ls_restr.dev_ideal_target 
_refine_ls_restr.weight 
_refine_ls_restr.pdbx_restraint_function 
r_bond_refined_d         'X-RAY DIFFRACTION' 1230 0.013  0.022  ? ? 
r_bond_other_d           'X-RAY DIFFRACTION' 877  0.004  0.020  ? ? 
r_angle_refined_deg      'X-RAY DIFFRACTION' 1652 1.548  2.004  ? ? 
r_angle_other_deg        'X-RAY DIFFRACTION' 2122 0.890  3.000  ? ? 
r_dihedral_angle_1_deg   'X-RAY DIFFRACTION' 146  4.246  5.000  ? ? 
r_dihedral_angle_2_deg   'X-RAY DIFFRACTION' 55   28.113 23.091 ? ? 
r_dihedral_angle_3_deg   'X-RAY DIFFRACTION' 215  12.476 15.000 ? ? 
r_dihedral_angle_4_deg   'X-RAY DIFFRACTION' 11   10.942 15.000 ? ? 
r_chiral_restr           'X-RAY DIFFRACTION' 172  0.083  0.200  ? ? 
r_gen_planes_refined     'X-RAY DIFFRACTION' 1316 0.004  0.020  ? ? 
r_gen_planes_other       'X-RAY DIFFRACTION' 252  0.001  0.020  ? ? 
r_nbd_refined            'X-RAY DIFFRACTION' 250  0.228  0.300  ? ? 
r_nbd_other              'X-RAY DIFFRACTION' 886  0.196  0.300  ? ? 
r_nbtor_refined          'X-RAY DIFFRACTION' 596  0.187  0.500  ? ? 
r_nbtor_other            'X-RAY DIFFRACTION' 598  0.094  0.500  ? ? 
r_xyhbond_nbd_refined    'X-RAY DIFFRACTION' 121  0.206  0.500  ? ? 
r_symmetry_vdw_refined   'X-RAY DIFFRACTION' 17   0.170  0.300  ? ? 
r_symmetry_vdw_other     'X-RAY DIFFRACTION' 52   0.216  0.300  ? ? 
r_symmetry_hbond_refined 'X-RAY DIFFRACTION' 10   0.256  0.500  ? ? 
r_mcbond_it              'X-RAY DIFFRACTION' 779  1.549  2.000  ? ? 
r_mcbond_other           'X-RAY DIFFRACTION' 292  0.231  2.000  ? ? 
r_mcangle_it             'X-RAY DIFFRACTION' 1167 2.034  4.000  ? ? 
r_scbond_it              'X-RAY DIFFRACTION' 555  4.424  6.000  ? ? 
r_scangle_it             'X-RAY DIFFRACTION' 484  5.146  8.000  ? ? 
# 
_refine_ls_shell.d_res_high                       2.000 
_refine_ls_shell.d_res_low                        2.052 
_refine_ls_shell.pdbx_total_number_of_bins_used   20 
_refine_ls_shell.percent_reflns_obs               100.000 
_refine_ls_shell.number_reflns_R_work             910 
_refine_ls_shell.R_factor_all                     ? 
_refine_ls_shell.R_factor_R_work                  0.244 
_refine_ls_shell.R_factor_R_free                  0.280 
_refine_ls_shell.percent_reflns_R_free            ? 
_refine_ls_shell.number_reflns_R_free             48 
_refine_ls_shell.R_factor_R_free_error            ? 
_refine_ls_shell.number_reflns_all                958 
_refine_ls_shell.number_reflns_obs                ? 
_refine_ls_shell.redundancy_reflns_obs            ? 
_refine_ls_shell.pdbx_refine_id                   'X-RAY DIFFRACTION' 
# 
_struct.entry_id                  3G7P 
_struct.title                     
;Crystal structure of a nifx-associated protein of unknown function (afe_1514) from acidithiobacillus ferrooxidans atcc at 2.00 A resolution
;
_struct.pdbx_model_details        ? 
_struct.pdbx_CASP_flag            ? 
_struct.pdbx_model_type_details   ? 
# 
_struct_keywords.text            
;Duf 269 family protein, structural genomics, Joint Center for Structural Genomics, JCSG, Protein Structure Initiative, PSI-2, unknown function
;
_struct_keywords.pdbx_keywords   'UNKNOWN FUNCTION' 
_struct_keywords.entry_id        3G7P 
# 
loop_
_struct_asym.id 
_struct_asym.pdbx_blank_PDB_chainid_flag 
_struct_asym.pdbx_modified 
_struct_asym.entity_id 
_struct_asym.details 
A N N 1 ? 
B N N 2 ? 
C N N 2 ? 
D N N 2 ? 
E N N 3 ? 
F N N 3 ? 
G N N 4 ? 
H N N 5 ? 
# 
_struct_ref.id                         1 
_struct_ref.db_name                    UNP 
_struct_ref.db_code                    B5ER68_ACIF5 
_struct_ref.pdbx_db_accession          B5ER68 
_struct_ref.entity_id                  1 
_struct_ref.pdbx_seq_one_letter_code   
;MPENTAMAALLPEESLFFRELVKQWRAQDSYGTWEKKSDMELLAPYVLDKEQRRAIPIIGDPDPEILWRVELFYNAVGLA
TERASGVMVSPMMKMSHEGFGRMVLIAGRLIVVNKQLRDVHRFGFPSMEKLAEEGDKLVAGALEMIEKFPEVARF
;
_struct_ref.pdbx_align_begin           1 
_struct_ref.pdbx_db_isoform            ? 
# 
_struct_ref_seq.align_id                      1 
_struct_ref_seq.ref_id                        1 
_struct_ref_seq.pdbx_PDB_id_code              3G7P 
_struct_ref_seq.pdbx_strand_id                A 
_struct_ref_seq.seq_align_beg                 2 
_struct_ref_seq.pdbx_seq_align_beg_ins_code   ? 
_struct_ref_seq.seq_align_end                 156 
_struct_ref_seq.pdbx_seq_align_end_ins_code   ? 
_struct_ref_seq.pdbx_db_accession             B5ER68 
_struct_ref_seq.db_align_beg                  1 
_struct_ref_seq.pdbx_db_align_beg_ins_code    ? 
_struct_ref_seq.db_align_end                  155 
_struct_ref_seq.pdbx_db_align_end_ins_code    ? 
_struct_ref_seq.pdbx_auth_seq_align_beg       1 
_struct_ref_seq.pdbx_auth_seq_align_end       155 
# 
_struct_ref_seq_dif.align_id                     1 
_struct_ref_seq_dif.pdbx_pdb_id_code             3G7P 
_struct_ref_seq_dif.mon_id                       GLY 
_struct_ref_seq_dif.pdbx_pdb_strand_id           A 
_struct_ref_seq_dif.seq_num                      1 
_struct_ref_seq_dif.pdbx_pdb_ins_code            ? 
_struct_ref_seq_dif.pdbx_seq_db_name             UNP 
_struct_ref_seq_dif.pdbx_seq_db_accession_code   B5ER68 
_struct_ref_seq_dif.db_mon_id                    ? 
_struct_ref_seq_dif.pdbx_seq_db_seq_num          ? 
_struct_ref_seq_dif.details                      'expression tag' 
_struct_ref_seq_dif.pdbx_auth_seq_num            0 
_struct_ref_seq_dif.pdbx_ordinal                 1 
# 
_pdbx_struct_assembly.id                   1 
_pdbx_struct_assembly.details              software_defined_assembly 
_pdbx_struct_assembly.method_details       PISA 
_pdbx_struct_assembly.oligomeric_details   dimeric 
_pdbx_struct_assembly.oligomeric_count     2 
# 
loop_
_pdbx_struct_assembly_prop.biol_id 
_pdbx_struct_assembly_prop.type 
_pdbx_struct_assembly_prop.value 
_pdbx_struct_assembly_prop.details 
1 'ABSA (A^2)' 1700  ? 
1 MORE         -12.3 ? 
1 'SSA (A^2)'  15200 ? 
# 
_pdbx_struct_assembly_gen.assembly_id       1 
_pdbx_struct_assembly_gen.oper_expression   1,2 
_pdbx_struct_assembly_gen.asym_id_list      A,B,C,D,E,F,G,H 
# 
loop_
_pdbx_struct_oper_list.id 
_pdbx_struct_oper_list.type 
_pdbx_struct_oper_list.name 
_pdbx_struct_oper_list.symmetry_operation 
_pdbx_struct_oper_list.matrix[1][1] 
_pdbx_struct_oper_list.matrix[1][2] 
_pdbx_struct_oper_list.matrix[1][3] 
_pdbx_struct_oper_list.vector[1] 
_pdbx_struct_oper_list.matrix[2][1] 
_pdbx_struct_oper_list.matrix[2][2] 
_pdbx_struct_oper_list.matrix[2][3] 
_pdbx_struct_oper_list.vector[2] 
_pdbx_struct_oper_list.matrix[3][1] 
_pdbx_struct_oper_list.matrix[3][2] 
_pdbx_struct_oper_list.matrix[3][3] 
_pdbx_struct_oper_list.vector[3] 
1 'identity operation'         1_555  x,y,z        1.0000000000  0.0000000000  0.0000000000 0.0000000000   0.0000000000  1.0000000000  0.0000000000  0.0000000000 0.0000000000 0.0000000000  1.0000000000 0.0000000000  
2 'crystal symmetry operation' 10_554 -y,-x,-z-1/6 -0.5961426826 -0.4049426131 0.6932787189 -26.8443497719 -0.4049426131 -0.5939691748 -0.6951417838 0.3754276554 0.6932787189 -0.6951417838 0.1901118573 15.8569900414 
# 
_struct_biol.id        1 
_struct_biol.details   ? 
# 
loop_
_struct_conf.conf_type_id 
_struct_conf.id 
_struct_conf.pdbx_PDB_helix_id 
_struct_conf.beg_label_comp_id 
_struct_conf.beg_label_asym_id 
_struct_conf.beg_label_seq_id 
_struct_conf.pdbx_beg_PDB_ins_code 
_struct_conf.end_label_comp_id 
_struct_conf.end_label_asym_id 
_struct_conf.end_label_seq_id 
_struct_conf.pdbx_end_PDB_ins_code 
_struct_conf.beg_auth_comp_id 
_struct_conf.beg_auth_asym_id 
_struct_conf.beg_auth_seq_id 
_struct_conf.end_auth_comp_id 
_struct_conf.end_auth_asym_id 
_struct_conf.end_auth_seq_id 
_struct_conf.pdbx_PDB_helix_class 
_struct_conf.details 
_struct_conf.pdbx_PDB_helix_length 
HELX_P HELX_P1 1 LEU A 12  ? GLU A 15  ? LEU A 11  GLU A 14  5 ? 4  
HELX_P HELX_P2 2 SER A 16  ? ASP A 30  ? SER A 15  ASP A 29  1 ? 15 
HELX_P HELX_P3 3 SER A 39  ? ALA A 45  ? SER A 38  ALA A 44  1 ? 7  
HELX_P HELX_P4 4 PRO A 46  ? VAL A 48  ? PRO A 45  VAL A 47  5 ? 3  
HELX_P HELX_P5 5 ASP A 50  ? ILE A 57  ? ASP A 49  ILE A 56  1 ? 8  
HELX_P HELX_P6 6 ASP A 64  ? GLY A 87  ? ASP A 63  GLY A 86  1 ? 24 
HELX_P HELX_P7 7 ASP A 120 ? PHE A 124 ? ASP A 119 PHE A 123 5 ? 5  
HELX_P HELX_P8 8 SER A 128 ? PHE A 150 ? SER A 127 PHE A 149 1 ? 23 
HELX_P HELX_P9 9 PHE A 150 ? ARG A 155 ? PHE A 149 ARG A 154 1 ? 6  
# 
_struct_conf_type.id          HELX_P 
_struct_conf_type.criteria    ? 
_struct_conf_type.reference   ? 
# 
loop_
_struct_conn.id 
_struct_conn.conn_type_id 
_struct_conn.pdbx_leaving_atom_flag 
_struct_conn.pdbx_PDB_id 
_struct_conn.ptnr1_label_asym_id 
_struct_conn.ptnr1_label_comp_id 
_struct_conn.ptnr1_label_seq_id 
_struct_conn.ptnr1_label_atom_id 
_struct_conn.pdbx_ptnr1_label_alt_id 
_struct_conn.pdbx_ptnr1_PDB_ins_code 
_struct_conn.pdbx_ptnr1_standard_comp_id 
_struct_conn.ptnr1_symmetry 
_struct_conn.ptnr2_label_asym_id 
_struct_conn.ptnr2_label_comp_id 
_struct_conn.ptnr2_label_seq_id 
_struct_conn.ptnr2_label_atom_id 
_struct_conn.pdbx_ptnr2_label_alt_id 
_struct_conn.pdbx_ptnr2_PDB_ins_code 
_struct_conn.ptnr1_auth_asym_id 
_struct_conn.ptnr1_auth_comp_id 
_struct_conn.ptnr1_auth_seq_id 
_struct_conn.ptnr2_auth_asym_id 
_struct_conn.ptnr2_auth_comp_id 
_struct_conn.ptnr2_auth_seq_id 
_struct_conn.ptnr2_symmetry 
_struct_conn.pdbx_ptnr3_label_atom_id 
_struct_conn.pdbx_ptnr3_label_seq_id 
_struct_conn.pdbx_ptnr3_label_comp_id 
_struct_conn.pdbx_ptnr3_label_asym_id 
_struct_conn.pdbx_ptnr3_label_alt_id 
_struct_conn.pdbx_ptnr3_PDB_ins_code 
_struct_conn.details 
_struct_conn.pdbx_dist_value 
_struct_conn.pdbx_value_order 
_struct_conn.pdbx_role 
covale1  covale both ? A ASP 40  C ? ? ? 1_555 A MSE 41  N ? ? A ASP 39  A MSE 40  1_555 ? ? ? ? ? ? ? 1.316 ? ? 
covale2  covale both ? A MSE 41  C ? ? ? 1_555 A GLU 42  N ? ? A MSE 40  A GLU 41  1_555 ? ? ? ? ? ? ? 1.324 ? ? 
covale3  covale both ? A VAL 88  C ? ? ? 1_555 A MSE 89  N ? ? A VAL 87  A MSE 88  1_555 ? ? ? ? ? ? ? 1.322 ? ? 
covale4  covale both ? A MSE 89  C ? ? ? 1_555 A VAL 90  N ? ? A MSE 88  A VAL 89  1_555 ? ? ? ? ? ? ? 1.327 ? ? 
covale5  covale both ? A PRO 92  C ? ? ? 1_555 A MSE 93  N ? ? A PRO 91  A MSE 92  1_555 ? ? ? ? ? ? ? 1.321 ? ? 
covale6  covale both ? A MSE 93  C ? ? ? 1_555 A MSE 94  N ? ? A MSE 92  A MSE 93  1_555 ? ? ? ? ? ? ? 1.335 ? ? 
covale7  covale both ? A MSE 94  C ? ? ? 1_555 A LYS 95  N ? ? A MSE 93  A LYS 94  1_555 ? ? ? ? ? ? ? 1.322 ? ? 
covale8  covale both ? A LYS 95  C ? ? ? 1_555 A MSE 96  N ? ? A LYS 94  A MSE 95  1_555 ? ? ? ? ? ? ? 1.330 ? ? 
covale9  covale both ? A MSE 96  C ? ? ? 1_555 A SER 97  N ? ? A MSE 95  A SER 96  1_555 ? ? ? ? ? ? ? 1.324 ? ? 
covale10 covale both ? A ARG 103 C ? ? ? 1_555 A MSE 104 N ? ? A ARG 102 A MSE 103 1_555 ? ? ? ? ? ? ? 1.332 ? ? 
covale11 covale both ? A MSE 104 C ? ? ? 1_555 A VAL 105 N ? ? A MSE 103 A VAL 104 1_555 ? ? ? ? ? ? ? 1.321 ? ? 
covale12 covale both ? A SER 128 C ? ? ? 1_555 A MSE 129 N ? ? A SER 127 A MSE 128 1_555 ? ? ? ? ? ? ? 1.331 ? ? 
covale13 covale both ? A MSE 129 C ? ? ? 1_555 A GLU 130 N ? ? A MSE 128 A GLU 129 1_555 ? ? ? ? ? ? ? 1.334 ? ? 
covale14 covale both ? A GLU 145 C ? ? ? 1_555 A MSE 146 N ? ? A GLU 144 A MSE 145 1_555 ? ? ? ? ? ? ? 1.332 ? ? 
covale15 covale both ? A MSE 146 C ? ? ? 1_555 A ILE 147 N ? ? A MSE 145 A ILE 146 1_555 ? ? ? ? ? ? ? 1.332 ? ? 
# 
_struct_conn_type.id          covale 
_struct_conn_type.criteria    ? 
_struct_conn_type.reference   ? 
# 
loop_
_pdbx_modification_feature.ordinal 
_pdbx_modification_feature.label_comp_id 
_pdbx_modification_feature.label_asym_id 
_pdbx_modification_feature.label_seq_id 
_pdbx_modification_feature.label_alt_id 
_pdbx_modification_feature.modified_residue_label_comp_id 
_pdbx_modification_feature.modified_residue_label_asym_id 
_pdbx_modification_feature.modified_residue_label_seq_id 
_pdbx_modification_feature.modified_residue_label_alt_id 
_pdbx_modification_feature.auth_comp_id 
_pdbx_modification_feature.auth_asym_id 
_pdbx_modification_feature.auth_seq_id 
_pdbx_modification_feature.PDB_ins_code 
_pdbx_modification_feature.symmetry 
_pdbx_modification_feature.modified_residue_auth_comp_id 
_pdbx_modification_feature.modified_residue_auth_asym_id 
_pdbx_modification_feature.modified_residue_auth_seq_id 
_pdbx_modification_feature.modified_residue_PDB_ins_code 
_pdbx_modification_feature.modified_residue_symmetry 
_pdbx_modification_feature.comp_id_linking_atom 
_pdbx_modification_feature.modified_residue_id_linking_atom 
_pdbx_modification_feature.modified_residue_id 
_pdbx_modification_feature.ref_pcm_id 
_pdbx_modification_feature.ref_comp_id 
_pdbx_modification_feature.type 
_pdbx_modification_feature.category 
1 MSE A 41  ? . . . . MSE A 40  ? 1_555 . . . . . . . MET 1 MSE Selenomethionine 'Named protein modification' 
2 MSE A 89  ? . . . . MSE A 88  ? 1_555 . . . . . . . MET 1 MSE Selenomethionine 'Named protein modification' 
3 MSE A 93  ? . . . . MSE A 92  ? 1_555 . . . . . . . MET 1 MSE Selenomethionine 'Named protein modification' 
4 MSE A 94  ? . . . . MSE A 93  ? 1_555 . . . . . . . MET 1 MSE Selenomethionine 'Named protein modification' 
5 MSE A 96  ? . . . . MSE A 95  ? 1_555 . . . . . . . MET 1 MSE Selenomethionine 'Named protein modification' 
6 MSE A 104 ? . . . . MSE A 103 ? 1_555 . . . . . . . MET 1 MSE Selenomethionine 'Named protein modification' 
7 MSE A 129 ? . . . . MSE A 128 ? 1_555 . . . . . . . MET 1 MSE Selenomethionine 'Named protein modification' 
8 MSE A 146 ? . . . . MSE A 145 ? 1_555 . . . . . . . MET 1 MSE Selenomethionine 'Named protein modification' 
# 
_struct_sheet.id               A 
_struct_sheet.type             ? 
_struct_sheet.number_strands   3 
_struct_sheet.details          ? 
# 
loop_
_struct_sheet_order.sheet_id 
_struct_sheet_order.range_id_1 
_struct_sheet_order.range_id_2 
_struct_sheet_order.offset 
_struct_sheet_order.sense 
A 1 2 ? anti-parallel 
A 2 3 ? anti-parallel 
# 
loop_
_struct_sheet_range.sheet_id 
_struct_sheet_range.id 
_struct_sheet_range.beg_label_comp_id 
_struct_sheet_range.beg_label_asym_id 
_struct_sheet_range.beg_label_seq_id 
_struct_sheet_range.pdbx_beg_PDB_ins_code 
_struct_sheet_range.end_label_comp_id 
_struct_sheet_range.end_label_asym_id 
_struct_sheet_range.end_label_seq_id 
_struct_sheet_range.pdbx_end_PDB_ins_code 
_struct_sheet_range.beg_auth_comp_id 
_struct_sheet_range.beg_auth_asym_id 
_struct_sheet_range.beg_auth_seq_id 
_struct_sheet_range.end_auth_comp_id 
_struct_sheet_range.end_auth_asym_id 
_struct_sheet_range.end_auth_seq_id 
A 1 SER A 91  ? MSE A 96  ? SER A 90  MSE A 95  
A 2 GLY A 102 ? ALA A 108 ? GLY A 101 ALA A 107 
A 3 LEU A 111 ? LEU A 118 ? LEU A 110 LEU A 117 
# 
loop_
_pdbx_struct_sheet_hbond.sheet_id 
_pdbx_struct_sheet_hbond.range_id_1 
_pdbx_struct_sheet_hbond.range_id_2 
_pdbx_struct_sheet_hbond.range_1_label_atom_id 
_pdbx_struct_sheet_hbond.range_1_label_comp_id 
_pdbx_struct_sheet_hbond.range_1_label_asym_id 
_pdbx_struct_sheet_hbond.range_1_label_seq_id 
_pdbx_struct_sheet_hbond.range_1_PDB_ins_code 
_pdbx_struct_sheet_hbond.range_1_auth_atom_id 
_pdbx_struct_sheet_hbond.range_1_auth_comp_id 
_pdbx_struct_sheet_hbond.range_1_auth_asym_id 
_pdbx_struct_sheet_hbond.range_1_auth_seq_id 
_pdbx_struct_sheet_hbond.range_2_label_atom_id 
_pdbx_struct_sheet_hbond.range_2_label_comp_id 
_pdbx_struct_sheet_hbond.range_2_label_asym_id 
_pdbx_struct_sheet_hbond.range_2_label_seq_id 
_pdbx_struct_sheet_hbond.range_2_PDB_ins_code 
_pdbx_struct_sheet_hbond.range_2_auth_atom_id 
_pdbx_struct_sheet_hbond.range_2_auth_comp_id 
_pdbx_struct_sheet_hbond.range_2_auth_asym_id 
_pdbx_struct_sheet_hbond.range_2_auth_seq_id 
A 1 2 N LYS A 95  ? N LYS A 94  O ARG A 103 ? O ARG A 102 
A 2 3 N ALA A 108 ? N ALA A 107 O LEU A 111 ? O LEU A 110 
# 
loop_
_struct_site.id 
_struct_site.pdbx_evidence_code 
_struct_site.pdbx_auth_asym_id 
_struct_site.pdbx_auth_comp_id 
_struct_site.pdbx_auth_seq_id 
_struct_site.pdbx_auth_ins_code 
_struct_site.pdbx_num_residues 
_struct_site.details 
AC1 Software A SO4 156 ? 6 'BINDING SITE FOR RESIDUE SO4 A 156' 
AC2 Software A SO4 157 ? 5 'BINDING SITE FOR RESIDUE SO4 A 157' 
AC3 Software A SO4 158 ? 2 'BINDING SITE FOR RESIDUE SO4 A 158' 
AC4 Software A EDO 159 ? 2 'BINDING SITE FOR RESIDUE EDO A 159' 
AC5 Software A EDO 160 ? 1 'BINDING SITE FOR RESIDUE EDO A 160' 
AC6 Software A PG6 161 ? 6 'BINDING SITE FOR RESIDUE PG6 A 161' 
# 
loop_
_struct_site_gen.id 
_struct_site_gen.site_id 
_struct_site_gen.pdbx_num_res 
_struct_site_gen.label_comp_id 
_struct_site_gen.label_asym_id 
_struct_site_gen.label_seq_id 
_struct_site_gen.pdbx_auth_ins_code 
_struct_site_gen.auth_comp_id 
_struct_site_gen.auth_asym_id 
_struct_site_gen.auth_seq_id 
_struct_site_gen.label_atom_id 
_struct_site_gen.label_alt_id 
_struct_site_gen.symmetry 
_struct_site_gen.details 
1  AC1 6 LYS A 51  ? LYS A 50  . ? 1_555  ? 
2  AC1 6 ARG A 54  ? ARG A 53  . ? 1_555  ? 
3  AC1 6 ARG A 55  ? ARG A 54  . ? 1_555  ? 
4  AC1 6 PRO A 127 ? PRO A 126 . ? 1_555  ? 
5  AC1 6 HOH H .   ? HOH A 205 . ? 1_555  ? 
6  AC1 6 HOH H .   ? HOH A 222 . ? 1_555  ? 
7  AC2 5 ASP A 50  ? ASP A 49  . ? 1_555  ? 
8  AC2 5 LYS A 51  ? LYS A 50  . ? 1_555  ? 
9  AC2 5 ARG A 84  ? ARG A 83  . ? 8_665  ? 
10 AC2 5 HOH H .   ? HOH A 205 . ? 1_555  ? 
11 AC2 5 HOH H .   ? HOH A 212 . ? 1_555  ? 
12 AC3 2 ARG A 110 ? ARG A 109 . ? 1_555  ? 
13 AC3 2 ASN A 115 ? ASN A 114 . ? 10_554 ? 
14 AC4 2 PHE A 124 ? PHE A 123 . ? 1_555  ? 
15 AC4 2 GLY A 125 ? GLY A 124 . ? 1_555  ? 
16 AC5 1 TRP A 69  ? TRP A 68  . ? 1_555  ? 
17 AC6 6 GLN A 29  ? GLN A 28  . ? 8_555  ? 
18 AC6 6 TYR A 32  ? TYR A 31  . ? 1_555  ? 
19 AC6 6 TRP A 35  ? TRP A 34  . ? 8_555  ? 
20 AC6 6 GLU A 66  ? GLU A 65  . ? 8_555  ? 
21 AC6 6 TRP A 69  ? TRP A 68  . ? 8_555  ? 
22 AC6 6 HOH H .   ? HOH A 224 . ? 1_555  ? 
# 
_pdbx_entry_details.entry_id                   3G7P 
_pdbx_entry_details.sequence_details           
;THE CONSTRUCT WAS EXPRESSED WITH A PURIFICATION TAG
MGSDKIHHHHHHENLYFQG. THE TAG WAS REMOVED WITH TEV PROTEASE
LEAVING ONLY A GLYCINE (0) FOLLOWED BY THE TARGET SEQUENCE.
THE CLONED CONSTRUCT CONTAINS RESIDUES 22-363 OF THE FULL
LENGTH PROTEIN.
;
_pdbx_entry_details.compound_details           ? 
_pdbx_entry_details.source_details             ? 
_pdbx_entry_details.nonpolymer_details         ? 
_pdbx_entry_details.has_ligand_of_interest     ? 
_pdbx_entry_details.has_protein_modification   Y 
# 
_pdbx_validate_symm_contact.id                1 
_pdbx_validate_symm_contact.PDB_model_num     1 
_pdbx_validate_symm_contact.auth_atom_id_1    O 
_pdbx_validate_symm_contact.auth_asym_id_1    A 
_pdbx_validate_symm_contact.auth_comp_id_1    HOH 
_pdbx_validate_symm_contact.auth_seq_id_1     186 
_pdbx_validate_symm_contact.PDB_ins_code_1    ? 
_pdbx_validate_symm_contact.label_alt_id_1    ? 
_pdbx_validate_symm_contact.site_symmetry_1   1_555 
_pdbx_validate_symm_contact.auth_atom_id_2    O 
_pdbx_validate_symm_contact.auth_asym_id_2    A 
_pdbx_validate_symm_contact.auth_comp_id_2    HOH 
_pdbx_validate_symm_contact.auth_seq_id_2     186 
_pdbx_validate_symm_contact.PDB_ins_code_2    ? 
_pdbx_validate_symm_contact.label_alt_id_2    ? 
_pdbx_validate_symm_contact.site_symmetry_2   10_554 
_pdbx_validate_symm_contact.dist              2.17 
# 
_pdbx_validate_rmsd_angle.id                         1 
_pdbx_validate_rmsd_angle.PDB_model_num              1 
_pdbx_validate_rmsd_angle.auth_atom_id_1             CG 
_pdbx_validate_rmsd_angle.auth_asym_id_1             A 
_pdbx_validate_rmsd_angle.auth_comp_id_1             MSE 
_pdbx_validate_rmsd_angle.auth_seq_id_1              40 
_pdbx_validate_rmsd_angle.PDB_ins_code_1             ? 
_pdbx_validate_rmsd_angle.label_alt_id_1             ? 
_pdbx_validate_rmsd_angle.auth_atom_id_2             SE 
_pdbx_validate_rmsd_angle.auth_asym_id_2             A 
_pdbx_validate_rmsd_angle.auth_comp_id_2             MSE 
_pdbx_validate_rmsd_angle.auth_seq_id_2              40 
_pdbx_validate_rmsd_angle.PDB_ins_code_2             ? 
_pdbx_validate_rmsd_angle.label_alt_id_2             ? 
_pdbx_validate_rmsd_angle.auth_atom_id_3             CE 
_pdbx_validate_rmsd_angle.auth_asym_id_3             A 
_pdbx_validate_rmsd_angle.auth_comp_id_3             MSE 
_pdbx_validate_rmsd_angle.auth_seq_id_3              40 
_pdbx_validate_rmsd_angle.PDB_ins_code_3             ? 
_pdbx_validate_rmsd_angle.label_alt_id_3             ? 
_pdbx_validate_rmsd_angle.angle_value                71.37 
_pdbx_validate_rmsd_angle.angle_target_value         98.90 
_pdbx_validate_rmsd_angle.angle_deviation            -27.53 
_pdbx_validate_rmsd_angle.angle_standard_deviation   2.20 
_pdbx_validate_rmsd_angle.linker_flag                N 
# 
loop_
_pdbx_validate_torsion.id 
_pdbx_validate_torsion.PDB_model_num 
_pdbx_validate_torsion.auth_comp_id 
_pdbx_validate_torsion.auth_asym_id 
_pdbx_validate_torsion.auth_seq_id 
_pdbx_validate_torsion.PDB_ins_code 
_pdbx_validate_torsion.label_alt_id 
_pdbx_validate_torsion.phi 
_pdbx_validate_torsion.psi 
1 1 SER A 96 ? ? -104.56 -153.23 
2 1 GLU A 98 ? ? -122.88 -104.74 
# 
_pdbx_SG_project.project_name          'PSI, Protein Structure Initiative' 
_pdbx_SG_project.full_name_of_center   'Joint Center for Structural Genomics' 
_pdbx_SG_project.id                    1 
_pdbx_SG_project.initial_of_center     JCSG 
# 
loop_
_pdbx_struct_mod_residue.id 
_pdbx_struct_mod_residue.label_asym_id 
_pdbx_struct_mod_residue.label_comp_id 
_pdbx_struct_mod_residue.label_seq_id 
_pdbx_struct_mod_residue.auth_asym_id 
_pdbx_struct_mod_residue.auth_comp_id 
_pdbx_struct_mod_residue.auth_seq_id 
_pdbx_struct_mod_residue.PDB_ins_code 
_pdbx_struct_mod_residue.parent_comp_id 
_pdbx_struct_mod_residue.details 
1 A MSE 41  A MSE 40  ? MET SELENOMETHIONINE 
2 A MSE 89  A MSE 88  ? MET SELENOMETHIONINE 
3 A MSE 93  A MSE 92  ? MET SELENOMETHIONINE 
4 A MSE 94  A MSE 93  ? MET SELENOMETHIONINE 
5 A MSE 96  A MSE 95  ? MET SELENOMETHIONINE 
6 A MSE 104 A MSE 103 ? MET SELENOMETHIONINE 
7 A MSE 129 A MSE 128 ? MET SELENOMETHIONINE 
8 A MSE 146 A MSE 145 ? MET SELENOMETHIONINE 
# 
_pdbx_refine_tls.pdbx_refine_id   'X-RAY DIFFRACTION' 
_pdbx_refine_tls.id               1 
_pdbx_refine_tls.details          ? 
_pdbx_refine_tls.method           refined 
_pdbx_refine_tls.origin_x         -0.0746 
_pdbx_refine_tls.origin_y         -0.4275 
_pdbx_refine_tls.origin_z         0.1991 
_pdbx_refine_tls.T[1][1]          -0.1838 
_pdbx_refine_tls.T[2][2]          -0.2089 
_pdbx_refine_tls.T[3][3]          -0.1919 
_pdbx_refine_tls.T[1][2]          0.0135 
_pdbx_refine_tls.T[1][3]          0.0319 
_pdbx_refine_tls.T[2][3]          0.0282 
_pdbx_refine_tls.L[1][1]          5.0541 
_pdbx_refine_tls.L[2][2]          1.4383 
_pdbx_refine_tls.L[3][3]          1.4877 
_pdbx_refine_tls.L[1][2]          -0.8106 
_pdbx_refine_tls.L[1][3]          1.3373 
_pdbx_refine_tls.L[2][3]          -0.3193 
_pdbx_refine_tls.S[1][1]          0.0378 
_pdbx_refine_tls.S[2][2]          0.0884 
_pdbx_refine_tls.S[3][3]          -0.1262 
_pdbx_refine_tls.S[1][2]          -0.1461 
_pdbx_refine_tls.S[1][3]          -0.3445 
_pdbx_refine_tls.S[2][3]          0.0618 
_pdbx_refine_tls.S[2][1]          0.1446 
_pdbx_refine_tls.S[3][1]          0.1266 
_pdbx_refine_tls.S[3][2]          -0.0720 
# 
_pdbx_refine_tls_group.pdbx_refine_id      'X-RAY DIFFRACTION' 
_pdbx_refine_tls_group.beg_auth_seq_id     12 
_pdbx_refine_tls_group.selection_details   ? 
_pdbx_refine_tls_group.id                  1 
_pdbx_refine_tls_group.refine_tls_id       1 
_pdbx_refine_tls_group.beg_auth_asym_id    A 
_pdbx_refine_tls_group.end_auth_asym_id    A 
_pdbx_refine_tls_group.end_auth_seq_id     155 
_pdbx_refine_tls_group.beg_label_asym_id   . 
_pdbx_refine_tls_group.beg_label_seq_id    . 
_pdbx_refine_tls_group.end_label_asym_id   . 
_pdbx_refine_tls_group.end_label_seq_id    . 
_pdbx_refine_tls_group.selection           ? 
# 
_phasing.method   MAD 
# 
loop_
_pdbx_unobs_or_zero_occ_residues.id 
_pdbx_unobs_or_zero_occ_residues.PDB_model_num 
_pdbx_unobs_or_zero_occ_residues.polymer_flag 
_pdbx_unobs_or_zero_occ_residues.occupancy_flag 
_pdbx_unobs_or_zero_occ_residues.auth_asym_id 
_pdbx_unobs_or_zero_occ_residues.auth_comp_id 
_pdbx_unobs_or_zero_occ_residues.auth_seq_id 
_pdbx_unobs_or_zero_occ_residues.PDB_ins_code 
_pdbx_unobs_or_zero_occ_residues.label_asym_id 
_pdbx_unobs_or_zero_occ_residues.label_comp_id 
_pdbx_unobs_or_zero_occ_residues.label_seq_id 
1  1 Y 1 A GLY 0  ? A GLY 1  
2  1 Y 1 A MSE 1  ? A MSE 2  
3  1 Y 1 A PRO 2  ? A PRO 3  
4  1 Y 1 A GLU 3  ? A GLU 4  
5  1 Y 1 A ASN 4  ? A ASN 5  
6  1 Y 1 A THR 5  ? A THR 6  
7  1 Y 1 A ALA 6  ? A ALA 7  
8  1 Y 1 A MSE 7  ? A MSE 8  
9  1 Y 1 A ALA 8  ? A ALA 9  
10 1 Y 1 A ALA 9  ? A ALA 10 
11 1 Y 1 A LEU 10 ? A LEU 11 
# 
loop_
_chem_comp_atom.comp_id 
_chem_comp_atom.atom_id 
_chem_comp_atom.type_symbol 
_chem_comp_atom.pdbx_aromatic_flag 
_chem_comp_atom.pdbx_stereo_config 
_chem_comp_atom.pdbx_ordinal 
ALA N    N  N N 1   
ALA CA   C  N S 2   
ALA C    C  N N 3   
ALA O    O  N N 4   
ALA CB   C  N N 5   
ALA OXT  O  N N 6   
ALA H    H  N N 7   
ALA H2   H  N N 8   
ALA HA   H  N N 9   
ALA HB1  H  N N 10  
ALA HB2  H  N N 11  
ALA HB3  H  N N 12  
ALA HXT  H  N N 13  
ARG N    N  N N 14  
ARG CA   C  N S 15  
ARG C    C  N N 16  
ARG O    O  N N 17  
ARG CB   C  N N 18  
ARG CG   C  N N 19  
ARG CD   C  N N 20  
ARG NE   N  N N 21  
ARG CZ   C  N N 22  
ARG NH1  N  N N 23  
ARG NH2  N  N N 24  
ARG OXT  O  N N 25  
ARG H    H  N N 26  
ARG H2   H  N N 27  
ARG HA   H  N N 28  
ARG HB2  H  N N 29  
ARG HB3  H  N N 30  
ARG HG2  H  N N 31  
ARG HG3  H  N N 32  
ARG HD2  H  N N 33  
ARG HD3  H  N N 34  
ARG HE   H  N N 35  
ARG HH11 H  N N 36  
ARG HH12 H  N N 37  
ARG HH21 H  N N 38  
ARG HH22 H  N N 39  
ARG HXT  H  N N 40  
ASN N    N  N N 41  
ASN CA   C  N S 42  
ASN C    C  N N 43  
ASN O    O  N N 44  
ASN CB   C  N N 45  
ASN CG   C  N N 46  
ASN OD1  O  N N 47  
ASN ND2  N  N N 48  
ASN OXT  O  N N 49  
ASN H    H  N N 50  
ASN H2   H  N N 51  
ASN HA   H  N N 52  
ASN HB2  H  N N 53  
ASN HB3  H  N N 54  
ASN HD21 H  N N 55  
ASN HD22 H  N N 56  
ASN HXT  H  N N 57  
ASP N    N  N N 58  
ASP CA   C  N S 59  
ASP C    C  N N 60  
ASP O    O  N N 61  
ASP CB   C  N N 62  
ASP CG   C  N N 63  
ASP OD1  O  N N 64  
ASP OD2  O  N N 65  
ASP OXT  O  N N 66  
ASP H    H  N N 67  
ASP H2   H  N N 68  
ASP HA   H  N N 69  
ASP HB2  H  N N 70  
ASP HB3  H  N N 71  
ASP HD2  H  N N 72  
ASP HXT  H  N N 73  
EDO C1   C  N N 74  
EDO O1   O  N N 75  
EDO C2   C  N N 76  
EDO O2   O  N N 77  
EDO H11  H  N N 78  
EDO H12  H  N N 79  
EDO HO1  H  N N 80  
EDO H21  H  N N 81  
EDO H22  H  N N 82  
EDO HO2  H  N N 83  
GLN N    N  N N 84  
GLN CA   C  N S 85  
GLN C    C  N N 86  
GLN O    O  N N 87  
GLN CB   C  N N 88  
GLN CG   C  N N 89  
GLN CD   C  N N 90  
GLN OE1  O  N N 91  
GLN NE2  N  N N 92  
GLN OXT  O  N N 93  
GLN H    H  N N 94  
GLN H2   H  N N 95  
GLN HA   H  N N 96  
GLN HB2  H  N N 97  
GLN HB3  H  N N 98  
GLN HG2  H  N N 99  
GLN HG3  H  N N 100 
GLN HE21 H  N N 101 
GLN HE22 H  N N 102 
GLN HXT  H  N N 103 
GLU N    N  N N 104 
GLU CA   C  N S 105 
GLU C    C  N N 106 
GLU O    O  N N 107 
GLU CB   C  N N 108 
GLU CG   C  N N 109 
GLU CD   C  N N 110 
GLU OE1  O  N N 111 
GLU OE2  O  N N 112 
GLU OXT  O  N N 113 
GLU H    H  N N 114 
GLU H2   H  N N 115 
GLU HA   H  N N 116 
GLU HB2  H  N N 117 
GLU HB3  H  N N 118 
GLU HG2  H  N N 119 
GLU HG3  H  N N 120 
GLU HE2  H  N N 121 
GLU HXT  H  N N 122 
GLY N    N  N N 123 
GLY CA   C  N N 124 
GLY C    C  N N 125 
GLY O    O  N N 126 
GLY OXT  O  N N 127 
GLY H    H  N N 128 
GLY H2   H  N N 129 
GLY HA2  H  N N 130 
GLY HA3  H  N N 131 
GLY HXT  H  N N 132 
HIS N    N  N N 133 
HIS CA   C  N S 134 
HIS C    C  N N 135 
HIS O    O  N N 136 
HIS CB   C  N N 137 
HIS CG   C  Y N 138 
HIS ND1  N  Y N 139 
HIS CD2  C  Y N 140 
HIS CE1  C  Y N 141 
HIS NE2  N  Y N 142 
HIS OXT  O  N N 143 
HIS H    H  N N 144 
HIS H2   H  N N 145 
HIS HA   H  N N 146 
HIS HB2  H  N N 147 
HIS HB3  H  N N 148 
HIS HD1  H  N N 149 
HIS HD2  H  N N 150 
HIS HE1  H  N N 151 
HIS HE2  H  N N 152 
HIS HXT  H  N N 153 
HOH O    O  N N 154 
HOH H1   H  N N 155 
HOH H2   H  N N 156 
ILE N    N  N N 157 
ILE CA   C  N S 158 
ILE C    C  N N 159 
ILE O    O  N N 160 
ILE CB   C  N S 161 
ILE CG1  C  N N 162 
ILE CG2  C  N N 163 
ILE CD1  C  N N 164 
ILE OXT  O  N N 165 
ILE H    H  N N 166 
ILE H2   H  N N 167 
ILE HA   H  N N 168 
ILE HB   H  N N 169 
ILE HG12 H  N N 170 
ILE HG13 H  N N 171 
ILE HG21 H  N N 172 
ILE HG22 H  N N 173 
ILE HG23 H  N N 174 
ILE HD11 H  N N 175 
ILE HD12 H  N N 176 
ILE HD13 H  N N 177 
ILE HXT  H  N N 178 
LEU N    N  N N 179 
LEU CA   C  N S 180 
LEU C    C  N N 181 
LEU O    O  N N 182 
LEU CB   C  N N 183 
LEU CG   C  N N 184 
LEU CD1  C  N N 185 
LEU CD2  C  N N 186 
LEU OXT  O  N N 187 
LEU H    H  N N 188 
LEU H2   H  N N 189 
LEU HA   H  N N 190 
LEU HB2  H  N N 191 
LEU HB3  H  N N 192 
LEU HG   H  N N 193 
LEU HD11 H  N N 194 
LEU HD12 H  N N 195 
LEU HD13 H  N N 196 
LEU HD21 H  N N 197 
LEU HD22 H  N N 198 
LEU HD23 H  N N 199 
LEU HXT  H  N N 200 
LYS N    N  N N 201 
LYS CA   C  N S 202 
LYS C    C  N N 203 
LYS O    O  N N 204 
LYS CB   C  N N 205 
LYS CG   C  N N 206 
LYS CD   C  N N 207 
LYS CE   C  N N 208 
LYS NZ   N  N N 209 
LYS OXT  O  N N 210 
LYS H    H  N N 211 
LYS H2   H  N N 212 
LYS HA   H  N N 213 
LYS HB2  H  N N 214 
LYS HB3  H  N N 215 
LYS HG2  H  N N 216 
LYS HG3  H  N N 217 
LYS HD2  H  N N 218 
LYS HD3  H  N N 219 
LYS HE2  H  N N 220 
LYS HE3  H  N N 221 
LYS HZ1  H  N N 222 
LYS HZ2  H  N N 223 
LYS HZ3  H  N N 224 
LYS HXT  H  N N 225 
MSE N    N  N N 226 
MSE CA   C  N S 227 
MSE C    C  N N 228 
MSE O    O  N N 229 
MSE OXT  O  N N 230 
MSE CB   C  N N 231 
MSE CG   C  N N 232 
MSE SE   SE N N 233 
MSE CE   C  N N 234 
MSE H    H  N N 235 
MSE H2   H  N N 236 
MSE HA   H  N N 237 
MSE HXT  H  N N 238 
MSE HB2  H  N N 239 
MSE HB3  H  N N 240 
MSE HG2  H  N N 241 
MSE HG3  H  N N 242 
MSE HE1  H  N N 243 
MSE HE2  H  N N 244 
MSE HE3  H  N N 245 
PG6 C1   C  N N 246 
PG6 O1   O  N N 247 
PG6 C2   C  N N 248 
PG6 C3   C  N N 249 
PG6 O2   O  N N 250 
PG6 C4   C  N N 251 
PG6 C5   C  N N 252 
PG6 O3   O  N N 253 
PG6 C6   C  N N 254 
PG6 C7   C  N N 255 
PG6 O4   O  N N 256 
PG6 C8   C  N N 257 
PG6 C9   C  N N 258 
PG6 O5   O  N N 259 
PG6 C10  C  N N 260 
PG6 C11  C  N N 261 
PG6 O6   O  N N 262 
PG6 C12  C  N N 263 
PG6 H11  H  N N 264 
PG6 H12  H  N N 265 
PG6 H13  H  N N 266 
PG6 H21  H  N N 267 
PG6 H22  H  N N 268 
PG6 H31  H  N N 269 
PG6 H32  H  N N 270 
PG6 H41  H  N N 271 
PG6 H42  H  N N 272 
PG6 H51  H  N N 273 
PG6 H52  H  N N 274 
PG6 H61  H  N N 275 
PG6 H62  H  N N 276 
PG6 H71  H  N N 277 
PG6 H72  H  N N 278 
PG6 H81  H  N N 279 
PG6 H82  H  N N 280 
PG6 H91  H  N N 281 
PG6 H92  H  N N 282 
PG6 H101 H  N N 283 
PG6 H102 H  N N 284 
PG6 H111 H  N N 285 
PG6 H112 H  N N 286 
PG6 H121 H  N N 287 
PG6 H122 H  N N 288 
PG6 H123 H  N N 289 
PHE N    N  N N 290 
PHE CA   C  N S 291 
PHE C    C  N N 292 
PHE O    O  N N 293 
PHE CB   C  N N 294 
PHE CG   C  Y N 295 
PHE CD1  C  Y N 296 
PHE CD2  C  Y N 297 
PHE CE1  C  Y N 298 
PHE CE2  C  Y N 299 
PHE CZ   C  Y N 300 
PHE OXT  O  N N 301 
PHE H    H  N N 302 
PHE H2   H  N N 303 
PHE HA   H  N N 304 
PHE HB2  H  N N 305 
PHE HB3  H  N N 306 
PHE HD1  H  N N 307 
PHE HD2  H  N N 308 
PHE HE1  H  N N 309 
PHE HE2  H  N N 310 
PHE HZ   H  N N 311 
PHE HXT  H  N N 312 
PRO N    N  N N 313 
PRO CA   C  N S 314 
PRO C    C  N N 315 
PRO O    O  N N 316 
PRO CB   C  N N 317 
PRO CG   C  N N 318 
PRO CD   C  N N 319 
PRO OXT  O  N N 320 
PRO H    H  N N 321 
PRO HA   H  N N 322 
PRO HB2  H  N N 323 
PRO HB3  H  N N 324 
PRO HG2  H  N N 325 
PRO HG3  H  N N 326 
PRO HD2  H  N N 327 
PRO HD3  H  N N 328 
PRO HXT  H  N N 329 
SER N    N  N N 330 
SER CA   C  N S 331 
SER C    C  N N 332 
SER O    O  N N 333 
SER CB   C  N N 334 
SER OG   O  N N 335 
SER OXT  O  N N 336 
SER H    H  N N 337 
SER H2   H  N N 338 
SER HA   H  N N 339 
SER HB2  H  N N 340 
SER HB3  H  N N 341 
SER HG   H  N N 342 
SER HXT  H  N N 343 
SO4 S    S  N N 344 
SO4 O1   O  N N 345 
SO4 O2   O  N N 346 
SO4 O3   O  N N 347 
SO4 O4   O  N N 348 
THR N    N  N N 349 
THR CA   C  N S 350 
THR C    C  N N 351 
THR O    O  N N 352 
THR CB   C  N R 353 
THR OG1  O  N N 354 
THR CG2  C  N N 355 
THR OXT  O  N N 356 
THR H    H  N N 357 
THR H2   H  N N 358 
THR HA   H  N N 359 
THR HB   H  N N 360 
THR HG1  H  N N 361 
THR HG21 H  N N 362 
THR HG22 H  N N 363 
THR HG23 H  N N 364 
THR HXT  H  N N 365 
TRP N    N  N N 366 
TRP CA   C  N S 367 
TRP C    C  N N 368 
TRP O    O  N N 369 
TRP CB   C  N N 370 
TRP CG   C  Y N 371 
TRP CD1  C  Y N 372 
TRP CD2  C  Y N 373 
TRP NE1  N  Y N 374 
TRP CE2  C  Y N 375 
TRP CE3  C  Y N 376 
TRP CZ2  C  Y N 377 
TRP CZ3  C  Y N 378 
TRP CH2  C  Y N 379 
TRP OXT  O  N N 380 
TRP H    H  N N 381 
TRP H2   H  N N 382 
TRP HA   H  N N 383 
TRP HB2  H  N N 384 
TRP HB3  H  N N 385 
TRP HD1  H  N N 386 
TRP HE1  H  N N 387 
TRP HE3  H  N N 388 
TRP HZ2  H  N N 389 
TRP HZ3  H  N N 390 
TRP HH2  H  N N 391 
TRP HXT  H  N N 392 
TYR N    N  N N 393 
TYR CA   C  N S 394 
TYR C    C  N N 395 
TYR O    O  N N 396 
TYR CB   C  N N 397 
TYR CG   C  Y N 398 
TYR CD1  C  Y N 399 
TYR CD2  C  Y N 400 
TYR CE1  C  Y N 401 
TYR CE2  C  Y N 402 
TYR CZ   C  Y N 403 
TYR OH   O  N N 404 
TYR OXT  O  N N 405 
TYR H    H  N N 406 
TYR H2   H  N N 407 
TYR HA   H  N N 408 
TYR HB2  H  N N 409 
TYR HB3  H  N N 410 
TYR HD1  H  N N 411 
TYR HD2  H  N N 412 
TYR HE1  H  N N 413 
TYR HE2  H  N N 414 
TYR HH   H  N N 415 
TYR HXT  H  N N 416 
VAL N    N  N N 417 
VAL CA   C  N S 418 
VAL C    C  N N 419 
VAL O    O  N N 420 
VAL CB   C  N N 421 
VAL CG1  C  N N 422 
VAL CG2  C  N N 423 
VAL OXT  O  N N 424 
VAL H    H  N N 425 
VAL H2   H  N N 426 
VAL HA   H  N N 427 
VAL HB   H  N N 428 
VAL HG11 H  N N 429 
VAL HG12 H  N N 430 
VAL HG13 H  N N 431 
VAL HG21 H  N N 432 
VAL HG22 H  N N 433 
VAL HG23 H  N N 434 
VAL HXT  H  N N 435 
# 
loop_
_chem_comp_bond.comp_id 
_chem_comp_bond.atom_id_1 
_chem_comp_bond.atom_id_2 
_chem_comp_bond.value_order 
_chem_comp_bond.pdbx_aromatic_flag 
_chem_comp_bond.pdbx_stereo_config 
_chem_comp_bond.pdbx_ordinal 
ALA N   CA   sing N N 1   
ALA N   H    sing N N 2   
ALA N   H2   sing N N 3   
ALA CA  C    sing N N 4   
ALA CA  CB   sing N N 5   
ALA CA  HA   sing N N 6   
ALA C   O    doub N N 7   
ALA C   OXT  sing N N 8   
ALA CB  HB1  sing N N 9   
ALA CB  HB2  sing N N 10  
ALA CB  HB3  sing N N 11  
ALA OXT HXT  sing N N 12  
ARG N   CA   sing N N 13  
ARG N   H    sing N N 14  
ARG N   H2   sing N N 15  
ARG CA  C    sing N N 16  
ARG CA  CB   sing N N 17  
ARG CA  HA   sing N N 18  
ARG C   O    doub N N 19  
ARG C   OXT  sing N N 20  
ARG CB  CG   sing N N 21  
ARG CB  HB2  sing N N 22  
ARG CB  HB3  sing N N 23  
ARG CG  CD   sing N N 24  
ARG CG  HG2  sing N N 25  
ARG CG  HG3  sing N N 26  
ARG CD  NE   sing N N 27  
ARG CD  HD2  sing N N 28  
ARG CD  HD3  sing N N 29  
ARG NE  CZ   sing N N 30  
ARG NE  HE   sing N N 31  
ARG CZ  NH1  sing N N 32  
ARG CZ  NH2  doub N N 33  
ARG NH1 HH11 sing N N 34  
ARG NH1 HH12 sing N N 35  
ARG NH2 HH21 sing N N 36  
ARG NH2 HH22 sing N N 37  
ARG OXT HXT  sing N N 38  
ASN N   CA   sing N N 39  
ASN N   H    sing N N 40  
ASN N   H2   sing N N 41  
ASN CA  C    sing N N 42  
ASN CA  CB   sing N N 43  
ASN CA  HA   sing N N 44  
ASN C   O    doub N N 45  
ASN C   OXT  sing N N 46  
ASN CB  CG   sing N N 47  
ASN CB  HB2  sing N N 48  
ASN CB  HB3  sing N N 49  
ASN CG  OD1  doub N N 50  
ASN CG  ND2  sing N N 51  
ASN ND2 HD21 sing N N 52  
ASN ND2 HD22 sing N N 53  
ASN OXT HXT  sing N N 54  
ASP N   CA   sing N N 55  
ASP N   H    sing N N 56  
ASP N   H2   sing N N 57  
ASP CA  C    sing N N 58  
ASP CA  CB   sing N N 59  
ASP CA  HA   sing N N 60  
ASP C   O    doub N N 61  
ASP C   OXT  sing N N 62  
ASP CB  CG   sing N N 63  
ASP CB  HB2  sing N N 64  
ASP CB  HB3  sing N N 65  
ASP CG  OD1  doub N N 66  
ASP CG  OD2  sing N N 67  
ASP OD2 HD2  sing N N 68  
ASP OXT HXT  sing N N 69  
EDO C1  O1   sing N N 70  
EDO C1  C2   sing N N 71  
EDO C1  H11  sing N N 72  
EDO C1  H12  sing N N 73  
EDO O1  HO1  sing N N 74  
EDO C2  O2   sing N N 75  
EDO C2  H21  sing N N 76  
EDO C2  H22  sing N N 77  
EDO O2  HO2  sing N N 78  
GLN N   CA   sing N N 79  
GLN N   H    sing N N 80  
GLN N   H2   sing N N 81  
GLN CA  C    sing N N 82  
GLN CA  CB   sing N N 83  
GLN CA  HA   sing N N 84  
GLN C   O    doub N N 85  
GLN C   OXT  sing N N 86  
GLN CB  CG   sing N N 87  
GLN CB  HB2  sing N N 88  
GLN CB  HB3  sing N N 89  
GLN CG  CD   sing N N 90  
GLN CG  HG2  sing N N 91  
GLN CG  HG3  sing N N 92  
GLN CD  OE1  doub N N 93  
GLN CD  NE2  sing N N 94  
GLN NE2 HE21 sing N N 95  
GLN NE2 HE22 sing N N 96  
GLN OXT HXT  sing N N 97  
GLU N   CA   sing N N 98  
GLU N   H    sing N N 99  
GLU N   H2   sing N N 100 
GLU CA  C    sing N N 101 
GLU CA  CB   sing N N 102 
GLU CA  HA   sing N N 103 
GLU C   O    doub N N 104 
GLU C   OXT  sing N N 105 
GLU CB  CG   sing N N 106 
GLU CB  HB2  sing N N 107 
GLU CB  HB3  sing N N 108 
GLU CG  CD   sing N N 109 
GLU CG  HG2  sing N N 110 
GLU CG  HG3  sing N N 111 
GLU CD  OE1  doub N N 112 
GLU CD  OE2  sing N N 113 
GLU OE2 HE2  sing N N 114 
GLU OXT HXT  sing N N 115 
GLY N   CA   sing N N 116 
GLY N   H    sing N N 117 
GLY N   H2   sing N N 118 
GLY CA  C    sing N N 119 
GLY CA  HA2  sing N N 120 
GLY CA  HA3  sing N N 121 
GLY C   O    doub N N 122 
GLY C   OXT  sing N N 123 
GLY OXT HXT  sing N N 124 
HIS N   CA   sing N N 125 
HIS N   H    sing N N 126 
HIS N   H2   sing N N 127 
HIS CA  C    sing N N 128 
HIS CA  CB   sing N N 129 
HIS CA  HA   sing N N 130 
HIS C   O    doub N N 131 
HIS C   OXT  sing N N 132 
HIS CB  CG   sing N N 133 
HIS CB  HB2  sing N N 134 
HIS CB  HB3  sing N N 135 
HIS CG  ND1  sing Y N 136 
HIS CG  CD2  doub Y N 137 
HIS ND1 CE1  doub Y N 138 
HIS ND1 HD1  sing N N 139 
HIS CD2 NE2  sing Y N 140 
HIS CD2 HD2  sing N N 141 
HIS CE1 NE2  sing Y N 142 
HIS CE1 HE1  sing N N 143 
HIS NE2 HE2  sing N N 144 
HIS OXT HXT  sing N N 145 
HOH O   H1   sing N N 146 
HOH O   H2   sing N N 147 
ILE N   CA   sing N N 148 
ILE N   H    sing N N 149 
ILE N   H2   sing N N 150 
ILE CA  C    sing N N 151 
ILE CA  CB   sing N N 152 
ILE CA  HA   sing N N 153 
ILE C   O    doub N N 154 
ILE C   OXT  sing N N 155 
ILE CB  CG1  sing N N 156 
ILE CB  CG2  sing N N 157 
ILE CB  HB   sing N N 158 
ILE CG1 CD1  sing N N 159 
ILE CG1 HG12 sing N N 160 
ILE CG1 HG13 sing N N 161 
ILE CG2 HG21 sing N N 162 
ILE CG2 HG22 sing N N 163 
ILE CG2 HG23 sing N N 164 
ILE CD1 HD11 sing N N 165 
ILE CD1 HD12 sing N N 166 
ILE CD1 HD13 sing N N 167 
ILE OXT HXT  sing N N 168 
LEU N   CA   sing N N 169 
LEU N   H    sing N N 170 
LEU N   H2   sing N N 171 
LEU CA  C    sing N N 172 
LEU CA  CB   sing N N 173 
LEU CA  HA   sing N N 174 
LEU C   O    doub N N 175 
LEU C   OXT  sing N N 176 
LEU CB  CG   sing N N 177 
LEU CB  HB2  sing N N 178 
LEU CB  HB3  sing N N 179 
LEU CG  CD1  sing N N 180 
LEU CG  CD2  sing N N 181 
LEU CG  HG   sing N N 182 
LEU CD1 HD11 sing N N 183 
LEU CD1 HD12 sing N N 184 
LEU CD1 HD13 sing N N 185 
LEU CD2 HD21 sing N N 186 
LEU CD2 HD22 sing N N 187 
LEU CD2 HD23 sing N N 188 
LEU OXT HXT  sing N N 189 
LYS N   CA   sing N N 190 
LYS N   H    sing N N 191 
LYS N   H2   sing N N 192 
LYS CA  C    sing N N 193 
LYS CA  CB   sing N N 194 
LYS CA  HA   sing N N 195 
LYS C   O    doub N N 196 
LYS C   OXT  sing N N 197 
LYS CB  CG   sing N N 198 
LYS CB  HB2  sing N N 199 
LYS CB  HB3  sing N N 200 
LYS CG  CD   sing N N 201 
LYS CG  HG2  sing N N 202 
LYS CG  HG3  sing N N 203 
LYS CD  CE   sing N N 204 
LYS CD  HD2  sing N N 205 
LYS CD  HD3  sing N N 206 
LYS CE  NZ   sing N N 207 
LYS CE  HE2  sing N N 208 
LYS CE  HE3  sing N N 209 
LYS NZ  HZ1  sing N N 210 
LYS NZ  HZ2  sing N N 211 
LYS NZ  HZ3  sing N N 212 
LYS OXT HXT  sing N N 213 
MSE N   CA   sing N N 214 
MSE N   H    sing N N 215 
MSE N   H2   sing N N 216 
MSE CA  C    sing N N 217 
MSE CA  CB   sing N N 218 
MSE CA  HA   sing N N 219 
MSE C   O    doub N N 220 
MSE C   OXT  sing N N 221 
MSE OXT HXT  sing N N 222 
MSE CB  CG   sing N N 223 
MSE CB  HB2  sing N N 224 
MSE CB  HB3  sing N N 225 
MSE CG  SE   sing N N 226 
MSE CG  HG2  sing N N 227 
MSE CG  HG3  sing N N 228 
MSE SE  CE   sing N N 229 
MSE CE  HE1  sing N N 230 
MSE CE  HE2  sing N N 231 
MSE CE  HE3  sing N N 232 
PG6 C1  O1   sing N N 233 
PG6 C1  H11  sing N N 234 
PG6 C1  H12  sing N N 235 
PG6 C1  H13  sing N N 236 
PG6 O1  C2   sing N N 237 
PG6 C2  C3   sing N N 238 
PG6 C2  H21  sing N N 239 
PG6 C2  H22  sing N N 240 
PG6 C3  O2   sing N N 241 
PG6 C3  H31  sing N N 242 
PG6 C3  H32  sing N N 243 
PG6 O2  C4   sing N N 244 
PG6 C4  C5   sing N N 245 
PG6 C4  H41  sing N N 246 
PG6 C4  H42  sing N N 247 
PG6 C5  O3   sing N N 248 
PG6 C5  H51  sing N N 249 
PG6 C5  H52  sing N N 250 
PG6 O3  C6   sing N N 251 
PG6 C6  C7   sing N N 252 
PG6 C6  H61  sing N N 253 
PG6 C6  H62  sing N N 254 
PG6 C7  O4   sing N N 255 
PG6 C7  H71  sing N N 256 
PG6 C7  H72  sing N N 257 
PG6 O4  C8   sing N N 258 
PG6 C8  C9   sing N N 259 
PG6 C8  H81  sing N N 260 
PG6 C8  H82  sing N N 261 
PG6 C9  O5   sing N N 262 
PG6 C9  H91  sing N N 263 
PG6 C9  H92  sing N N 264 
PG6 O5  C10  sing N N 265 
PG6 C10 C11  sing N N 266 
PG6 C10 H101 sing N N 267 
PG6 C10 H102 sing N N 268 
PG6 C11 O6   sing N N 269 
PG6 C11 H111 sing N N 270 
PG6 C11 H112 sing N N 271 
PG6 O6  C12  sing N N 272 
PG6 C12 H121 sing N N 273 
PG6 C12 H122 sing N N 274 
PG6 C12 H123 sing N N 275 
PHE N   CA   sing N N 276 
PHE N   H    sing N N 277 
PHE N   H2   sing N N 278 
PHE CA  C    sing N N 279 
PHE CA  CB   sing N N 280 
PHE CA  HA   sing N N 281 
PHE C   O    doub N N 282 
PHE C   OXT  sing N N 283 
PHE CB  CG   sing N N 284 
PHE CB  HB2  sing N N 285 
PHE CB  HB3  sing N N 286 
PHE CG  CD1  doub Y N 287 
PHE CG  CD2  sing Y N 288 
PHE CD1 CE1  sing Y N 289 
PHE CD1 HD1  sing N N 290 
PHE CD2 CE2  doub Y N 291 
PHE CD2 HD2  sing N N 292 
PHE CE1 CZ   doub Y N 293 
PHE CE1 HE1  sing N N 294 
PHE CE2 CZ   sing Y N 295 
PHE CE2 HE2  sing N N 296 
PHE CZ  HZ   sing N N 297 
PHE OXT HXT  sing N N 298 
PRO N   CA   sing N N 299 
PRO N   CD   sing N N 300 
PRO N   H    sing N N 301 
PRO CA  C    sing N N 302 
PRO CA  CB   sing N N 303 
PRO CA  HA   sing N N 304 
PRO C   O    doub N N 305 
PRO C   OXT  sing N N 306 
PRO CB  CG   sing N N 307 
PRO CB  HB2  sing N N 308 
PRO CB  HB3  sing N N 309 
PRO CG  CD   sing N N 310 
PRO CG  HG2  sing N N 311 
PRO CG  HG3  sing N N 312 
PRO CD  HD2  sing N N 313 
PRO CD  HD3  sing N N 314 
PRO OXT HXT  sing N N 315 
SER N   CA   sing N N 316 
SER N   H    sing N N 317 
SER N   H2   sing N N 318 
SER CA  C    sing N N 319 
SER CA  CB   sing N N 320 
SER CA  HA   sing N N 321 
SER C   O    doub N N 322 
SER C   OXT  sing N N 323 
SER CB  OG   sing N N 324 
SER CB  HB2  sing N N 325 
SER CB  HB3  sing N N 326 
SER OG  HG   sing N N 327 
SER OXT HXT  sing N N 328 
SO4 S   O1   doub N N 329 
SO4 S   O2   doub N N 330 
SO4 S   O3   sing N N 331 
SO4 S   O4   sing N N 332 
THR N   CA   sing N N 333 
THR N   H    sing N N 334 
THR N   H2   sing N N 335 
THR CA  C    sing N N 336 
THR CA  CB   sing N N 337 
THR CA  HA   sing N N 338 
THR C   O    doub N N 339 
THR C   OXT  sing N N 340 
THR CB  OG1  sing N N 341 
THR CB  CG2  sing N N 342 
THR CB  HB   sing N N 343 
THR OG1 HG1  sing N N 344 
THR CG2 HG21 sing N N 345 
THR CG2 HG22 sing N N 346 
THR CG2 HG23 sing N N 347 
THR OXT HXT  sing N N 348 
TRP N   CA   sing N N 349 
TRP N   H    sing N N 350 
TRP N   H2   sing N N 351 
TRP CA  C    sing N N 352 
TRP CA  CB   sing N N 353 
TRP CA  HA   sing N N 354 
TRP C   O    doub N N 355 
TRP C   OXT  sing N N 356 
TRP CB  CG   sing N N 357 
TRP CB  HB2  sing N N 358 
TRP CB  HB3  sing N N 359 
TRP CG  CD1  doub Y N 360 
TRP CG  CD2  sing Y N 361 
TRP CD1 NE1  sing Y N 362 
TRP CD1 HD1  sing N N 363 
TRP CD2 CE2  doub Y N 364 
TRP CD2 CE3  sing Y N 365 
TRP NE1 CE2  sing Y N 366 
TRP NE1 HE1  sing N N 367 
TRP CE2 CZ2  sing Y N 368 
TRP CE3 CZ3  doub Y N 369 
TRP CE3 HE3  sing N N 370 
TRP CZ2 CH2  doub Y N 371 
TRP CZ2 HZ2  sing N N 372 
TRP CZ3 CH2  sing Y N 373 
TRP CZ3 HZ3  sing N N 374 
TRP CH2 HH2  sing N N 375 
TRP OXT HXT  sing N N 376 
TYR N   CA   sing N N 377 
TYR N   H    sing N N 378 
TYR N   H2   sing N N 379 
TYR CA  C    sing N N 380 
TYR CA  CB   sing N N 381 
TYR CA  HA   sing N N 382 
TYR C   O    doub N N 383 
TYR C   OXT  sing N N 384 
TYR CB  CG   sing N N 385 
TYR CB  HB2  sing N N 386 
TYR CB  HB3  sing N N 387 
TYR CG  CD1  doub Y N 388 
TYR CG  CD2  sing Y N 389 
TYR CD1 CE1  sing Y N 390 
TYR CD1 HD1  sing N N 391 
TYR CD2 CE2  doub Y N 392 
TYR CD2 HD2  sing N N 393 
TYR CE1 CZ   doub Y N 394 
TYR CE1 HE1  sing N N 395 
TYR CE2 CZ   sing Y N 396 
TYR CE2 HE2  sing N N 397 
TYR CZ  OH   sing N N 398 
TYR OH  HH   sing N N 399 
TYR OXT HXT  sing N N 400 
VAL N   CA   sing N N 401 
VAL N   H    sing N N 402 
VAL N   H2   sing N N 403 
VAL CA  C    sing N N 404 
VAL CA  CB   sing N N 405 
VAL CA  HA   sing N N 406 
VAL C   O    doub N N 407 
VAL C   OXT  sing N N 408 
VAL CB  CG1  sing N N 409 
VAL CB  CG2  sing N N 410 
VAL CB  HB   sing N N 411 
VAL CG1 HG11 sing N N 412 
VAL CG1 HG12 sing N N 413 
VAL CG1 HG13 sing N N 414 
VAL CG2 HG21 sing N N 415 
VAL CG2 HG22 sing N N 416 
VAL CG2 HG23 sing N N 417 
VAL OXT HXT  sing N N 418 
# 
_atom_sites.entry_id                    3G7P 
_atom_sites.fract_transf_matrix[1][1]   0.01209701 
_atom_sites.fract_transf_matrix[1][2]   -0.01976842 
_atom_sites.fract_transf_matrix[1][3]   -0.00341006 
_atom_sites.fract_transf_matrix[2][1]   0.00157041 
_atom_sites.fract_transf_matrix[2][2]   -0.00921331 
_atom_sites.fract_transf_matrix[2][3]   -0.02147974 
_atom_sites.fract_transf_matrix[3][1]   0.00325750 
_atom_sites.fract_transf_matrix[3][2]   0.00210829 
_atom_sites.fract_transf_matrix[3][3]   -0.00066615 
_atom_sites.fract_transf_vector[1]      0.015841 
_atom_sites.fract_transf_vector[2]      0.370384 
_atom_sites.fract_transf_vector[3]      -0.034733 
# 
loop_
_atom_type.symbol 
C  
N  
O  
S  
SE 
# 
loop_
_atom_site.group_PDB 
_atom_site.id 
_atom_site.type_symbol 
_atom_site.label_atom_id 
_atom_site.label_alt_id 
_atom_site.label_comp_id 
_atom_site.label_asym_id 
_atom_site.label_entity_id 
_atom_site.label_seq_id 
_atom_site.pdbx_PDB_ins_code 
_atom_site.Cartn_x 
_atom_site.Cartn_y 
_atom_site.Cartn_z 
_atom_site.occupancy 
_atom_site.B_iso_or_equiv 
_atom_site.pdbx_formal_charge 
_atom_site.auth_seq_id 
_atom_site.auth_comp_id 
_atom_site.auth_asym_id 
_atom_site.auth_atom_id 
_atom_site.pdbx_PDB_model_num 
ATOM   1    N  N   . LEU A 1 12  ? 10.055  3.749   -14.954 1.00 59.92 ? 11  LEU A N   1 
ATOM   2    C  CA  . LEU A 1 12  ? 11.143  3.748   -13.929 1.00 59.99 ? 11  LEU A CA  1 
ATOM   3    C  C   . LEU A 1 12  ? 10.549  3.741   -12.517 1.00 60.24 ? 11  LEU A C   1 
ATOM   4    O  O   . LEU A 1 12  ? 9.869   4.720   -12.152 1.00 60.06 ? 11  LEU A O   1 
ATOM   5    C  CB  . LEU A 1 12  ? 12.062  4.972   -14.119 1.00 60.22 ? 11  LEU A CB  1 
ATOM   6    C  CG  . LEU A 1 12  ? 13.152  4.870   -15.208 1.00 60.20 ? 11  LEU A CG  1 
ATOM   7    C  CD1 . LEU A 1 12  ? 12.565  4.503   -16.570 1.00 61.36 ? 11  LEU A CD1 1 
ATOM   8    C  CD2 . LEU A 1 12  ? 13.966  6.150   -15.310 1.00 59.73 ? 11  LEU A CD2 1 
ATOM   9    N  N   . PRO A 1 13  ? 10.819  2.670   -11.709 1.00 59.72 ? 12  PRO A N   1 
ATOM   10   C  CA  . PRO A 1 13  ? 10.212  2.548   -10.350 1.00 58.59 ? 12  PRO A CA  1 
ATOM   11   C  C   . PRO A 1 13  ? 10.284  3.834   -9.547  1.00 57.39 ? 12  PRO A C   1 
ATOM   12   O  O   . PRO A 1 13  ? 9.285   4.247   -8.959  1.00 56.87 ? 12  PRO A O   1 
ATOM   13   C  CB  . PRO A 1 13  ? 11.021  1.438   -9.654  1.00 58.42 ? 12  PRO A CB  1 
ATOM   14   C  CG  . PRO A 1 13  ? 12.071  0.992   -10.634 1.00 58.85 ? 12  PRO A CG  1 
ATOM   15   C  CD  . PRO A 1 13  ? 11.715  1.535   -12.008 1.00 59.59 ? 12  PRO A CD  1 
ATOM   16   N  N   . GLU A 1 14  ? 11.436  4.498   -9.571  1.00 56.05 ? 13  GLU A N   1 
ATOM   17   C  CA  . GLU A 1 14  ? 11.597  5.738   -8.829  1.00 54.99 ? 13  GLU A CA  1 
ATOM   18   C  C   . GLU A 1 14  ? 10.728  6.903   -9.366  1.00 55.13 ? 13  GLU A C   1 
ATOM   19   O  O   . GLU A 1 14  ? 10.618  7.925   -8.709  1.00 56.61 ? 13  GLU A O   1 
ATOM   20   C  CB  . GLU A 1 14  ? 13.079  6.128   -8.726  1.00 54.89 ? 13  GLU A CB  1 
ATOM   21   C  CG  . GLU A 1 14  ? 13.765  6.579   -10.043 1.00 56.38 ? 13  GLU A CG  1 
ATOM   22   C  CD  . GLU A 1 14  ? 14.376  5.444   -10.877 1.00 58.69 ? 13  GLU A CD  1 
ATOM   23   O  OE1 . GLU A 1 14  ? 13.836  4.307   -10.889 1.00 55.57 ? 13  GLU A OE1 1 
ATOM   24   O  OE2 . GLU A 1 14  ? 15.400  5.711   -11.547 1.00 59.07 ? 13  GLU A OE2 1 
ATOM   25   N  N   . GLU A 1 15  ? 10.109  6.761   -10.539 1.00 54.29 ? 14  GLU A N   1 
ATOM   26   C  CA  . GLU A 1 15  ? 9.191   7.798   -11.050 1.00 53.72 ? 14  GLU A CA  1 
ATOM   27   C  C   . GLU A 1 15  ? 7.700   7.449   -10.891 1.00 50.48 ? 14  GLU A C   1 
ATOM   28   O  O   . GLU A 1 15  ? 6.826   8.157   -11.372 1.00 51.68 ? 14  GLU A O   1 
ATOM   29   C  CB  . GLU A 1 15  ? 9.520   8.150   -12.496 1.00 54.05 ? 14  GLU A CB  1 
ATOM   30   C  CG  . GLU A 1 15  ? 10.863  8.880   -12.609 1.00 55.18 ? 14  GLU A CG  1 
ATOM   31   C  CD  . GLU A 1 15  ? 11.261  9.188   -14.046 1.00 55.46 ? 14  GLU A CD  1 
ATOM   32   O  OE1 . GLU A 1 15  ? 10.577  8.703   -14.977 1.00 58.24 ? 14  GLU A OE1 1 
ATOM   33   O  OE2 . GLU A 1 15  ? 12.276  9.893   -14.237 1.00 58.91 ? 14  GLU A OE2 1 
ATOM   34   N  N   . SER A 1 16  ? 7.408   6.364   -10.200 1.00 45.31 ? 15  SER A N   1 
ATOM   35   C  CA  . SER A 1 16  ? 6.028   6.035   -9.861  1.00 40.43 ? 15  SER A CA  1 
ATOM   36   C  C   . SER A 1 16  ? 5.579   6.984   -8.749  1.00 37.80 ? 15  SER A C   1 
ATOM   37   O  O   . SER A 1 16  ? 6.310   7.165   -7.792  1.00 35.10 ? 15  SER A O   1 
ATOM   38   C  CB  . SER A 1 16  ? 5.973   4.575   -9.409  1.00 38.63 ? 15  SER A CB  1 
ATOM   39   O  OG  . SER A 1 16  ? 4.808   4.289   -8.681  1.00 38.81 ? 15  SER A OG  1 
ATOM   40   N  N   . LEU A 1 17  ? 4.402   7.590   -8.875  1.00 37.24 ? 16  LEU A N   1 
ATOM   41   C  CA  . LEU A 1 17  ? 3.859   8.444   -7.802  1.00 38.66 ? 16  LEU A CA  1 
ATOM   42   C  C   . LEU A 1 17  ? 3.648   7.620   -6.528  1.00 38.20 ? 16  LEU A C   1 
ATOM   43   O  O   . LEU A 1 17  ? 4.016   8.040   -5.439  1.00 36.36 ? 16  LEU A O   1 
ATOM   44   C  CB  . LEU A 1 17  ? 2.538   9.106   -8.207  1.00 38.02 ? 16  LEU A CB  1 
ATOM   45   C  CG  . LEU A 1 17  ? 2.534   10.204  -9.276  1.00 37.67 ? 16  LEU A CG  1 
ATOM   46   C  CD1 . LEU A 1 17  ? 1.141   10.814  -9.372  1.00 39.52 ? 16  LEU A CD1 1 
ATOM   47   C  CD2 . LEU A 1 17  ? 3.553   11.290  -8.993  1.00 37.84 ? 16  LEU A CD2 1 
ATOM   48   N  N   . PHE A 1 18  ? 3.040   6.444   -6.691  1.00 37.49 ? 17  PHE A N   1 
ATOM   49   C  CA  . PHE A 1 18  ? 2.879   5.490   -5.600  1.00 36.73 ? 17  PHE A CA  1 
ATOM   50   C  C   . PHE A 1 18  ? 4.224   5.163   -4.944  1.00 36.79 ? 17  PHE A C   1 
ATOM   51   O  O   . PHE A 1 18  ? 4.363   5.232   -3.725  1.00 36.91 ? 17  PHE A O   1 
ATOM   52   C  CB  . PHE A 1 18  ? 2.248   4.203   -6.121  1.00 36.40 ? 17  PHE A CB  1 
ATOM   53   C  CG  . PHE A 1 18  ? 2.473   3.031   -5.224  1.00 37.46 ? 17  PHE A CG  1 
ATOM   54   C  CD1 . PHE A 1 18  ? 1.719   2.861   -4.085  1.00 38.00 ? 17  PHE A CD1 1 
ATOM   55   C  CD2 . PHE A 1 18  ? 3.480   2.114   -5.503  1.00 36.05 ? 17  PHE A CD2 1 
ATOM   56   C  CE1 . PHE A 1 18  ? 1.945   1.789   -3.237  1.00 39.24 ? 17  PHE A CE1 1 
ATOM   57   C  CE2 . PHE A 1 18  ? 3.702   1.061   -4.668  1.00 38.17 ? 17  PHE A CE2 1 
ATOM   58   C  CZ  . PHE A 1 18  ? 2.924   0.902   -3.524  1.00 35.05 ? 17  PHE A CZ  1 
ATOM   59   N  N   . PHE A 1 19  ? 5.225   4.842   -5.749  1.00 37.71 ? 18  PHE A N   1 
ATOM   60   C  CA  . PHE A 1 19  ? 6.523   4.443   -5.180  1.00 37.72 ? 18  PHE A CA  1 
ATOM   61   C  C   . PHE A 1 19  ? 7.118   5.547   -4.328  1.00 37.11 ? 18  PHE A C   1 
ATOM   62   O  O   . PHE A 1 19  ? 7.564   5.307   -3.208  1.00 35.67 ? 18  PHE A O   1 
ATOM   63   C  CB  . PHE A 1 19  ? 7.487   4.050   -6.279  1.00 39.18 ? 18  PHE A CB  1 
ATOM   64   C  CG  . PHE A 1 19  ? 8.802   3.524   -5.765  1.00 40.67 ? 18  PHE A CG  1 
ATOM   65   C  CD1 . PHE A 1 19  ? 8.927   2.205   -5.381  1.00 42.59 ? 18  PHE A CD1 1 
ATOM   66   C  CD2 . PHE A 1 19  ? 9.891   4.365   -5.633  1.00 38.12 ? 18  PHE A CD2 1 
ATOM   67   C  CE1 . PHE A 1 19  ? 10.136  1.725   -4.914  1.00 44.98 ? 18  PHE A CE1 1 
ATOM   68   C  CE2 . PHE A 1 19  ? 11.097  3.886   -5.155  1.00 43.35 ? 18  PHE A CE2 1 
ATOM   69   C  CZ  . PHE A 1 19  ? 11.214  2.569   -4.801  1.00 40.67 ? 18  PHE A CZ  1 
ATOM   70   N  N   . ARG A 1 20  ? 7.142   6.767   -4.852  1.00 35.79 ? 19  ARG A N   1 
ATOM   71   C  CA  A ARG A 1 20  ? 7.650   7.924   -4.116  0.50 35.18 ? 19  ARG A CA  1 
ATOM   72   C  CA  B ARG A 1 20  ? 7.679   7.891   -4.080  0.50 35.85 ? 19  ARG A CA  1 
ATOM   73   C  C   . ARG A 1 20  ? 6.866   8.132   -2.810  1.00 34.49 ? 19  ARG A C   1 
ATOM   74   O  O   . ARG A 1 20  ? 7.434   8.475   -1.766  1.00 33.47 ? 19  ARG A O   1 
ATOM   75   C  CB  A ARG A 1 20  ? 7.573   9.182   -5.010  0.50 34.32 ? 19  ARG A CB  1 
ATOM   76   C  CB  B ARG A 1 20  ? 7.818   9.165   -4.943  0.50 35.81 ? 19  ARG A CB  1 
ATOM   77   C  CG  A ARG A 1 20  ? 8.359   9.035   -6.317  0.50 38.59 ? 19  ARG A CG  1 
ATOM   78   C  CG  B ARG A 1 20  ? 9.153   9.178   -5.713  0.50 43.53 ? 19  ARG A CG  1 
ATOM   79   C  CD  A ARG A 1 20  ? 9.729   9.751   -6.325  0.50 42.44 ? 19  ARG A CD  1 
ATOM   80   C  CD  B ARG A 1 20  ? 10.239  10.127  -5.161  0.50 47.31 ? 19  ARG A CD  1 
ATOM   81   N  NE  A ARG A 1 20  ? 10.443  9.754   -5.046  0.50 40.21 ? 19  ARG A NE  1 
ATOM   82   N  NE  B ARG A 1 20  ? 10.134  10.439  -3.734  0.50 53.48 ? 19  ARG A NE  1 
ATOM   83   C  CZ  A ARG A 1 20  ? 11.433  8.932   -4.698  0.50 43.10 ? 19  ARG A CZ  1 
ATOM   84   C  CZ  B ARG A 1 20  ? 10.832  11.403  -3.124  0.50 52.39 ? 19  ARG A CZ  1 
ATOM   85   N  NH1 A ARG A 1 20  ? 11.877  7.982   -5.521  0.50 43.02 ? 19  ARG A NH1 1 
ATOM   86   N  NH1 B ARG A 1 20  ? 11.689  12.168  -3.799  0.50 51.28 ? 19  ARG A NH1 1 
ATOM   87   N  NH2 A ARG A 1 20  ? 11.997  9.072   -3.503  0.50 37.06 ? 19  ARG A NH2 1 
ATOM   88   N  NH2 B ARG A 1 20  ? 10.671  11.607  -1.822  0.50 50.04 ? 19  ARG A NH2 1 
ATOM   89   N  N   . GLU A 1 21  ? 5.551   7.936   -2.857  1.00 34.37 ? 20  GLU A N   1 
ATOM   90   C  CA  . GLU A 1 21  ? 4.769   8.071   -1.620  1.00 34.12 ? 20  GLU A CA  1 
ATOM   91   C  C   . GLU A 1 21  ? 5.108   6.960   -0.616  1.00 34.19 ? 20  GLU A C   1 
ATOM   92   O  O   . GLU A 1 21  ? 5.087   7.211   0.567   1.00 33.16 ? 20  GLU A O   1 
ATOM   93   C  CB  . GLU A 1 21  ? 3.266   8.104   -1.845  1.00 34.23 ? 20  GLU A CB  1 
ATOM   94   C  CG  . GLU A 1 21  ? 2.725   9.331   -2.599  1.00 34.94 ? 20  GLU A CG  1 
ATOM   95   C  CD  . GLU A 1 21  ? 3.144   10.643  -1.968  1.00 39.96 ? 20  GLU A CD  1 
ATOM   96   O  OE1 . GLU A 1 21  ? 3.199   10.723  -0.725  1.00 34.04 ? 20  GLU A OE1 1 
ATOM   97   O  OE2 . GLU A 1 21  ? 3.434   11.591  -2.721  1.00 38.37 ? 20  GLU A OE2 1 
ATOM   98   N  N   . LEU A 1 22  ? 5.418   5.756   -1.088  1.00 33.52 ? 21  LEU A N   1 
ATOM   99   C  CA  . LEU A 1 22  ? 5.781   4.656   -0.203  1.00 34.17 ? 21  LEU A CA  1 
ATOM   100  C  C   . LEU A 1 22  ? 7.136   4.914   0.456   1.00 35.66 ? 21  LEU A C   1 
ATOM   101  O  O   . LEU A 1 22  ? 7.312   4.677   1.669   1.00 34.84 ? 21  LEU A O   1 
ATOM   102  C  CB  . LEU A 1 22  ? 5.809   3.338   -0.964  1.00 34.94 ? 21  LEU A CB  1 
ATOM   103  C  CG  . LEU A 1 22  ? 6.017   2.074   -0.121  1.00 33.65 ? 21  LEU A CG  1 
ATOM   104  C  CD1 . LEU A 1 22  ? 5.028   2.021   1.083   1.00 31.57 ? 21  LEU A CD1 1 
ATOM   105  C  CD2 . LEU A 1 22  ? 5.858   0.840   -0.982  1.00 34.36 ? 21  LEU A CD2 1 
ATOM   106  N  N   . VAL A 1 23  ? 8.095   5.432   -0.315  1.00 34.93 ? 22  VAL A N   1 
ATOM   107  C  CA  . VAL A 1 23  ? 9.379   5.788   0.278   1.00 34.62 ? 22  VAL A CA  1 
ATOM   108  C  C   . VAL A 1 23  ? 9.114   6.782   1.403   1.00 35.20 ? 22  VAL A C   1 
ATOM   109  O  O   . VAL A 1 23  ? 9.549   6.598   2.543   1.00 36.88 ? 22  VAL A O   1 
ATOM   110  C  CB  . VAL A 1 23  ? 10.341  6.395   -0.754  1.00 35.75 ? 22  VAL A CB  1 
ATOM   111  C  CG1 . VAL A 1 23  ? 11.576  6.998   -0.063  1.00 36.80 ? 22  VAL A CG1 1 
ATOM   112  C  CG2 . VAL A 1 23  ? 10.749  5.326   -1.804  1.00 29.85 ? 22  VAL A CG2 1 
ATOM   113  N  N   . LYS A 1 24  ? 8.331   7.800   1.092   1.00 36.56 ? 23  LYS A N   1 
ATOM   114  C  CA  . LYS A 1 24  ? 8.041   8.891   2.024   1.00 39.27 ? 23  LYS A CA  1 
ATOM   115  C  C   . LYS A 1 24  ? 7.344   8.391   3.306   1.00 37.56 ? 23  LYS A C   1 
ATOM   116  O  O   . LYS A 1 24  ? 7.640   8.870   4.428   1.00 36.45 ? 23  LYS A O   1 
ATOM   117  C  CB  . LYS A 1 24  ? 7.216   9.932   1.270   1.00 39.69 ? 23  LYS A CB  1 
ATOM   118  C  CG  . LYS A 1 24  ? 7.264   11.328  1.786   1.00 48.21 ? 23  LYS A CG  1 
ATOM   119  C  CD  . LYS A 1 24  ? 6.405   12.303  0.916   1.00 43.85 ? 23  LYS A CD  1 
ATOM   120  C  CE  . LYS A 1 24  ? 6.552   12.040  -0.619  1.00 53.79 ? 23  LYS A CE  1 
ATOM   121  N  NZ  . LYS A 1 24  ? 5.702   12.939  -1.479  1.00 55.20 ? 23  LYS A NZ  1 
ATOM   122  N  N   . GLN A 1 25  ? 6.466   7.400   3.154   1.00 36.72 ? 24  GLN A N   1 
ATOM   123  C  CA  . GLN A 1 25  ? 5.779   6.793   4.309   1.00 37.62 ? 24  GLN A CA  1 
ATOM   124  C  C   . GLN A 1 25  ? 6.773   6.182   5.293   1.00 36.73 ? 24  GLN A C   1 
ATOM   125  O  O   . GLN A 1 25  ? 6.687   6.389   6.484   1.00 36.89 ? 24  GLN A O   1 
ATOM   126  C  CB  . GLN A 1 25  ? 4.805   5.696   3.862   1.00 37.96 ? 24  GLN A CB  1 
ATOM   127  C  CG  . GLN A 1 25  ? 3.495   6.183   3.280   1.00 39.26 ? 24  GLN A CG  1 
ATOM   128  C  CD  . GLN A 1 25  ? 2.642   6.863   4.304   1.00 41.29 ? 24  GLN A CD  1 
ATOM   129  O  OE1 . GLN A 1 25  ? 2.317   6.288   5.346   1.00 40.57 ? 24  GLN A OE1 1 
ATOM   130  N  NE2 . GLN A 1 25  ? 2.240   8.089   4.003   1.00 38.11 ? 24  GLN A NE2 1 
ATOM   131  N  N   . TRP A 1 26  ? 7.725   5.430   4.769   1.00 37.49 ? 25  TRP A N   1 
ATOM   132  C  CA  . TRP A 1 26  ? 8.719   4.782   5.608   1.00 36.21 ? 25  TRP A CA  1 
ATOM   133  C  C   . TRP A 1 26  ? 9.734   5.740   6.200   1.00 36.61 ? 25  TRP A C   1 
ATOM   134  O  O   . TRP A 1 26  ? 10.146  5.573   7.367   1.00 35.37 ? 25  TRP A O   1 
ATOM   135  C  CB  . TRP A 1 26  ? 9.350   3.618   4.867   1.00 36.45 ? 25  TRP A CB  1 
ATOM   136  C  CG  . TRP A 1 26  ? 8.432   2.463   4.955   1.00 38.94 ? 25  TRP A CG  1 
ATOM   137  C  CD1 . TRP A 1 26  ? 7.611   1.983   3.978   1.00 36.39 ? 25  TRP A CD1 1 
ATOM   138  C  CD2 . TRP A 1 26  ? 8.156   1.688   6.138   1.00 35.19 ? 25  TRP A CD2 1 
ATOM   139  N  NE1 . TRP A 1 26  ? 6.866   0.933   4.465   1.00 42.03 ? 25  TRP A NE1 1 
ATOM   140  C  CE2 . TRP A 1 26  ? 7.185   0.729   5.788   1.00 40.57 ? 25  TRP A CE2 1 
ATOM   141  C  CE3 . TRP A 1 26  ? 8.647   1.709   7.453   1.00 41.44 ? 25  TRP A CE3 1 
ATOM   142  C  CZ2 . TRP A 1 26  ? 6.692   -0.208  6.705   1.00 40.21 ? 25  TRP A CZ2 1 
ATOM   143  C  CZ3 . TRP A 1 26  ? 8.169   0.777   8.364   1.00 40.26 ? 25  TRP A CZ3 1 
ATOM   144  C  CH2 . TRP A 1 26  ? 7.196   -0.175  7.981   1.00 41.47 ? 25  TRP A CH2 1 
ATOM   145  N  N   . ARG A 1 27  ? 10.130  6.757   5.437   1.00 35.80 ? 26  ARG A N   1 
ATOM   146  C  CA  . ARG A 1 27  ? 11.009  7.771   5.990   1.00 34.31 ? 26  ARG A CA  1 
ATOM   147  C  C   . ARG A 1 27  ? 10.299  8.479   7.164   1.00 34.06 ? 26  ARG A C   1 
ATOM   148  O  O   . ARG A 1 27  ? 10.918  8.808   8.157   1.00 33.97 ? 26  ARG A O   1 
ATOM   149  C  CB  . ARG A 1 27  ? 11.404  8.786   4.928   1.00 34.70 ? 26  ARG A CB  1 
ATOM   150  C  CG  . ARG A 1 27  ? 12.250  8.254   3.791   1.00 33.96 ? 26  ARG A CG  1 
ATOM   151  C  CD  . ARG A 1 27  ? 13.661  8.044   4.184   1.00 37.03 ? 26  ARG A CD  1 
ATOM   152  N  NE  . ARG A 1 27  ? 14.413  7.464   3.063   1.00 37.88 ? 26  ARG A NE  1 
ATOM   153  C  CZ  . ARG A 1 27  ? 15.524  6.754   3.196   1.00 35.45 ? 26  ARG A CZ  1 
ATOM   154  N  NH1 . ARG A 1 27  ? 16.022  6.490   4.397   1.00 37.78 ? 26  ARG A NH1 1 
ATOM   155  N  NH2 . ARG A 1 27  ? 16.127  6.270   2.122   1.00 37.61 ? 26  ARG A NH2 1 
ATOM   156  N  N   . ALA A 1 28  ? 9.000   8.708   7.034   1.00 35.23 ? 27  ALA A N   1 
ATOM   157  C  CA  . ALA A 1 28  ? 8.200   9.342   8.099   1.00 35.05 ? 27  ALA A CA  1 
ATOM   158  C  C   . ALA A 1 28  ? 8.130   8.533   9.404   1.00 35.21 ? 27  ALA A C   1 
ATOM   159  O  O   . ALA A 1 28  ? 8.104   9.114   10.481  1.00 36.14 ? 27  ALA A O   1 
ATOM   160  C  CB  . ALA A 1 28  ? 6.794   9.684   7.577   1.00 35.00 ? 27  ALA A CB  1 
ATOM   161  N  N   . GLN A 1 29  ? 8.147   7.206   9.320   1.00 35.41 ? 28  GLN A N   1 
ATOM   162  C  CA  . GLN A 1 29  ? 8.172   6.351   10.520  1.00 36.66 ? 28  GLN A CA  1 
ATOM   163  C  C   . GLN A 1 29  ? 9.499   6.425   11.266  1.00 36.90 ? 28  GLN A C   1 
ATOM   164  O  O   . GLN A 1 29  ? 9.551   6.266   12.482  1.00 35.21 ? 28  GLN A O   1 
ATOM   165  C  CB  . GLN A 1 29  ? 7.939   4.883   10.140  1.00 37.54 ? 28  GLN A CB  1 
ATOM   166  C  CG  . GLN A 1 29  ? 6.591   4.587   9.593   1.00 41.90 ? 28  GLN A CG  1 
ATOM   167  C  CD  . GLN A 1 29  ? 5.518   4.785   10.643  1.00 42.25 ? 28  GLN A CD  1 
ATOM   168  O  OE1 . GLN A 1 29  ? 4.725   5.703   10.544  1.00 55.32 ? 28  GLN A OE1 1 
ATOM   169  N  NE2 . GLN A 1 29  ? 5.520   3.947   11.673  1.00 52.28 ? 28  GLN A NE2 1 
ATOM   170  N  N   . ASP A 1 30  ? 10.573  6.677   10.530  1.00 37.38 ? 29  ASP A N   1 
ATOM   171  C  CA  . ASP A 1 30  ? 11.918  6.723   11.090  1.00 36.74 ? 29  ASP A CA  1 
ATOM   172  C  C   . ASP A 1 30  ? 12.182  8.030   11.820  1.00 36.87 ? 29  ASP A C   1 
ATOM   173  O  O   . ASP A 1 30  ? 12.962  8.860   11.362  1.00 35.88 ? 29  ASP A O   1 
ATOM   174  C  CB  . ASP A 1 30  ? 12.924  6.513   9.946   1.00 38.18 ? 29  ASP A CB  1 
ATOM   175  C  CG  . ASP A 1 30  ? 14.341  6.261   10.431  1.00 38.42 ? 29  ASP A CG  1 
ATOM   176  O  OD1 . ASP A 1 30  ? 14.574  6.087   11.655  1.00 35.03 ? 29  ASP A OD1 1 
ATOM   177  O  OD2 . ASP A 1 30  ? 15.232  6.233   9.559   1.00 34.01 ? 29  ASP A OD2 1 
ATOM   178  N  N   . SER A 1 31  ? 11.572  8.176   13.001  1.00 36.19 ? 30  SER A N   1 
ATOM   179  C  CA  . SER A 1 31  ? 11.674  9.389   13.811  1.00 35.76 ? 30  SER A CA  1 
ATOM   180  C  C   . SER A 1 31  ? 13.090  9.833   14.129  1.00 34.85 ? 30  SER A C   1 
ATOM   181  O  O   . SER A 1 31  ? 13.370  11.019  14.176  1.00 34.34 ? 30  SER A O   1 
ATOM   182  C  CB  . SER A 1 31  ? 10.933  9.185   15.146  1.00 36.18 ? 30  SER A CB  1 
ATOM   183  O  OG  . SER A 1 31  ? 9.732   8.491   14.908  1.00 35.73 ? 30  SER A OG  1 
ATOM   184  N  N   . TYR A 1 32  ? 13.970  8.875   14.390  1.00 35.73 ? 31  TYR A N   1 
ATOM   185  C  CA  . TYR A 1 32  ? 15.340  9.168   14.741  1.00 36.72 ? 31  TYR A CA  1 
ATOM   186  C  C   . TYR A 1 32  ? 16.323  9.135   13.576  1.00 36.87 ? 31  TYR A C   1 
ATOM   187  O  O   . TYR A 1 32  ? 17.527  9.272   13.800  1.00 37.50 ? 31  TYR A O   1 
ATOM   188  C  CB  . TYR A 1 32  ? 15.828  8.161   15.780  1.00 38.52 ? 31  TYR A CB  1 
ATOM   189  C  CG  . TYR A 1 32  ? 15.053  8.135   17.076  1.00 41.89 ? 31  TYR A CG  1 
ATOM   190  C  CD1 . TYR A 1 32  ? 14.738  9.305   17.753  1.00 41.92 ? 31  TYR A CD1 1 
ATOM   191  C  CD2 . TYR A 1 32  ? 14.690  6.929   17.656  1.00 44.95 ? 31  TYR A CD2 1 
ATOM   192  C  CE1 . TYR A 1 32  ? 14.047  9.269   18.953  1.00 45.29 ? 31  TYR A CE1 1 
ATOM   193  C  CE2 . TYR A 1 32  ? 14.000  6.887   18.857  1.00 47.31 ? 31  TYR A CE2 1 
ATOM   194  C  CZ  . TYR A 1 32  ? 13.685  8.053   19.504  1.00 42.79 ? 31  TYR A CZ  1 
ATOM   195  O  OH  . TYR A 1 32  ? 13.012  8.002   20.698  1.00 41.49 ? 31  TYR A OH  1 
ATOM   196  N  N   . GLY A 1 33  ? 15.834  8.935   12.351  1.00 37.63 ? 32  GLY A N   1 
ATOM   197  C  CA  . GLY A 1 33  ? 16.708  8.835   11.179  1.00 38.99 ? 32  GLY A CA  1 
ATOM   198  C  C   . GLY A 1 33  ? 17.676  7.662   11.200  1.00 40.03 ? 32  GLY A C   1 
ATOM   199  O  O   . GLY A 1 33  ? 18.790  7.762   10.699  1.00 41.03 ? 32  GLY A O   1 
ATOM   200  N  N   . THR A 1 34  ? 17.255  6.540   11.777  1.00 40.19 ? 33  THR A N   1 
ATOM   201  C  CA  . THR A 1 34  ? 18.106  5.354   11.890  1.00 40.04 ? 33  THR A CA  1 
ATOM   202  C  C   . THR A 1 34  ? 18.455  4.744   10.526  1.00 40.11 ? 33  THR A C   1 
ATOM   203  O  O   . THR A 1 34  ? 19.522  4.135   10.369  1.00 38.94 ? 33  THR A O   1 
ATOM   204  C  CB  . THR A 1 34  ? 17.414  4.282   12.767  1.00 40.51 ? 33  THR A CB  1 
ATOM   205  O  OG1 . THR A 1 34  ? 17.074  4.871   14.029  1.00 41.51 ? 33  THR A OG1 1 
ATOM   206  C  CG2 . THR A 1 34  ? 18.313  3.071   13.008  1.00 39.65 ? 33  THR A CG2 1 
ATOM   207  N  N   . TRP A 1 35  ? 17.556  4.894   9.559   1.00 38.56 ? 34  TRP A N   1 
ATOM   208  C  CA  . TRP A 1 35  ? 17.762  4.373   8.210   1.00 40.21 ? 34  TRP A CA  1 
ATOM   209  C  C   . TRP A 1 35  ? 18.168  5.434   7.175   1.00 40.51 ? 34  TRP A C   1 
ATOM   210  O  O   . TRP A 1 35  ? 18.053  5.182   5.969   1.00 39.56 ? 34  TRP A O   1 
ATOM   211  C  CB  . TRP A 1 35  ? 16.462  3.772   7.679   1.00 41.40 ? 34  TRP A CB  1 
ATOM   212  C  CG  . TRP A 1 35  ? 15.812  2.764   8.536   1.00 42.99 ? 34  TRP A CG  1 
ATOM   213  C  CD1 . TRP A 1 35  ? 16.417  1.787   9.256   1.00 44.09 ? 34  TRP A CD1 1 
ATOM   214  C  CD2 . TRP A 1 35  ? 14.399  2.577   8.693   1.00 44.97 ? 34  TRP A CD2 1 
ATOM   215  N  NE1 . TRP A 1 35  ? 15.472  1.020   9.891   1.00 48.14 ? 34  TRP A NE1 1 
ATOM   216  C  CE2 . TRP A 1 35  ? 14.222  1.479   9.556   1.00 46.90 ? 34  TRP A CE2 1 
ATOM   217  C  CE3 . TRP A 1 35  ? 13.266  3.245   8.195   1.00 45.48 ? 34  TRP A CE3 1 
ATOM   218  C  CZ2 . TRP A 1 35  ? 12.954  1.023   9.940   1.00 46.89 ? 34  TRP A CZ2 1 
ATOM   219  C  CZ3 . TRP A 1 35  ? 12.004  2.802   8.580   1.00 46.65 ? 34  TRP A CZ3 1 
ATOM   220  C  CH2 . TRP A 1 35  ? 11.860  1.694   9.444   1.00 47.26 ? 34  TRP A CH2 1 
ATOM   221  N  N   . GLU A 1 36  ? 18.590  6.610   7.633   1.00 40.43 ? 35  GLU A N   1 
ATOM   222  C  CA  . GLU A 1 36  ? 18.918  7.724   6.742   1.00 42.85 ? 35  GLU A CA  1 
ATOM   223  C  C   . GLU A 1 36  ? 20.046  7.390   5.771   1.00 44.42 ? 35  GLU A C   1 
ATOM   224  O  O   . GLU A 1 36  ? 20.077  7.923   4.667   1.00 46.04 ? 35  GLU A O   1 
ATOM   225  C  CB  . GLU A 1 36  ? 19.285  8.987   7.543   1.00 43.05 ? 35  GLU A CB  1 
ATOM   226  N  N   . LYS A 1 37  ? 20.957  6.513   6.168   1.00 44.63 ? 36  LYS A N   1 
ATOM   227  C  CA  . LYS A 1 37  ? 22.040  6.089   5.274   1.00 45.61 ? 36  LYS A CA  1 
ATOM   228  C  C   . LYS A 1 37  ? 21.630  4.984   4.287   1.00 45.86 ? 36  LYS A C   1 
ATOM   229  O  O   . LYS A 1 37  ? 22.385  4.674   3.362   1.00 46.28 ? 36  LYS A O   1 
ATOM   230  C  CB  . LYS A 1 37  ? 23.259  5.656   6.087   1.00 45.27 ? 36  LYS A CB  1 
ATOM   231  C  CG  . LYS A 1 37  ? 23.889  6.810   6.884   1.00 47.82 ? 36  LYS A CG  1 
ATOM   232  N  N   . LYS A 1 38  ? 20.454  4.381   4.469   1.00 43.98 ? 37  LYS A N   1 
ATOM   233  C  CA  . LYS A 1 38  ? 20.010  3.368   3.531   1.00 42.93 ? 37  LYS A CA  1 
ATOM   234  C  C   . LYS A 1 38  ? 19.436  4.075   2.319   1.00 39.31 ? 37  LYS A C   1 
ATOM   235  O  O   . LYS A 1 38  ? 18.801  5.116   2.450   1.00 37.95 ? 37  LYS A O   1 
ATOM   236  C  CB  . LYS A 1 38  ? 18.929  2.464   4.124   1.00 43.76 ? 37  LYS A CB  1 
ATOM   237  C  CG  . LYS A 1 38  ? 19.323  1.627   5.330   1.00 46.42 ? 37  LYS A CG  1 
ATOM   238  C  CD  . LYS A 1 38  ? 18.132  0.713   5.686   1.00 47.27 ? 37  LYS A CD  1 
ATOM   239  C  CE  . LYS A 1 38  ? 18.463  -0.313  6.765   1.00 53.29 ? 37  LYS A CE  1 
ATOM   240  N  NZ  . LYS A 1 38  ? 17.396  -1.379  6.803   1.00 56.59 ? 37  LYS A NZ  1 
ATOM   241  N  N   . SER A 1 39  ? 19.661  3.520   1.135   1.00 36.18 ? 38  SER A N   1 
ATOM   242  C  CA  . SER A 1 39  ? 19.034  4.041   -0.069  1.00 35.35 ? 38  SER A CA  1 
ATOM   243  C  C   . SER A 1 39  ? 17.543  3.757   0.034   1.00 34.42 ? 38  SER A C   1 
ATOM   244  O  O   . SER A 1 39  ? 17.127  2.961   0.873   1.00 31.94 ? 38  SER A O   1 
ATOM   245  C  CB  . SER A 1 39  ? 19.607  3.357   -1.299  1.00 35.94 ? 38  SER A CB  1 
ATOM   246  O  OG  . SER A 1 39  ? 19.310  1.981   -1.310  1.00 31.84 ? 38  SER A OG  1 
ATOM   247  N  N   . ASP A 1 40  ? 16.744  4.409   -0.809  1.00 34.58 ? 39  ASP A N   1 
ATOM   248  C  CA  . ASP A 1 40  ? 15.307  4.176   -0.857  1.00 34.62 ? 39  ASP A CA  1 
ATOM   249  C  C   . ASP A 1 40  ? 14.970  2.738   -1.205  1.00 35.82 ? 39  ASP A C   1 
ATOM   250  O  O   . ASP A 1 40  ? 14.017  2.152   -0.670  1.00 37.05 ? 39  ASP A O   1 
ATOM   251  C  CB  . ASP A 1 40  ? 14.634  5.094   -1.880  1.00 35.55 ? 39  ASP A CB  1 
ATOM   252  C  CG  . ASP A 1 40  ? 14.759  6.576   -1.521  1.00 33.63 ? 39  ASP A CG  1 
ATOM   253  O  OD1 . ASP A 1 40  ? 15.236  6.910   -0.427  1.00 34.35 ? 39  ASP A OD1 1 
ATOM   254  O  OD2 . ASP A 1 40  ? 14.356  7.403   -2.342  1.00 34.61 ? 39  ASP A OD2 1 
HETATM 255  N  N   . MSE A 1 41  ? 15.759  2.142   -2.073  0.75 34.38 ? 40  MSE A N   1 
HETATM 256  C  CA  . MSE A 1 41  ? 15.519  0.759   -2.468  1.00 37.23 ? 40  MSE A CA  1 
HETATM 257  C  C   . MSE A 1 41  ? 15.825  -0.209  -1.375  1.00 37.29 ? 40  MSE A C   1 
HETATM 258  O  O   . MSE A 1 41  ? 15.070  -1.139  -1.168  1.00 39.26 ? 40  MSE A O   1 
HETATM 259  C  CB  . MSE A 1 41  ? 16.338  0.466   -3.688  1.00 37.12 ? 40  MSE A CB  1 
HETATM 260  C  CG  . MSE A 1 41  ? 16.041  1.559   -4.574  1.00 42.60 ? 40  MSE A CG  1 
HETATM 261  SE SE  . MSE A 1 41  ? 14.656  1.066   -5.693  0.75 52.77 ? 40  MSE A SE  1 
HETATM 262  C  CE  . MSE A 1 41  ? 16.442  1.022   -6.780  1.00 20.41 ? 40  MSE A CE  1 
ATOM   263  N  N   . GLU A 1 42  ? 16.913  -0.003  -0.649  1.00 37.04 ? 41  GLU A N   1 
ATOM   264  C  CA  . GLU A 1 42  ? 17.160  -0.838  0.505   1.00 35.93 ? 41  GLU A CA  1 
ATOM   265  C  C   . GLU A 1 42  ? 16.007  -0.692  1.523   1.00 37.61 ? 41  GLU A C   1 
ATOM   266  O  O   . GLU A 1 42  ? 15.530  -1.666  2.083   1.00 38.09 ? 41  GLU A O   1 
ATOM   267  C  CB  . GLU A 1 42  ? 18.487  -0.467  1.135   1.00 36.23 ? 41  GLU A CB  1 
ATOM   268  C  CG  . GLU A 1 42  ? 18.840  -1.258  2.343   1.00 35.48 ? 41  GLU A CG  1 
ATOM   269  C  CD  . GLU A 1 42  ? 20.134  -0.820  2.981   1.00 36.40 ? 41  GLU A CD  1 
ATOM   270  O  OE1 . GLU A 1 42  ? 20.758  0.181   2.535   1.00 41.75 ? 41  GLU A OE1 1 
ATOM   271  O  OE2 . GLU A 1 42  ? 20.526  -1.474  3.958   1.00 37.74 ? 41  GLU A OE2 1 
ATOM   272  N  N   . LEU A 1 43  ? 15.568  0.536   1.761   1.00 37.97 ? 42  LEU A N   1 
ATOM   273  C  CA  . LEU A 1 43  ? 14.514  0.800   2.720   1.00 37.27 ? 42  LEU A CA  1 
ATOM   274  C  C   . LEU A 1 43  ? 13.268  -0.051  2.425   1.00 36.99 ? 42  LEU A C   1 
ATOM   275  O  O   . LEU A 1 43  ? 12.651  -0.585  3.364   1.00 37.60 ? 42  LEU A O   1 
ATOM   276  C  CB  . LEU A 1 43  ? 14.156  2.288   2.688   1.00 37.95 ? 42  LEU A CB  1 
ATOM   277  C  CG  . LEU A 1 43  ? 13.099  2.817   3.663   1.00 39.01 ? 42  LEU A CG  1 
ATOM   278  C  CD1 . LEU A 1 43  ? 13.648  2.815   5.080   1.00 35.60 ? 42  LEU A CD1 1 
ATOM   279  C  CD2 . LEU A 1 43  ? 12.650  4.236   3.259   1.00 36.72 ? 42  LEU A CD2 1 
ATOM   280  N  N   . LEU A 1 44  ? 12.906  -0.175  1.145   1.00 34.39 ? 43  LEU A N   1 
ATOM   281  C  CA  . LEU A 1 44  ? 11.700  -0.895  0.746   1.00 34.45 ? 43  LEU A CA  1 
ATOM   282  C  C   . LEU A 1 44  ? 11.913  -2.347  0.371   1.00 34.15 ? 43  LEU A C   1 
ATOM   283  O  O   . LEU A 1 44  ? 10.941  -3.046  0.045   1.00 34.66 ? 43  LEU A O   1 
ATOM   284  C  CB  . LEU A 1 44  ? 10.973  -0.162  -0.407  1.00 34.12 ? 43  LEU A CB  1 
ATOM   285  C  CG  . LEU A 1 44  ? 10.497  1.268   -0.164  1.00 37.93 ? 43  LEU A CG  1 
ATOM   286  C  CD1 . LEU A 1 44  ? 9.570   1.710   -1.308  1.00 32.94 ? 43  LEU A CD1 1 
ATOM   287  C  CD2 . LEU A 1 44  ? 9.793   1.391   1.173   1.00 37.10 ? 43  LEU A CD2 1 
ATOM   288  N  N   . ALA A 1 45  ? 13.154  -2.827  0.446   1.00 33.78 ? 44  ALA A N   1 
ATOM   289  C  CA  . ALA A 1 45  ? 13.479  -4.214  0.069   1.00 34.42 ? 44  ALA A CA  1 
ATOM   290  C  C   . ALA A 1 45  ? 12.650  -5.318  0.786   1.00 34.28 ? 44  ALA A C   1 
ATOM   291  O  O   . ALA A 1 45  ? 12.388  -6.356  0.183   1.00 33.16 ? 44  ALA A O   1 
ATOM   292  C  CB  . ALA A 1 45  ? 14.953  -4.477  0.227   1.00 33.69 ? 44  ALA A CB  1 
ATOM   293  N  N   . PRO A 1 46  ? 12.250  -5.106  2.064   1.00 35.05 ? 45  PRO A N   1 
ATOM   294  C  CA  . PRO A 1 46  ? 11.350  -6.057  2.763   1.00 35.46 ? 45  PRO A CA  1 
ATOM   295  C  C   . PRO A 1 46  ? 9.999   -6.373  2.077   1.00 34.82 ? 45  PRO A C   1 
ATOM   296  O  O   . PRO A 1 46  ? 9.354   -7.393  2.381   1.00 36.04 ? 45  PRO A O   1 
ATOM   297  C  CB  . PRO A 1 46  ? 11.126  -5.361  4.120   1.00 35.38 ? 45  PRO A CB  1 
ATOM   298  C  CG  . PRO A 1 46  ? 12.429  -4.621  4.327   1.00 36.99 ? 45  PRO A CG  1 
ATOM   299  C  CD  . PRO A 1 46  ? 12.645  -4.013  2.971   1.00 35.24 ? 45  PRO A CD  1 
ATOM   300  N  N   . TYR A 1 47  ? 9.575   -5.510  1.169   1.00 34.86 ? 46  TYR A N   1 
ATOM   301  C  CA  . TYR A 1 47  ? 8.383   -5.752  0.374   1.00 34.99 ? 46  TYR A CA  1 
ATOM   302  C  C   . TYR A 1 47  ? 8.626   -6.784  -0.702  1.00 35.22 ? 46  TYR A C   1 
ATOM   303  O  O   . TYR A 1 47  ? 7.670   -7.254  -1.328  1.00 35.09 ? 46  TYR A O   1 
ATOM   304  C  CB  . TYR A 1 47  ? 7.905   -4.476  -0.316  1.00 34.64 ? 46  TYR A CB  1 
ATOM   305  C  CG  . TYR A 1 47  ? 7.121   -3.560  0.580   1.00 32.96 ? 46  TYR A CG  1 
ATOM   306  C  CD1 . TYR A 1 47  ? 7.756   -2.581  1.323   1.00 34.59 ? 46  TYR A CD1 1 
ATOM   307  C  CD2 . TYR A 1 47  ? 5.733   -3.667  0.681   1.00 33.83 ? 46  TYR A CD2 1 
ATOM   308  C  CE1 . TYR A 1 47  ? 7.032   -1.740  2.173   1.00 33.82 ? 46  TYR A CE1 1 
ATOM   309  C  CE2 . TYR A 1 47  ? 5.005   -2.837  1.525   1.00 32.93 ? 46  TYR A CE2 1 
ATOM   310  C  CZ  . TYR A 1 47  ? 5.653   -1.881  2.273   1.00 36.17 ? 46  TYR A CZ  1 
ATOM   311  O  OH  . TYR A 1 47  ? 4.921   -1.034  3.103   1.00 35.10 ? 46  TYR A OH  1 
ATOM   312  N  N   . VAL A 1 48  ? 9.895   -7.125  -0.936  1.00 34.38 ? 47  VAL A N   1 
ATOM   313  C  CA  . VAL A 1 48  ? 10.265  -8.028  -2.022  1.00 34.35 ? 47  VAL A CA  1 
ATOM   314  C  C   . VAL A 1 48  ? 10.692  -9.401  -1.526  1.00 35.04 ? 47  VAL A C   1 
ATOM   315  O  O   . VAL A 1 48  ? 11.526  -9.526  -0.626  1.00 34.19 ? 47  VAL A O   1 
ATOM   316  C  CB  . VAL A 1 48  ? 11.444  -7.454  -2.864  1.00 34.31 ? 47  VAL A CB  1 
ATOM   317  C  CG1 . VAL A 1 48  ? 11.860  -8.435  -3.992  1.00 32.01 ? 47  VAL A CG1 1 
ATOM   318  C  CG2 . VAL A 1 48  ? 11.080  -6.081  -3.409  1.00 33.89 ? 47  VAL A CG2 1 
ATOM   319  N  N   . LEU A 1 49  ? 10.117  -10.430 -2.133  1.00 36.05 ? 48  LEU A N   1 
ATOM   320  C  CA  . LEU A 1 49  ? 10.616  -11.781 -1.937  1.00 39.47 ? 48  LEU A CA  1 
ATOM   321  C  C   . LEU A 1 49  ? 10.083  -12.682 -3.035  1.00 38.42 ? 48  LEU A C   1 
ATOM   322  O  O   . LEU A 1 49  ? 8.951   -12.503 -3.478  1.00 34.74 ? 48  LEU A O   1 
ATOM   323  C  CB  . LEU A 1 49  ? 10.321  -12.323 -0.536  1.00 41.33 ? 48  LEU A CB  1 
ATOM   324  C  CG  . LEU A 1 49  ? 8.904   -12.563 -0.052  1.00 46.40 ? 48  LEU A CG  1 
ATOM   325  C  CD1 . LEU A 1 49  ? 8.977   -13.654 1.043   1.00 45.43 ? 48  LEU A CD1 1 
ATOM   326  C  CD2 . LEU A 1 49  ? 8.239   -11.265 0.417   1.00 52.58 ? 48  LEU A CD2 1 
ATOM   327  N  N   . ASP A 1 50  ? 10.920  -13.612 -3.498  1.00 39.82 ? 49  ASP A N   1 
ATOM   328  C  CA  . ASP A 1 50  ? 10.591  -14.407 -4.683  1.00 41.16 ? 49  ASP A CA  1 
ATOM   329  C  C   . ASP A 1 50  ? 9.338   -15.267 -4.480  1.00 41.48 ? 49  ASP A C   1 
ATOM   330  O  O   . ASP A 1 50  ? 8.991   -15.636 -3.348  1.00 40.10 ? 49  ASP A O   1 
ATOM   331  C  CB  . ASP A 1 50  ? 11.779  -15.263 -5.163  1.00 42.04 ? 49  ASP A CB  1 
ATOM   332  C  CG  . ASP A 1 50  ? 12.152  -16.352 -4.190  1.00 41.63 ? 49  ASP A CG  1 
ATOM   333  O  OD1 . ASP A 1 50  ? 12.888  -16.022 -3.242  1.00 46.40 ? 49  ASP A OD1 1 
ATOM   334  O  OD2 . ASP A 1 50  ? 11.751  -17.531 -4.392  1.00 26.45 ? 49  ASP A OD2 1 
ATOM   335  N  N   . LYS A 1 51  ? 8.671   -15.566 -5.596  1.00 42.89 ? 50  LYS A N   1 
ATOM   336  C  CA  . LYS A 1 51  ? 7.389   -16.281 -5.593  1.00 42.87 ? 50  LYS A CA  1 
ATOM   337  C  C   . LYS A 1 51  ? 7.339   -17.481 -4.628  1.00 42.61 ? 50  LYS A C   1 
ATOM   338  O  O   . LYS A 1 51  ? 6.529   -17.499 -3.702  1.00 42.39 ? 50  LYS A O   1 
ATOM   339  C  CB  . LYS A 1 51  ? 7.013   -16.729 -7.025  1.00 43.10 ? 50  LYS A CB  1 
ATOM   340  N  N   . GLU A 1 52  ? 8.208   -18.461 -4.822  1.00 43.37 ? 51  GLU A N   1 
ATOM   341  C  CA  . GLU A 1 52  ? 8.098   -19.699 -4.053  1.00 43.80 ? 51  GLU A CA  1 
ATOM   342  C  C   . GLU A 1 52  ? 8.325   -19.553 -2.545  1.00 44.07 ? 51  GLU A C   1 
ATOM   343  O  O   . GLU A 1 52  ? 7.630   -20.186 -1.755  1.00 42.40 ? 51  GLU A O   1 
ATOM   344  C  CB  . GLU A 1 52  ? 8.981   -20.800 -4.653  1.00 44.49 ? 51  GLU A CB  1 
ATOM   345  C  CG  . GLU A 1 52  ? 8.547   -21.231 -6.068  1.00 45.60 ? 51  GLU A CG  1 
ATOM   346  C  CD  . GLU A 1 52  ? 7.049   -21.544 -6.176  1.00 47.86 ? 51  GLU A CD  1 
ATOM   347  O  OE1 . GLU A 1 52  ? 6.552   -22.380 -5.393  1.00 50.23 ? 51  GLU A OE1 1 
ATOM   348  O  OE2 . GLU A 1 52  ? 6.369   -20.958 -7.047  1.00 45.68 ? 51  GLU A OE2 1 
ATOM   349  N  N   . GLN A 1 53  ? 9.269   -18.715 -2.137  1.00 45.76 ? 52  GLN A N   1 
ATOM   350  C  CA  . GLN A 1 53  ? 9.511   -18.537 -0.705  1.00 46.65 ? 52  GLN A CA  1 
ATOM   351  C  C   . GLN A 1 53  ? 8.254   -17.949 -0.056  1.00 46.61 ? 52  GLN A C   1 
ATOM   352  O  O   . GLN A 1 53  ? 7.792   -18.407 0.988   1.00 47.08 ? 52  GLN A O   1 
ATOM   353  C  CB  . GLN A 1 53  ? 10.732  -17.631 -0.472  1.00 47.61 ? 52  GLN A CB  1 
ATOM   354  C  CG  . GLN A 1 53  ? 11.341  -17.702 0.944   1.00 48.44 ? 52  GLN A CG  1 
ATOM   355  C  CD  . GLN A 1 53  ? 11.985  -19.050 1.296   1.00 52.65 ? 52  GLN A CD  1 
ATOM   356  O  OE1 . GLN A 1 53  ? 12.012  -19.992 0.498   1.00 56.69 ? 52  GLN A OE1 1 
ATOM   357  N  NE2 . GLN A 1 53  ? 12.512  -19.136 2.509   1.00 54.84 ? 52  GLN A NE2 1 
ATOM   358  N  N   . ARG A 1 54  ? 7.684   -16.949 -0.714  1.00 46.80 ? 53  ARG A N   1 
ATOM   359  C  CA  . ARG A 1 54  ? 6.481   -16.281 -0.236  1.00 47.00 ? 53  ARG A CA  1 
ATOM   360  C  C   . ARG A 1 54  ? 5.246   -17.171 -0.160  1.00 46.42 ? 53  ARG A C   1 
ATOM   361  O  O   . ARG A 1 54  ? 4.437   -17.042 0.760   1.00 46.89 ? 53  ARG A O   1 
ATOM   362  C  CB  . ARG A 1 54  ? 6.197   -15.094 -1.142  1.00 47.24 ? 53  ARG A CB  1 
ATOM   363  C  CG  . ARG A 1 54  ? 5.042   -14.250 -0.705  1.00 49.47 ? 53  ARG A CG  1 
ATOM   364  C  CD  . ARG A 1 54  ? 5.280   -12.794 -1.112  1.00 53.42 ? 53  ARG A CD  1 
ATOM   365  N  NE  . ARG A 1 54  ? 6.009   -12.712 -2.373  1.00 54.97 ? 53  ARG A NE  1 
ATOM   366  C  CZ  . ARG A 1 54  ? 5.466   -12.936 -3.564  1.00 55.56 ? 53  ARG A CZ  1 
ATOM   367  N  NH1 . ARG A 1 54  ? 4.167   -13.239 -3.659  1.00 53.46 ? 53  ARG A NH1 1 
ATOM   368  N  NH2 . ARG A 1 54  ? 6.226   -12.858 -4.659  1.00 51.23 ? 53  ARG A NH2 1 
ATOM   369  N  N   . ARG A 1 55  ? 5.092   -18.062 -1.130  1.00 46.12 ? 54  ARG A N   1 
ATOM   370  C  CA  . ARG A 1 55  ? 3.954   -18.979 -1.144  1.00 46.91 ? 54  ARG A CA  1 
ATOM   371  C  C   . ARG A 1 55  ? 4.059   -20.109 -0.114  1.00 46.11 ? 54  ARG A C   1 
ATOM   372  O  O   . ARG A 1 55  ? 3.059   -20.764 0.200   1.00 45.22 ? 54  ARG A O   1 
ATOM   373  C  CB  . ARG A 1 55  ? 3.759   -19.534 -2.554  1.00 46.99 ? 54  ARG A CB  1 
ATOM   374  C  CG  . ARG A 1 55  ? 3.384   -18.434 -3.533  1.00 50.04 ? 54  ARG A CG  1 
ATOM   375  C  CD  . ARG A 1 55  ? 2.952   -18.944 -4.897  1.00 50.41 ? 54  ARG A CD  1 
ATOM   376  N  NE  . ARG A 1 55  ? 2.664   -17.807 -5.774  1.00 53.85 ? 54  ARG A NE  1 
ATOM   377  C  CZ  . ARG A 1 55  ? 1.998   -17.885 -6.923  1.00 55.50 ? 54  ARG A CZ  1 
ATOM   378  N  NH1 . ARG A 1 55  ? 1.506   -19.045 -7.357  1.00 54.15 ? 54  ARG A NH1 1 
ATOM   379  N  NH2 . ARG A 1 55  ? 1.797   -16.781 -7.634  1.00 57.84 ? 54  ARG A NH2 1 
ATOM   380  N  N   . ALA A 1 56  ? 5.261   -20.324 0.416   1.00 45.69 ? 55  ALA A N   1 
ATOM   381  C  CA  . ALA A 1 56  ? 5.497   -21.363 1.420   1.00 45.77 ? 55  ALA A CA  1 
ATOM   382  C  C   . ALA A 1 56  ? 5.128   -20.926 2.844   1.00 45.72 ? 55  ALA A C   1 
ATOM   383  O  O   . ALA A 1 56  ? 4.948   -21.771 3.727   1.00 45.67 ? 55  ALA A O   1 
ATOM   384  C  CB  . ALA A 1 56  ? 6.947   -21.808 1.369   1.00 45.10 ? 55  ALA A CB  1 
ATOM   385  N  N   . ILE A 1 57  ? 4.997   -19.617 3.051   1.00 46.38 ? 56  ILE A N   1 
ATOM   386  C  CA  . ILE A 1 57  ? 4.693   -19.054 4.364   1.00 46.84 ? 56  ILE A CA  1 
ATOM   387  C  C   . ILE A 1 57  ? 3.315   -19.521 4.824   1.00 46.89 ? 56  ILE A C   1 
ATOM   388  O  O   . ILE A 1 57  ? 2.345   -19.334 4.100   1.00 47.68 ? 56  ILE A O   1 
ATOM   389  C  CB  . ILE A 1 57  ? 4.704   -17.513 4.322   1.00 46.82 ? 56  ILE A CB  1 
ATOM   390  C  CG1 . ILE A 1 57  ? 6.082   -16.984 3.931   1.00 47.89 ? 56  ILE A CG1 1 
ATOM   391  C  CG2 . ILE A 1 57  ? 4.288   -16.944 5.660   1.00 47.24 ? 56  ILE A CG2 1 
ATOM   392  C  CD1 . ILE A 1 57  ? 6.103   -15.497 3.656   1.00 47.39 ? 56  ILE A CD1 1 
ATOM   393  N  N   . PRO A 1 58  ? 3.214   -20.137 6.019   1.00 46.43 ? 57  PRO A N   1 
ATOM   394  C  CA  . PRO A 1 58  ? 1.902   -20.579 6.490   1.00 46.37 ? 57  PRO A CA  1 
ATOM   395  C  C   . PRO A 1 58  ? 0.971   -19.440 6.930   1.00 46.61 ? 57  PRO A C   1 
ATOM   396  O  O   . PRO A 1 58  ? 1.401   -18.290 7.042   1.00 47.96 ? 57  PRO A O   1 
ATOM   397  C  CB  . PRO A 1 58  ? 2.231   -21.481 7.689   1.00 46.84 ? 57  PRO A CB  1 
ATOM   398  C  CG  . PRO A 1 58  ? 3.709   -21.577 7.748   1.00 45.54 ? 57  PRO A CG  1 
ATOM   399  C  CD  . PRO A 1 58  ? 4.278   -20.461 6.983   1.00 46.61 ? 57  PRO A CD  1 
ATOM   400  N  N   . ILE A 1 59  ? -0.302  -19.774 7.141   1.00 45.99 ? 58  ILE A N   1 
ATOM   401  C  CA  . ILE A 1 59  ? -1.299  -18.830 7.636   1.00 45.02 ? 58  ILE A CA  1 
ATOM   402  C  C   . ILE A 1 59  ? -1.721  -19.310 9.012   1.00 45.13 ? 58  ILE A C   1 
ATOM   403  O  O   . ILE A 1 59  ? -2.727  -19.994 9.178   1.00 45.74 ? 58  ILE A O   1 
ATOM   404  C  CB  . ILE A 1 59  ? -2.523  -18.736 6.703   1.00 44.53 ? 58  ILE A CB  1 
ATOM   405  C  CG1 . ILE A 1 59  ? -2.070  -18.488 5.260   1.00 42.88 ? 58  ILE A CG1 1 
ATOM   406  C  CG2 . ILE A 1 59  ? -3.477  -17.633 7.161   1.00 46.33 ? 58  ILE A CG2 1 
ATOM   407  C  CD1 . ILE A 1 59  ? -1.076  -17.376 5.103   1.00 39.88 ? 58  ILE A CD1 1 
ATOM   408  N  N   . ILE A 1 60  ? -0.917  -18.972 10.007  1.00 44.49 ? 59  ILE A N   1 
ATOM   409  C  CA  . ILE A 1 60  ? -1.209  -19.361 11.372  1.00 43.68 ? 59  ILE A CA  1 
ATOM   410  C  C   . ILE A 1 60  ? -1.399  -18.112 12.207  1.00 42.80 ? 59  ILE A C   1 
ATOM   411  O  O   . ILE A 1 60  ? -0.503  -17.260 12.289  1.00 43.02 ? 59  ILE A O   1 
ATOM   412  C  CB  . ILE A 1 60  ? -0.090  -20.204 11.973  1.00 43.49 ? 59  ILE A CB  1 
ATOM   413  C  CG1 . ILE A 1 60  ? 0.080   -21.494 11.172  1.00 44.50 ? 59  ILE A CG1 1 
ATOM   414  C  CG2 . ILE A 1 60  ? -0.393  -20.517 13.433  1.00 44.34 ? 59  ILE A CG2 1 
ATOM   415  C  CD1 . ILE A 1 60  ? 1.175   -22.395 11.710  1.00 43.27 ? 59  ILE A CD1 1 
ATOM   416  N  N   . GLY A 1 61  ? -2.578  -18.012 12.806  1.00 41.74 ? 60  GLY A N   1 
ATOM   417  C  CA  . GLY A 1 61  ? -2.920  -16.909 13.669  1.00 41.05 ? 60  GLY A CA  1 
ATOM   418  C  C   . GLY A 1 61  ? -2.867  -15.593 12.934  1.00 40.56 ? 60  GLY A C   1 
ATOM   419  O  O   . GLY A 1 61  ? -3.142  -15.512 11.735  1.00 39.63 ? 60  GLY A O   1 
ATOM   420  N  N   . ASP A 1 62  ? -2.495  -14.561 13.669  1.00 40.25 ? 61  ASP A N   1 
ATOM   421  C  CA  . ASP A 1 62  ? -2.452  -13.229 13.127  1.00 41.14 ? 61  ASP A CA  1 
ATOM   422  C  C   . ASP A 1 62  ? -1.118  -13.008 12.426  1.00 39.38 ? 61  ASP A C   1 
ATOM   423  O  O   . ASP A 1 62  ? -0.098  -13.541 12.847  1.00 37.60 ? 61  ASP A O   1 
ATOM   424  C  CB  . ASP A 1 62  ? -2.645  -12.228 14.257  1.00 42.63 ? 61  ASP A CB  1 
ATOM   425  C  CG  . ASP A 1 62  ? -3.921  -12.476 15.035  1.00 45.66 ? 61  ASP A CG  1 
ATOM   426  O  OD1 . ASP A 1 62  ? -4.956  -12.776 14.403  1.00 47.76 ? 61  ASP A OD1 1 
ATOM   427  O  OD2 . ASP A 1 62  ? -3.880  -12.381 16.279  1.00 49.52 ? 61  ASP A OD2 1 
ATOM   428  N  N   . PRO A 1 63  ? -1.122  -12.229 11.346  1.00 39.81 ? 62  PRO A N   1 
ATOM   429  C  CA  . PRO A 1 63  ? 0.167   -11.962 10.724  1.00 39.49 ? 62  PRO A CA  1 
ATOM   430  C  C   . PRO A 1 63  ? 1.041   -11.159 11.681  1.00 39.13 ? 62  PRO A C   1 
ATOM   431  O  O   . PRO A 1 63  ? 0.519   -10.501 12.580  1.00 39.32 ? 62  PRO A O   1 
ATOM   432  C  CB  . PRO A 1 63  ? -0.190  -11.134 9.492   1.00 39.55 ? 62  PRO A CB  1 
ATOM   433  C  CG  . PRO A 1 63  ? -1.663  -11.250 9.334   1.00 40.21 ? 62  PRO A CG  1 
ATOM   434  C  CD  . PRO A 1 63  ? -2.229  -11.546 10.658  1.00 40.57 ? 62  PRO A CD  1 
ATOM   435  N  N   . ASP A 1 64  ? 2.355   -11.236 11.521  1.00 38.34 ? 63  ASP A N   1 
ATOM   436  C  CA  . ASP A 1 64  ? 3.244   -10.460 12.367  1.00 39.39 ? 63  ASP A CA  1 
ATOM   437  C  C   . ASP A 1 64  ? 2.900   -8.975  12.232  1.00 39.70 ? 63  ASP A C   1 
ATOM   438  O  O   . ASP A 1 64  ? 2.494   -8.531  11.165  1.00 38.55 ? 63  ASP A O   1 
ATOM   439  C  CB  . ASP A 1 64  ? 4.704   -10.688 11.979  1.00 39.45 ? 63  ASP A CB  1 
ATOM   440  C  CG  . ASP A 1 64  ? 5.199   -12.078 12.357  1.00 45.04 ? 63  ASP A CG  1 
ATOM   441  O  OD1 . ASP A 1 64  ? 4.453   -12.847 13.018  1.00 48.45 ? 63  ASP A OD1 1 
ATOM   442  O  OD2 . ASP A 1 64  ? 6.350   -12.405 11.999  1.00 54.90 ? 63  ASP A OD2 1 
ATOM   443  N  N   . PRO A 1 65  ? 3.050   -8.206  13.316  1.00 40.68 ? 64  PRO A N   1 
ATOM   444  C  CA  . PRO A 1 65  ? 2.773   -6.775  13.220  1.00 40.92 ? 64  PRO A CA  1 
ATOM   445  C  C   . PRO A 1 65  ? 3.607   -6.072  12.144  1.00 39.63 ? 64  PRO A C   1 
ATOM   446  O  O   . PRO A 1 65  ? 3.126   -5.139  11.497  1.00 38.17 ? 64  PRO A O   1 
ATOM   447  C  CB  . PRO A 1 65  ? 3.121   -6.256  14.625  1.00 41.65 ? 64  PRO A CB  1 
ATOM   448  C  CG  . PRO A 1 65  ? 3.009   -7.434  15.507  1.00 43.33 ? 64  PRO A CG  1 
ATOM   449  C  CD  . PRO A 1 65  ? 3.451   -8.599  14.678  1.00 41.75 ? 64  PRO A CD  1 
ATOM   450  N  N   . GLU A 1 66  ? 4.840   -6.519  11.942  1.00 38.86 ? 65  GLU A N   1 
ATOM   451  C  CA  . GLU A 1 66  ? 5.690   -5.962  10.886  1.00 40.00 ? 65  GLU A CA  1 
ATOM   452  C  C   . GLU A 1 66  ? 5.000   -6.046  9.504   1.00 37.95 ? 65  GLU A C   1 
ATOM   453  O  O   . GLU A 1 66  ? 5.040   -5.085  8.709   1.00 36.24 ? 65  GLU A O   1 
ATOM   454  C  CB  . GLU A 1 66  ? 7.043   -6.689  10.884  1.00 40.30 ? 65  GLU A CB  1 
ATOM   455  C  CG  . GLU A 1 66  ? 7.892   -6.418  9.692   1.00 46.19 ? 65  GLU A CG  1 
ATOM   456  C  CD  . GLU A 1 66  ? 9.296   -7.032  9.776   1.00 46.02 ? 65  GLU A CD  1 
ATOM   457  O  OE1 . GLU A 1 66  ? 9.540   -7.909  10.642  1.00 57.99 ? 65  GLU A OE1 1 
ATOM   458  O  OE2 . GLU A 1 66  ? 10.159  -6.637  8.948   1.00 60.85 ? 65  GLU A OE2 1 
ATOM   459  N  N   . ILE A 1 67  ? 4.358   -7.177  9.222   1.00 36.38 ? 66  ILE A N   1 
ATOM   460  C  CA  . ILE A 1 67  ? 3.632   -7.343  7.970   1.00 35.93 ? 66  ILE A CA  1 
ATOM   461  C  C   . ILE A 1 67  ? 2.463   -6.366  7.934   1.00 35.33 ? 66  ILE A C   1 
ATOM   462  O  O   . ILE A 1 67  ? 2.227   -5.724  6.926   1.00 34.52 ? 66  ILE A O   1 
ATOM   463  C  CB  . ILE A 1 67  ? 3.061   -8.771  7.806   1.00 37.94 ? 66  ILE A CB  1 
ATOM   464  C  CG1 . ILE A 1 67  ? 4.181   -9.795  7.698   1.00 40.27 ? 66  ILE A CG1 1 
ATOM   465  C  CG2 . ILE A 1 67  ? 2.203   -8.869  6.520   1.00 36.77 ? 66  ILE A CG2 1 
ATOM   466  C  CD1 . ILE A 1 67  ? 4.853   -9.771  6.351   1.00 46.82 ? 66  ILE A CD1 1 
ATOM   467  N  N   . LEU A 1 68  ? 1.714   -6.270  9.032   1.00 35.77 ? 67  LEU A N   1 
ATOM   468  C  CA  . LEU A 1 68  ? 0.579   -5.338  9.075   1.00 35.01 ? 67  LEU A CA  1 
ATOM   469  C  C   . LEU A 1 68  ? 1.032   -3.888  8.842   1.00 34.33 ? 67  LEU A C   1 
ATOM   470  O  O   . LEU A 1 68  ? 0.339   -3.135  8.164   1.00 33.57 ? 67  LEU A O   1 
ATOM   471  C  CB  . LEU A 1 68  ? -0.210  -5.487  10.377  1.00 34.81 ? 67  LEU A CB  1 
ATOM   472  C  CG  . LEU A 1 68  ? -0.945  -6.825  10.593  1.00 35.22 ? 67  LEU A CG  1 
ATOM   473  C  CD1 . LEU A 1 68  ? -1.674  -6.844  11.932  1.00 34.59 ? 67  LEU A CD1 1 
ATOM   474  C  CD2 . LEU A 1 68  ? -1.922  -7.090  9.461   1.00 33.49 ? 67  LEU A CD2 1 
ATOM   475  N  N   . TRP A 1 69  ? 2.204   -3.497  9.348   1.00 34.67 ? 68  TRP A N   1 
ATOM   476  C  CA  . TRP A 1 69  ? 2.704   -2.143  9.046   1.00 35.56 ? 68  TRP A CA  1 
ATOM   477  C  C   . TRP A 1 69  ? 2.987   -1.964  7.574   1.00 35.68 ? 68  TRP A C   1 
ATOM   478  O  O   . TRP A 1 69  ? 2.664   -0.911  6.996   1.00 34.91 ? 68  TRP A O   1 
ATOM   479  C  CB  . TRP A 1 69  ? 3.946   -1.763  9.837   1.00 37.04 ? 68  TRP A CB  1 
ATOM   480  C  CG  . TRP A 1 69  ? 3.618   -1.330  11.210  1.00 39.16 ? 68  TRP A CG  1 
ATOM   481  C  CD1 . TRP A 1 69  ? 3.626   -2.111  12.334  1.00 44.38 ? 68  TRP A CD1 1 
ATOM   482  C  CD2 . TRP A 1 69  ? 3.211   -0.026  11.634  1.00 40.54 ? 68  TRP A CD2 1 
ATOM   483  N  NE1 . TRP A 1 69  ? 3.257   -1.369  13.433  1.00 43.85 ? 68  TRP A NE1 1 
ATOM   484  C  CE2 . TRP A 1 69  ? 3.006   -0.084  13.036  1.00 42.77 ? 68  TRP A CE2 1 
ATOM   485  C  CE3 . TRP A 1 69  ? 3.033   1.188   10.985  1.00 41.17 ? 68  TRP A CE3 1 
ATOM   486  C  CZ2 . TRP A 1 69  ? 2.592   1.026   13.788  1.00 42.50 ? 68  TRP A CZ2 1 
ATOM   487  C  CZ3 . TRP A 1 69  ? 2.626   2.299   11.737  1.00 43.66 ? 68  TRP A CZ3 1 
ATOM   488  C  CH2 . TRP A 1 69  ? 2.412   2.205   13.118  1.00 42.12 ? 68  TRP A CH2 1 
ATOM   489  N  N   . ARG A 1 70  ? 3.587   -2.986  6.959   1.00 34.33 ? 69  ARG A N   1 
ATOM   490  C  CA  . ARG A 1 70  ? 3.905   -2.901  5.539   1.00 34.70 ? 69  ARG A CA  1 
ATOM   491  C  C   . ARG A 1 70  ? 2.652   -2.727  4.692   1.00 34.34 ? 69  ARG A C   1 
ATOM   492  O  O   . ARG A 1 70  ? 2.635   -1.917  3.755   1.00 34.62 ? 69  ARG A O   1 
ATOM   493  C  CB  . ARG A 1 70  ? 4.702   -4.115  5.084   1.00 33.39 ? 69  ARG A CB  1 
ATOM   494  C  CG  . ARG A 1 70  ? 6.108   -4.074  5.632   1.00 35.45 ? 69  ARG A CG  1 
ATOM   495  C  CD  . ARG A 1 70  ? 7.100   -4.780  4.782   1.00 41.40 ? 69  ARG A CD  1 
ATOM   496  N  NE  . ARG A 1 70  ? 6.916   -6.214  4.801   1.00 42.75 ? 69  ARG A NE  1 
ATOM   497  C  CZ  . ARG A 1 70  ? 7.498   -7.042  5.664   1.00 43.85 ? 69  ARG A CZ  1 
ATOM   498  N  NH1 . ARG A 1 70  ? 8.288   -6.595  6.615   1.00 45.01 ? 69  ARG A NH1 1 
ATOM   499  N  NH2 . ARG A 1 70  ? 7.267   -8.334  5.578   1.00 47.69 ? 69  ARG A NH2 1 
ATOM   500  N  N   . VAL A 1 71  ? 1.618   -3.484  5.022   1.00 33.29 ? 70  VAL A N   1 
ATOM   501  C  CA  . VAL A 1 71  ? 0.345   -3.375  4.300   1.00 34.67 ? 70  VAL A CA  1 
ATOM   502  C  C   . VAL A 1 71  ? -0.296  -2.010  4.524   1.00 35.14 ? 70  VAL A C   1 
ATOM   503  O  O   . VAL A 1 71  ? -0.785  -1.382  3.585   1.00 36.91 ? 70  VAL A O   1 
ATOM   504  C  CB  . VAL A 1 71  ? -0.648  -4.485  4.775   1.00 34.65 ? 70  VAL A CB  1 
ATOM   505  C  CG1 . VAL A 1 71  ? -2.033  -4.297  4.134   1.00 32.61 ? 70  VAL A CG1 1 
ATOM   506  C  CG2 . VAL A 1 71  ? -0.068  -5.870  4.488   1.00 31.57 ? 70  VAL A CG2 1 
ATOM   507  N  N   . GLU A 1 72  ? -0.325  -1.561  5.773   1.00 34.93 ? 71  GLU A N   1 
ATOM   508  C  CA  . GLU A 1 72  ? -0.926  -0.273  6.087   1.00 38.01 ? 71  GLU A CA  1 
ATOM   509  C  C   . GLU A 1 72  ? -0.232  0.854   5.324   1.00 37.08 ? 71  GLU A C   1 
ATOM   510  O  O   . GLU A 1 72  ? -0.893  1.648   4.668   1.00 38.07 ? 71  GLU A O   1 
ATOM   511  C  CB  . GLU A 1 72  ? -0.833  0.028   7.590   1.00 39.03 ? 71  GLU A CB  1 
ATOM   512  C  CG  . GLU A 1 72  ? -1.722  1.193   8.051   1.00 46.94 ? 71  GLU A CG  1 
ATOM   513  C  CD  . GLU A 1 72  ? -3.154  0.762   8.440   1.00 58.06 ? 71  GLU A CD  1 
ATOM   514  O  OE1 . GLU A 1 72  ? -3.339  -0.394  8.903   1.00 60.48 ? 71  GLU A OE1 1 
ATOM   515  O  OE2 . GLU A 1 72  ? -4.094  1.592   8.304   1.00 62.57 ? 71  GLU A OE2 1 
ATOM   516  N  N   . LEU A 1 73  ? 1.092   0.930   5.412   1.00 36.18 ? 72  LEU A N   1 
ATOM   517  C  CA  . LEU A 1 73  ? 1.831   2.012   4.747   1.00 36.78 ? 72  LEU A CA  1 
ATOM   518  C  C   . LEU A 1 73  ? 1.728   1.924   3.226   1.00 35.76 ? 72  LEU A C   1 
ATOM   519  O  O   . LEU A 1 73  ? 1.674   2.953   2.556   1.00 37.18 ? 72  LEU A O   1 
ATOM   520  C  CB  . LEU A 1 73  ? 3.294   2.095   5.231   1.00 36.36 ? 72  LEU A CB  1 
ATOM   521  C  CG  . LEU A 1 73  ? 3.508   2.964   6.482   1.00 39.39 ? 72  LEU A CG  1 
ATOM   522  C  CD1 . LEU A 1 73  ? 2.570   2.565   7.587   1.00 38.79 ? 72  LEU A CD1 1 
ATOM   523  C  CD2 . LEU A 1 73  ? 4.968   2.926   6.957   1.00 38.30 ? 72  LEU A CD2 1 
ATOM   524  N  N   . PHE A 1 74  ? 1.686   0.701   2.693   1.00 35.49 ? 73  PHE A N   1 
ATOM   525  C  CA  . PHE A 1 74  ? 1.422   0.477   1.265   1.00 36.54 ? 73  PHE A CA  1 
ATOM   526  C  C   . PHE A 1 74  ? 0.113   1.125   0.816   1.00 36.70 ? 73  PHE A C   1 
ATOM   527  O  O   . PHE A 1 74  ? 0.069   1.840   -0.182  1.00 36.45 ? 73  PHE A O   1 
ATOM   528  C  CB  . PHE A 1 74  ? 1.375   -1.015  0.996   1.00 36.12 ? 73  PHE A CB  1 
ATOM   529  C  CG  . PHE A 1 74  ? 1.008   -1.408  -0.427  1.00 39.26 ? 73  PHE A CG  1 
ATOM   530  C  CD1 . PHE A 1 74  ? -0.322  -1.598  -0.794  1.00 40.13 ? 73  PHE A CD1 1 
ATOM   531  C  CD2 . PHE A 1 74  ? 1.990   -1.683  -1.363  1.00 42.42 ? 73  PHE A CD2 1 
ATOM   532  C  CE1 . PHE A 1 74  ? -0.673  -1.984  -2.094  1.00 38.48 ? 73  PHE A CE1 1 
ATOM   533  C  CE2 . PHE A 1 74  ? 1.653   -2.081  -2.678  1.00 39.15 ? 73  PHE A CE2 1 
ATOM   534  C  CZ  . PHE A 1 74  ? 0.321   -2.220  -3.040  1.00 42.92 ? 73  PHE A CZ  1 
ATOM   535  N  N   . TYR A 1 75  ? -0.972  0.841   1.520   1.00 37.00 ? 74  TYR A N   1 
ATOM   536  C  CA  . TYR A 1 75  ? -2.251  1.480   1.180   1.00 37.25 ? 74  TYR A CA  1 
ATOM   537  C  C   . TYR A 1 75  ? -2.254  2.981   1.500   1.00 37.24 ? 74  TYR A C   1 
ATOM   538  O  O   . TYR A 1 75  ? -2.884  3.754   0.768   1.00 37.25 ? 74  TYR A O   1 
ATOM   539  C  CB  . TYR A 1 75  ? -3.437  0.736   1.795   1.00 37.19 ? 74  TYR A CB  1 
ATOM   540  C  CG  . TYR A 1 75  ? -3.764  -0.544  1.056   1.00 38.38 ? 74  TYR A CG  1 
ATOM   541  C  CD1 . TYR A 1 75  ? -4.502  -0.523  -0.103  1.00 40.57 ? 74  TYR A CD1 1 
ATOM   542  C  CD2 . TYR A 1 75  ? -3.298  -1.769  1.503   1.00 38.73 ? 74  TYR A CD2 1 
ATOM   543  C  CE1 . TYR A 1 75  ? -4.793  -1.687  -0.782  1.00 40.44 ? 74  TYR A CE1 1 
ATOM   544  C  CE2 . TYR A 1 75  ? -3.580  -2.920  0.830   1.00 43.28 ? 74  TYR A CE2 1 
ATOM   545  C  CZ  . TYR A 1 75  ? -4.339  -2.875  -0.306  1.00 42.76 ? 74  TYR A CZ  1 
ATOM   546  O  OH  . TYR A 1 75  ? -4.631  -4.039  -0.967  1.00 44.42 ? 74  TYR A OH  1 
ATOM   547  N  N   . ASN A 1 76  ? -1.545  3.412   2.539   1.00 35.60 ? 75  ASN A N   1 
ATOM   548  C  CA  . ASN A 1 76  ? -1.401  4.864   2.785   1.00 36.30 ? 75  ASN A CA  1 
ATOM   549  C  C   . ASN A 1 76  ? -0.799  5.531   1.518   1.00 36.61 ? 75  ASN A C   1 
ATOM   550  O  O   . ASN A 1 76  ? -1.231  6.602   1.089   1.00 35.87 ? 75  ASN A O   1 
ATOM   551  C  CB  . ASN A 1 76  ? -0.455  5.191   3.945   1.00 36.19 ? 75  ASN A CB  1 
ATOM   552  C  CG  . ASN A 1 76  ? -1.035  4.899   5.304   1.00 39.04 ? 75  ASN A CG  1 
ATOM   553  O  OD1 . ASN A 1 76  ? -2.193  4.519   5.431   1.00 38.15 ? 75  ASN A OD1 1 
ATOM   554  N  ND2 . ASN A 1 76  ? -0.221  5.111   6.346   1.00 33.50 ? 75  ASN A ND2 1 
ATOM   555  N  N   . ALA A 1 77  ? 0.217   4.895   0.964   1.00 35.73 ? 76  ALA A N   1 
ATOM   556  C  CA  . ALA A 1 77  ? 0.905   5.397   -0.203  1.00 35.02 ? 76  ALA A CA  1 
ATOM   557  C  C   . ALA A 1 77  ? -0.033  5.425   -1.420  1.00 35.97 ? 76  ALA A C   1 
ATOM   558  O  O   . ALA A 1 77  ? -0.009  6.365   -2.212  1.00 34.48 ? 76  ALA A O   1 
ATOM   559  C  CB  . ALA A 1 77  ? 2.164   4.526   -0.495  1.00 33.27 ? 76  ALA A CB  1 
ATOM   560  N  N   . VAL A 1 78  ? -0.862  4.403   -1.581  1.00 36.88 ? 77  VAL A N   1 
ATOM   561  C  CA  . VAL A 1 78  ? -1.830  4.451   -2.676  1.00 36.53 ? 77  VAL A CA  1 
ATOM   562  C  C   . VAL A 1 78  ? -2.711  5.696   -2.506  1.00 36.82 ? 77  VAL A C   1 
ATOM   563  O  O   . VAL A 1 78  ? -2.913  6.450   -3.452  1.00 35.94 ? 77  VAL A O   1 
ATOM   564  C  CB  . VAL A 1 78  ? -2.697  3.202   -2.742  1.00 36.75 ? 77  VAL A CB  1 
ATOM   565  C  CG1 . VAL A 1 78  ? -3.790  3.369   -3.821  1.00 35.11 ? 77  VAL A CG1 1 
ATOM   566  C  CG2 . VAL A 1 78  ? -1.831  1.989   -3.042  1.00 34.72 ? 77  VAL A CG2 1 
ATOM   567  N  N   . GLY A 1 79  ? -3.199  5.927   -1.288  1.00 36.14 ? 78  GLY A N   1 
ATOM   568  C  CA  . GLY A 1 79  ? -4.064  7.087   -1.014  1.00 35.78 ? 78  GLY A CA  1 
ATOM   569  C  C   . GLY A 1 79  ? -3.422  8.422   -1.294  1.00 35.56 ? 78  GLY A C   1 
ATOM   570  O  O   . GLY A 1 79  ? -4.030  9.322   -1.917  1.00 34.97 ? 78  GLY A O   1 
ATOM   571  N  N   . LEU A 1 80  ? -2.193  8.589   -0.820  1.00 36.84 ? 79  LEU A N   1 
ATOM   572  C  CA  . LEU A 1 80  ? -1.488  9.865   -1.006  1.00 36.59 ? 79  LEU A CA  1 
ATOM   573  C  C   . LEU A 1 80  ? -1.080  10.105  -2.466  1.00 36.70 ? 79  LEU A C   1 
ATOM   574  O  O   . LEU A 1 80  ? -1.047  11.244  -2.914  1.00 38.18 ? 79  LEU A O   1 
ATOM   575  C  CB  . LEU A 1 80  ? -0.304  9.971   -0.049  1.00 35.94 ? 79  LEU A CB  1 
ATOM   576  C  CG  . LEU A 1 80  ? -0.772  10.295  1.385   1.00 39.97 ? 79  LEU A CG  1 
ATOM   577  C  CD1 . LEU A 1 80  ? 0.240   9.870   2.410   1.00 42.90 ? 79  LEU A CD1 1 
ATOM   578  C  CD2 . LEU A 1 80  ? -1.100  11.774  1.529   1.00 40.88 ? 79  LEU A CD2 1 
ATOM   579  N  N   . ALA A 1 81  ? -0.798  9.035   -3.210  1.00 36.50 ? 80  ALA A N   1 
ATOM   580  C  CA  . ALA A 1 81  ? -0.469  9.161   -4.637  1.00 35.01 ? 80  ALA A CA  1 
ATOM   581  C  C   . ALA A 1 81  ? -1.740  9.567   -5.390  1.00 35.48 ? 80  ALA A C   1 
ATOM   582  O  O   . ALA A 1 81  ? -1.698  10.391  -6.315  1.00 33.19 ? 80  ALA A O   1 
ATOM   583  C  CB  . ALA A 1 81  ? 0.078   7.841   -5.196  1.00 35.32 ? 80  ALA A CB  1 
ATOM   584  N  N   . THR A 1 82  ? -2.866  8.954   -5.018  1.00 35.01 ? 81  THR A N   1 
ATOM   585  C  CA  . THR A 1 82  ? -4.149  9.303   -5.618  1.00 35.52 ? 81  THR A CA  1 
ATOM   586  C  C   . THR A 1 82  ? -4.495  10.772  -5.384  1.00 35.72 ? 81  THR A C   1 
ATOM   587  O  O   . THR A 1 82  ? -4.994  11.465  -6.293  1.00 37.37 ? 81  THR A O   1 
ATOM   588  C  CB  . THR A 1 82  ? -5.258  8.397   -5.069  1.00 35.39 ? 81  THR A CB  1 
ATOM   589  O  OG1 . THR A 1 82  ? -4.922  7.036   -5.372  1.00 35.35 ? 81  THR A OG1 1 
ATOM   590  C  CG2 . THR A 1 82  ? -6.608  8.782   -5.650  1.00 33.34 ? 81  THR A CG2 1 
ATOM   591  N  N   . GLU A 1 83  ? -4.227  11.273  -4.178  1.00 35.14 ? 82  GLU A N   1 
ATOM   592  C  CA  . GLU A 1 83  ? -4.480  12.692  -3.904  1.00 35.74 ? 82  GLU A CA  1 
ATOM   593  C  C   . GLU A 1 83  ? -3.558  13.605  -4.728  1.00 35.47 ? 82  GLU A C   1 
ATOM   594  O  O   . GLU A 1 83  ? -3.972  14.684  -5.183  1.00 35.40 ? 82  GLU A O   1 
ATOM   595  C  CB  . GLU A 1 83  ? -4.299  13.008  -2.422  1.00 34.27 ? 82  GLU A CB  1 
ATOM   596  C  CG  . GLU A 1 83  ? -4.514  14.474  -2.084  1.00 33.88 ? 82  GLU A CG  1 
ATOM   597  C  CD  . GLU A 1 83  ? -4.190  14.765  -0.629  1.00 38.67 ? 82  GLU A CD  1 
ATOM   598  O  OE1 . GLU A 1 83  ? -3.773  13.824  0.071   1.00 43.49 ? 82  GLU A OE1 1 
ATOM   599  O  OE2 . GLU A 1 83  ? -4.320  15.936  -0.200  1.00 39.67 ? 82  GLU A OE2 1 
ATOM   600  N  N   . ARG A 1 84  ? -2.306  13.200  -4.888  1.00 34.20 ? 83  ARG A N   1 
ATOM   601  C  CA  . ARG A 1 84  ? -1.345  14.004  -5.642  1.00 34.21 ? 83  ARG A CA  1 
ATOM   602  C  C   . ARG A 1 84  ? -1.780  14.100  -7.099  1.00 34.56 ? 83  ARG A C   1 
ATOM   603  O  O   . ARG A 1 84  ? -1.621  15.151  -7.727  1.00 33.96 ? 83  ARG A O   1 
ATOM   604  C  CB  . ARG A 1 84  ? 0.075   13.428  -5.517  1.00 34.91 ? 83  ARG A CB  1 
ATOM   605  C  CG  . ARG A 1 84  ? 1.161   14.341  -6.063  1.00 34.34 ? 83  ARG A CG  1 
ATOM   606  C  CD  . ARG A 1 84  ? 2.529   13.803  -5.804  1.00 36.06 ? 83  ARG A CD  1 
ATOM   607  N  NE  . ARG A 1 84  ? 2.862   13.841  -4.386  1.00 37.72 ? 83  ARG A NE  1 
ATOM   608  C  CZ  . ARG A 1 84  ? 3.326   14.916  -3.744  1.00 44.51 ? 83  ARG A CZ  1 
ATOM   609  N  NH1 . ARG A 1 84  ? 3.502   16.082  -4.364  1.00 45.23 ? 83  ARG A NH1 1 
ATOM   610  N  NH2 . ARG A 1 84  ? 3.599   14.829  -2.455  1.00 47.70 ? 83  ARG A NH2 1 
ATOM   611  N  N   . ALA A 1 85  ? -2.375  13.028  -7.617  1.00 34.47 ? 84  ALA A N   1 
ATOM   612  C  CA  . ALA A 1 85  ? -2.847  13.009  -9.009  1.00 35.87 ? 84  ALA A CA  1 
ATOM   613  C  C   . ALA A 1 85  ? -4.250  13.575  -9.215  1.00 35.61 ? 84  ALA A C   1 
ATOM   614  O  O   . ALA A 1 85  ? -4.714  13.676  -10.358 1.00 37.62 ? 84  ALA A O   1 
ATOM   615  C  CB  . ALA A 1 85  ? -2.789  11.587  -9.556  1.00 35.93 ? 84  ALA A CB  1 
ATOM   616  N  N   . SER A 1 86  ? -4.938  13.927  -8.134  1.00 37.58 ? 85  SER A N   1 
ATOM   617  C  CA  . SER A 1 86  ? -6.337  14.352  -8.221  1.00 37.75 ? 85  SER A CA  1 
ATOM   618  C  C   . SER A 1 86  ? -6.750  15.553  -7.379  1.00 38.66 ? 85  SER A C   1 
ATOM   619  O  O   . SER A 1 86  ? -7.726  16.227  -7.713  1.00 39.11 ? 85  SER A O   1 
ATOM   620  C  CB  . SER A 1 86  ? -7.267  13.189  -7.888  1.00 37.76 ? 85  SER A CB  1 
ATOM   621  O  OG  . SER A 1 86  ? -7.292  12.885  -6.499  1.00 36.47 ? 85  SER A OG  1 
ATOM   622  N  N   . GLY A 1 87  ? -6.032  15.835  -6.301  1.00 37.96 ? 86  GLY A N   1 
ATOM   623  C  CA  . GLY A 1 87  ? -6.431  16.892  -5.393  1.00 38.55 ? 86  GLY A CA  1 
ATOM   624  C  C   . GLY A 1 87  ? -7.481  16.417  -4.396  1.00 38.77 ? 86  GLY A C   1 
ATOM   625  O  O   . GLY A 1 87  ? -7.909  17.200  -3.552  1.00 39.57 ? 86  GLY A O   1 
ATOM   626  N  N   . VAL A 1 88  ? -7.902  15.152  -4.485  1.00 38.08 ? 87  VAL A N   1 
ATOM   627  C  CA  . VAL A 1 88  ? -8.881  14.592  -3.533  1.00 38.41 ? 87  VAL A CA  1 
ATOM   628  C  C   . VAL A 1 88  ? -8.187  13.761  -2.450  1.00 38.79 ? 87  VAL A C   1 
ATOM   629  O  O   . VAL A 1 88  ? -7.478  12.839  -2.751  1.00 37.80 ? 87  VAL A O   1 
ATOM   630  C  CB  . VAL A 1 88  ? -9.910  13.681  -4.232  1.00 38.20 ? 87  VAL A CB  1 
ATOM   631  C  CG1 . VAL A 1 88  ? -10.877 13.090  -3.204  1.00 38.44 ? 87  VAL A CG1 1 
ATOM   632  C  CG2 . VAL A 1 88  ? -10.668 14.447  -5.322  1.00 34.54 ? 87  VAL A CG2 1 
HETATM 633  N  N   . MSE A 1 89  ? -8.410  14.076  -1.186  1.00 41.94 ? 88  MSE A N   1 
HETATM 634  C  CA  . MSE A 1 89  ? -7.836  13.285  -0.119  1.00 45.68 ? 88  MSE A CA  1 
HETATM 635  C  C   . MSE A 1 89  ? -8.415  11.851  -0.103  1.00 42.48 ? 88  MSE A C   1 
HETATM 636  O  O   . MSE A 1 89  ? -9.623  11.640  -0.311  1.00 39.65 ? 88  MSE A O   1 
HETATM 637  C  CB  . MSE A 1 89  ? -8.087  13.967  1.197   1.00 44.44 ? 88  MSE A CB  1 
HETATM 638  C  CG  . MSE A 1 89  ? -7.256  13.393  2.311   1.00 49.33 ? 88  MSE A CG  1 
HETATM 639  SE SE  . MSE A 1 89  ? -7.383  14.476  3.930   0.75 62.57 ? 88  MSE A SE  1 
HETATM 640  C  CE  . MSE A 1 89  ? -7.321  16.353  3.223   1.00 37.52 ? 88  MSE A CE  1 
ATOM   641  N  N   . VAL A 1 90  ? -7.538  10.878  0.113   1.00 40.25 ? 89  VAL A N   1 
ATOM   642  C  CA  . VAL A 1 90  ? -7.909  9.462   0.110   1.00 42.01 ? 89  VAL A CA  1 
ATOM   643  C  C   . VAL A 1 90  ? -7.223  8.763   1.277   1.00 45.32 ? 89  VAL A C   1 
ATOM   644  O  O   . VAL A 1 90  ? -5.991  8.680   1.301   1.00 47.18 ? 89  VAL A O   1 
ATOM   645  C  CB  . VAL A 1 90  ? -7.498  8.801   -1.202  1.00 41.03 ? 89  VAL A CB  1 
ATOM   646  C  CG1 . VAL A 1 90  ? -7.822  7.315   -1.203  1.00 42.62 ? 89  VAL A CG1 1 
ATOM   647  C  CG2 . VAL A 1 90  ? -8.183  9.498   -2.352  1.00 36.27 ? 89  VAL A CG2 1 
ATOM   648  N  N   . SER A 1 91  ? -8.019  8.286   2.239   1.00 46.71 ? 90  SER A N   1 
ATOM   649  C  CA  . SER A 1 91  ? -7.493  7.640   3.445   1.00 47.28 ? 90  SER A CA  1 
ATOM   650  C  C   . SER A 1 91  ? -7.991  6.196   3.674   1.00 45.64 ? 90  SER A C   1 
ATOM   651  O  O   . SER A 1 91  ? -9.164  5.873   3.457   1.00 42.93 ? 90  SER A O   1 
ATOM   652  C  CB  . SER A 1 91  ? -7.852  8.453   4.674   1.00 46.95 ? 90  SER A CB  1 
ATOM   653  O  OG  . SER A 1 91  ? -9.233  8.338   4.945   1.00 56.28 ? 90  SER A OG  1 
ATOM   654  N  N   . PRO A 1 92  ? -7.088  5.330   4.137   1.00 44.38 ? 91  PRO A N   1 
ATOM   655  C  CA  . PRO A 1 92  ? -7.427  3.940   4.350   1.00 42.37 ? 91  PRO A CA  1 
ATOM   656  C  C   . PRO A 1 92  ? -8.177  3.632   5.645   1.00 41.01 ? 91  PRO A C   1 
ATOM   657  O  O   . PRO A 1 92  ? -8.092  4.357   6.635   1.00 40.06 ? 91  PRO A O   1 
ATOM   658  C  CB  . PRO A 1 92  ? -6.057  3.252   4.380   1.00 43.47 ? 91  PRO A CB  1 
ATOM   659  C  CG  . PRO A 1 92  ? -5.053  4.340   3.917   1.00 45.61 ? 91  PRO A CG  1 
ATOM   660  C  CD  . PRO A 1 92  ? -5.672  5.578   4.435   1.00 44.98 ? 91  PRO A CD  1 
HETATM 661  N  N   . MSE A 1 93  ? -8.903  2.528   5.616   1.00 39.88 ? 92  MSE A N   1 
HETATM 662  C  CA  . MSE A 1 93  ? -9.508  1.990   6.794   1.00 39.29 ? 92  MSE A CA  1 
HETATM 663  C  C   . MSE A 1 93  ? -9.390  0.465   6.694   1.00 39.70 ? 92  MSE A C   1 
HETATM 664  O  O   . MSE A 1 93  ? -9.964  -0.139  5.785   1.00 37.10 ? 92  MSE A O   1 
HETATM 665  C  CB  . MSE A 1 93  ? -10.955 2.452   6.886   1.00 38.29 ? 92  MSE A CB  1 
HETATM 666  C  CG  . MSE A 1 93  ? -11.590 2.104   8.174   1.00 41.71 ? 92  MSE A CG  1 
HETATM 667  SE SE  . MSE A 1 93  ? -13.450 2.684   8.205   0.75 38.28 ? 92  MSE A SE  1 
HETATM 668  C  CE  . MSE A 1 93  ? -13.923 1.816   9.819   1.00 40.27 ? 92  MSE A CE  1 
HETATM 669  N  N   . MSE A 1 94  ? -8.609  -0.145  7.589   1.00 40.68 ? 93  MSE A N   1 
HETATM 670  C  CA  . MSE A 1 94  ? -8.424  -1.599  7.568   1.00 46.09 ? 93  MSE A CA  1 
HETATM 671  C  C   . MSE A 1 94  ? -9.008  -2.210  8.799   1.00 43.88 ? 93  MSE A C   1 
HETATM 672  O  O   . MSE A 1 94  ? -8.942  -1.637  9.885   1.00 43.43 ? 93  MSE A O   1 
HETATM 673  C  CB  . MSE A 1 94  ? -6.954  -2.035  7.488   1.00 46.39 ? 93  MSE A CB  1 
HETATM 674  C  CG  . MSE A 1 94  ? -6.759  -3.622  7.374   1.00 38.24 ? 93  MSE A CG  1 
HETATM 675  SE SE  . MSE A 1 94  ? -4.928  -3.917  7.073   0.75 63.07 ? 93  MSE A SE  1 
HETATM 676  C  CE  . MSE A 1 94  ? -5.026  -5.822  6.665   1.00 58.32 ? 93  MSE A CE  1 
ATOM   677  N  N   . LYS A 1 95  ? -9.563  -3.397  8.623   1.00 43.17 ? 94  LYS A N   1 
ATOM   678  C  CA  . LYS A 1 95  ? -10.152 -4.137  9.720   1.00 42.74 ? 94  LYS A CA  1 
ATOM   679  C  C   . LYS A 1 95  ? -9.785  -5.587  9.477   1.00 42.52 ? 94  LYS A C   1 
ATOM   680  O  O   . LYS A 1 95  ? -10.283 -6.217  8.535   1.00 41.17 ? 94  LYS A O   1 
ATOM   681  C  CB  . LYS A 1 95  ? -11.676 -3.937  9.745   1.00 42.39 ? 94  LYS A CB  1 
ATOM   682  C  CG  . LYS A 1 95  ? -12.443 -4.729  10.809  1.00 44.77 ? 94  LYS A CG  1 
ATOM   683  C  CD  . LYS A 1 95  ? -12.040 -4.331  12.221  1.00 46.94 ? 94  LYS A CD  1 
ATOM   684  C  CE  . LYS A 1 95  ? -12.913 -4.987  13.276  1.00 48.35 ? 94  LYS A CE  1 
ATOM   685  N  NZ  . LYS A 1 95  ? -14.355 -4.757  13.010  1.00 51.12 ? 94  LYS A NZ  1 
HETATM 686  N  N   . MSE A 1 96  ? -8.890  -6.109  10.311  1.00 42.20 ? 95  MSE A N   1 
HETATM 687  C  CA  . MSE A 1 96  ? -8.498  -7.497  10.199  1.00 42.51 ? 95  MSE A CA  1 
HETATM 688  C  C   . MSE A 1 96  ? -9.572  -8.354  10.853  1.00 45.21 ? 95  MSE A C   1 
HETATM 689  O  O   . MSE A 1 96  ? -10.185 -7.965  11.850  1.00 44.26 ? 95  MSE A O   1 
HETATM 690  C  CB  . MSE A 1 96  ? -7.140  -7.759  10.851  1.00 41.38 ? 95  MSE A CB  1 
HETATM 691  C  CG  . MSE A 1 96  ? -5.952  -7.275  10.061  1.00 41.70 ? 95  MSE A CG  1 
HETATM 692  SE SE  . MSE A 1 96  ? -5.808  -7.971  8.208   0.75 36.92 ? 95  MSE A SE  1 
HETATM 693  C  CE  . MSE A 1 96  ? -5.575  -9.854  8.636   1.00 37.40 ? 95  MSE A CE  1 
ATOM   694  N  N   . SER A 1 97  ? -9.782  -9.523  10.266  1.00 47.77 ? 96  SER A N   1 
ATOM   695  C  CA  . SER A 1 97  ? -10.769 -10.469 10.722  1.00 50.58 ? 96  SER A CA  1 
ATOM   696  C  C   . SER A 1 97  ? -10.024 -11.585 11.436  1.00 52.39 ? 96  SER A C   1 
ATOM   697  O  O   . SER A 1 97  ? -8.928  -11.379 11.969  1.00 54.05 ? 96  SER A O   1 
ATOM   698  C  CB  . SER A 1 97  ? -11.555 -10.986 9.514   1.00 50.12 ? 96  SER A CB  1 
ATOM   699  O  OG  . SER A 1 97  ? -12.588 -11.857 9.905   1.00 55.45 ? 96  SER A OG  1 
ATOM   700  N  N   . HIS A 1 98  ? -10.614 -12.766 11.446  1.00 54.26 ? 97  HIS A N   1 
ATOM   701  C  CA  . HIS A 1 98  ? -10.040 -13.918 12.152  1.00 54.84 ? 97  HIS A CA  1 
ATOM   702  C  C   . HIS A 1 98  ? -8.517  -14.119 12.064  1.00 54.08 ? 97  HIS A C   1 
ATOM   703  O  O   . HIS A 1 98  ? -7.828  -13.964 13.081  1.00 55.81 ? 97  HIS A O   1 
ATOM   704  C  CB  . HIS A 1 98  ? -10.795 -15.224 11.809  1.00 55.45 ? 97  HIS A CB  1 
ATOM   705  C  CG  . HIS A 1 98  ? -11.304 -15.297 10.400  1.00 58.83 ? 97  HIS A CG  1 
ATOM   706  N  ND1 . HIS A 1 98  ? -12.386 -14.562 9.959   1.00 62.10 ? 97  HIS A ND1 1 
ATOM   707  C  CD2 . HIS A 1 98  ? -10.908 -16.048 9.345   1.00 63.18 ? 97  HIS A CD2 1 
ATOM   708  C  CE1 . HIS A 1 98  ? -12.618 -14.838 8.687   1.00 64.09 ? 97  HIS A CE1 1 
ATOM   709  N  NE2 . HIS A 1 98  ? -11.736 -15.738 8.290   1.00 65.47 ? 97  HIS A NE2 1 
ATOM   710  N  N   . GLU A 1 99  ? -7.974  -14.476 10.903  1.00 51.60 ? 98  GLU A N   1 
ATOM   711  C  CA  . GLU A 1 99  ? -6.547  -14.854 10.869  1.00 50.18 ? 98  GLU A CA  1 
ATOM   712  C  C   . GLU A 1 99  ? -5.771  -13.996 9.895   1.00 48.32 ? 98  GLU A C   1 
ATOM   713  O  O   . GLU A 1 99  ? -5.494  -12.824 10.186  1.00 47.29 ? 98  GLU A O   1 
ATOM   714  C  CB  . GLU A 1 99  ? -6.378  -16.347 10.571  1.00 49.92 ? 98  GLU A CB  1 
ATOM   715  C  CG  . GLU A 1 99  ? -6.900  -17.259 11.681  1.00 51.41 ? 98  GLU A CG  1 
ATOM   716  C  CD  . GLU A 1 99  ? -6.292  -18.648 11.626  1.00 51.68 ? 98  GLU A CD  1 
ATOM   717  O  OE1 . GLU A 1 99  ? -5.989  -19.132 10.514  1.00 58.18 ? 98  GLU A OE1 1 
ATOM   718  O  OE2 . GLU A 1 99  ? -6.105  -19.256 12.695  1.00 53.77 ? 98  GLU A OE2 1 
ATOM   719  N  N   . GLY A 1 100 ? -5.429  -14.557 8.740   1.00 46.81 ? 99  GLY A N   1 
ATOM   720  C  CA  . GLY A 1 100 ? -4.819  -13.768 7.680   1.00 44.83 ? 99  GLY A CA  1 
ATOM   721  C  C   . GLY A 1 100 ? -5.879  -13.084 6.832   1.00 42.71 ? 99  GLY A C   1 
ATOM   722  O  O   . GLY A 1 100 ? -5.570  -12.602 5.753   1.00 42.29 ? 99  GLY A O   1 
ATOM   723  N  N   . PHE A 1 101 ? -7.123  -13.064 7.318   1.00 41.65 ? 100 PHE A N   1 
ATOM   724  C  CA  . PHE A 1 101 ? -8.257  -12.457 6.616   1.00 42.08 ? 100 PHE A CA  1 
ATOM   725  C  C   . PHE A 1 101 ? -8.583  -11.066 7.136   1.00 40.70 ? 100 PHE A C   1 
ATOM   726  O  O   . PHE A 1 101 ? -8.473  -10.799 8.338   1.00 40.05 ? 100 PHE A O   1 
ATOM   727  C  CB  . PHE A 1 101 ? -9.523  -13.290 6.794   1.00 43.61 ? 100 PHE A CB  1 
ATOM   728  C  CG  . PHE A 1 101 ? -9.493  -14.600 6.085   1.00 46.72 ? 100 PHE A CG  1 
ATOM   729  C  CD1 . PHE A 1 101 ? -9.863  -14.686 4.751   1.00 47.79 ? 100 PHE A CD1 1 
ATOM   730  C  CD2 . PHE A 1 101 ? -9.107  -15.750 6.752   1.00 47.76 ? 100 PHE A CD2 1 
ATOM   731  C  CE1 . PHE A 1 101 ? -9.848  -15.897 4.094   1.00 47.44 ? 100 PHE A CE1 1 
ATOM   732  C  CE2 . PHE A 1 101 ? -9.099  -16.971 6.103   1.00 50.22 ? 100 PHE A CE2 1 
ATOM   733  C  CZ  . PHE A 1 101 ? -9.464  -17.041 4.766   1.00 49.38 ? 100 PHE A CZ  1 
ATOM   734  N  N   . GLY A 1 102 ? -9.028  -10.200 6.234   1.00 39.24 ? 101 GLY A N   1 
ATOM   735  C  CA  . GLY A 1 102 ? -9.399  -8.848  6.605   1.00 39.16 ? 101 GLY A CA  1 
ATOM   736  C  C   . GLY A 1 102 ? -9.978  -8.042  5.458   1.00 39.29 ? 101 GLY A C   1 
ATOM   737  O  O   . GLY A 1 102 ? -10.141 -8.536  4.345   1.00 38.68 ? 101 GLY A O   1 
ATOM   738  N  N   . ARG A 1 103 ? -10.293 -6.784  5.744   1.00 39.52 ? 102 ARG A N   1 
ATOM   739  C  CA  . ARG A 1 103 ? -10.810 -5.890  4.738   1.00 39.89 ? 102 ARG A CA  1 
ATOM   740  C  C   . ARG A 1 103 ? -10.093 -4.555  4.840   1.00 39.92 ? 102 ARG A C   1 
ATOM   741  O  O   . ARG A 1 103 ? -9.842  -4.055  5.941   1.00 39.55 ? 102 ARG A O   1 
ATOM   742  C  CB  . ARG A 1 103 ? -12.330 -5.712  4.860   1.00 40.16 ? 102 ARG A CB  1 
ATOM   743  C  CG  . ARG A 1 103 ? -12.935 -4.855  3.714   1.00 39.70 ? 102 ARG A CG  1 
ATOM   744  C  CD  . ARG A 1 103 ? -14.471 -4.751  3.814   1.00 41.60 ? 102 ARG A CD  1 
ATOM   745  N  NE  . ARG A 1 103 ? -15.072 -4.036  2.677   1.00 41.32 ? 102 ARG A NE  1 
ATOM   746  C  CZ  . ARG A 1 103 ? -16.382 -3.804  2.537   1.00 44.20 ? 102 ARG A CZ  1 
ATOM   747  N  NH1 . ARG A 1 103 ? -17.235 -4.197  3.463   1.00 43.38 ? 102 ARG A NH1 1 
ATOM   748  N  NH2 . ARG A 1 103 ? -16.847 -3.154  1.472   1.00 44.24 ? 102 ARG A NH2 1 
HETATM 749  N  N   . MSE A 1 104 ? -9.746  -4.025  3.669   1.00 38.86 ? 103 MSE A N   1 
HETATM 750  C  CA  . MSE A 1 104 ? -9.110  -2.738  3.494   1.00 38.27 ? 103 MSE A CA  1 
HETATM 751  C  C   . MSE A 1 104 ? -9.915  -1.922  2.506   1.00 37.22 ? 103 MSE A C   1 
HETATM 752  O  O   . MSE A 1 104 ? -10.090 -2.328  1.354   1.00 38.38 ? 103 MSE A O   1 
HETATM 753  C  CB  . MSE A 1 104 ? -7.698  -2.929  2.902   1.00 37.58 ? 103 MSE A CB  1 
HETATM 754  C  CG  . MSE A 1 104 ? -6.980  -1.649  2.455   1.00 40.14 ? 103 MSE A CG  1 
HETATM 755  SE SE  . MSE A 1 104 ? -6.607  -0.421  3.903   0.75 38.04 ? 103 MSE A SE  1 
HETATM 756  C  CE  . MSE A 1 104 ? -5.123  -1.400  4.758   1.00 46.52 ? 103 MSE A CE  1 
ATOM   757  N  N   . VAL A 1 105 ? -10.370 -0.754  2.924   1.00 35.78 ? 104 VAL A N   1 
ATOM   758  C  CA  . VAL A 1 105 ? -10.981 0.202   1.968   1.00 35.49 ? 104 VAL A CA  1 
ATOM   759  C  C   . VAL A 1 105 ? -10.197 1.517   1.937   1.00 38.07 ? 104 VAL A C   1 
ATOM   760  O  O   . VAL A 1 105 ? -9.559  1.905   2.935   1.00 38.00 ? 104 VAL A O   1 
ATOM   761  C  CB  . VAL A 1 105 ? -12.444 0.507   2.269   1.00 35.10 ? 104 VAL A CB  1 
ATOM   762  C  CG1 . VAL A 1 105 ? -13.274 -0.757  2.103   1.00 28.46 ? 104 VAL A CG1 1 
ATOM   763  C  CG2 . VAL A 1 105 ? -12.618 1.110   3.671   1.00 35.38 ? 104 VAL A CG2 1 
ATOM   764  N  N   . LEU A 1 106 ? -10.238 2.184   0.782   1.00 37.47 ? 105 LEU A N   1 
ATOM   765  C  CA  . LEU A 1 106 ? -9.699  3.528   0.644   1.00 37.52 ? 105 LEU A CA  1 
ATOM   766  C  C   . LEU A 1 106 ? -10.896 4.410   0.373   1.00 36.76 ? 105 LEU A C   1 
ATOM   767  O  O   . LEU A 1 106 ? -11.685 4.114   -0.495  1.00 36.39 ? 105 LEU A O   1 
ATOM   768  C  CB  . LEU A 1 106 ? -8.688  3.598   -0.478  1.00 38.22 ? 105 LEU A CB  1 
ATOM   769  C  CG  . LEU A 1 106 ? -7.281  3.058   -0.213  1.00 42.45 ? 105 LEU A CG  1 
ATOM   770  C  CD1 . LEU A 1 106 ? -6.407  3.240   -1.479  1.00 38.55 ? 105 LEU A CD1 1 
ATOM   771  C  CD2 . LEU A 1 106 ? -6.648  3.801   0.952   1.00 42.51 ? 105 LEU A CD2 1 
ATOM   772  N  N   . ILE A 1 107 ? -11.031 5.477   1.151   1.00 36.95 ? 106 ILE A N   1 
ATOM   773  C  CA  . ILE A 1 107 ? -12.197 6.334   1.139   1.00 37.03 ? 106 ILE A CA  1 
ATOM   774  C  C   . ILE A 1 107 ? -11.844 7.749   0.689   1.00 37.76 ? 106 ILE A C   1 
ATOM   775  O  O   . ILE A 1 107 ? -10.958 8.382   1.279   1.00 37.90 ? 106 ILE A O   1 
ATOM   776  C  CB  . ILE A 1 107 ? -12.807 6.428   2.556   1.00 36.39 ? 106 ILE A CB  1 
ATOM   777  C  CG1 . ILE A 1 107 ? -13.251 5.038   3.042   1.00 37.54 ? 106 ILE A CG1 1 
ATOM   778  C  CG2 . ILE A 1 107 ? -14.020 7.348   2.563   1.00 37.61 ? 106 ILE A CG2 1 
ATOM   779  C  CD1 . ILE A 1 107 ? -13.519 4.954   4.516   1.00 36.38 ? 106 ILE A CD1 1 
ATOM   780  N  N   . ALA A 1 108 ? -12.518 8.224   -0.359  1.00 36.05 ? 107 ALA A N   1 
ATOM   781  C  CA  . ALA A 1 108 ? -12.451 9.639   -0.747  1.00 35.30 ? 107 ALA A CA  1 
ATOM   782  C  C   . ALA A 1 108 ? -13.840 10.215  -0.494  1.00 34.84 ? 107 ALA A C   1 
ATOM   783  O  O   . ALA A 1 108 ? -14.780 9.839   -1.161  1.00 35.79 ? 107 ALA A O   1 
ATOM   784  C  CB  . ALA A 1 108 ? -12.058 9.802   -2.198  1.00 34.88 ? 107 ALA A CB  1 
ATOM   785  N  N   . GLY A 1 109 ? -13.969 11.120  0.465   1.00 34.73 ? 108 GLY A N   1 
ATOM   786  C  CA  . GLY A 1 109 ? -15.270 11.656  0.821   1.00 35.34 ? 108 GLY A CA  1 
ATOM   787  C  C   . GLY A 1 109 ? -16.186 10.552  1.325   1.00 34.55 ? 108 GLY A C   1 
ATOM   788  O  O   . GLY A 1 109 ? -15.943 9.982   2.387   1.00 35.10 ? 108 GLY A O   1 
ATOM   789  N  N   . ARG A 1 110 ? -17.249 10.261  0.582   1.00 32.68 ? 109 ARG A N   1 
ATOM   790  C  CA  . ARG A 1 110 ? -18.140 9.149   0.926   1.00 31.30 ? 109 ARG A CA  1 
ATOM   791  C  C   . ARG A 1 110 ? -18.012 8.043   -0.129  1.00 30.73 ? 109 ARG A C   1 
ATOM   792  O  O   . ARG A 1 110 ? -18.887 7.179   -0.258  1.00 30.56 ? 109 ARG A O   1 
ATOM   793  C  CB  . ARG A 1 110 ? -19.594 9.610   0.998   1.00 28.98 ? 109 ARG A CB  1 
ATOM   794  C  CG  . ARG A 1 110 ? -19.904 10.618  2.087   1.00 33.59 ? 109 ARG A CG  1 
ATOM   795  C  CD  . ARG A 1 110 ? -19.785 10.019  3.461   1.00 34.01 ? 109 ARG A CD  1 
ATOM   796  N  NE  . ARG A 1 110 ? -20.419 10.871  4.466   1.00 42.44 ? 109 ARG A NE  1 
ATOM   797  C  CZ  . ARG A 1 110 ? -21.662 10.746  4.924   1.00 40.28 ? 109 ARG A CZ  1 
ATOM   798  N  NH1 . ARG A 1 110 ? -22.485 9.800   4.472   1.00 43.78 ? 109 ARG A NH1 1 
ATOM   799  N  NH2 . ARG A 1 110 ? -22.091 11.591  5.847   1.00 38.04 ? 109 ARG A NH2 1 
ATOM   800  N  N   . LEU A 1 111 ? -16.938 8.073   -0.894  1.00 31.33 ? 110 LEU A N   1 
ATOM   801  C  CA  . LEU A 1 111 ? -16.746 7.095   -1.968  1.00 31.63 ? 110 LEU A CA  1 
ATOM   802  C  C   . LEU A 1 111 ? -15.666 6.084   -1.598  1.00 34.46 ? 110 LEU A C   1 
ATOM   803  O  O   . LEU A 1 111 ? -14.587 6.474   -1.169  1.00 34.27 ? 110 LEU A O   1 
ATOM   804  C  CB  . LEU A 1 111 ? -16.355 7.814   -3.255  1.00 31.97 ? 110 LEU A CB  1 
ATOM   805  C  CG  . LEU A 1 111 ? -16.147 6.964   -4.502  1.00 30.68 ? 110 LEU A CG  1 
ATOM   806  C  CD1 . LEU A 1 111 ? -17.464 6.283   -4.850  1.00 26.98 ? 110 LEU A CD1 1 
ATOM   807  C  CD2 . LEU A 1 111 ? -15.593 7.818   -5.631  1.00 30.18 ? 110 LEU A CD2 1 
ATOM   808  N  N   . ILE A 1 112 ? -15.969 4.786   -1.709  1.00 35.46 ? 111 ILE A N   1 
ATOM   809  C  CA  . ILE A 1 112 ? -14.933 3.737   -1.569  1.00 36.48 ? 111 ILE A CA  1 
ATOM   810  C  C   . ILE A 1 112 ? -14.213 3.583   -2.910  1.00 36.29 ? 111 ILE A C   1 
ATOM   811  O  O   . ILE A 1 112 ? -14.753 2.981   -3.838  1.00 37.12 ? 111 ILE A O   1 
ATOM   812  C  CB  . ILE A 1 112 ? -15.535 2.368   -1.214  1.00 38.36 ? 111 ILE A CB  1 
ATOM   813  C  CG1 . ILE A 1 112 ? -16.368 2.422   0.071   1.00 40.80 ? 111 ILE A CG1 1 
ATOM   814  C  CG2 . ILE A 1 112 ? -14.427 1.325   -1.121  1.00 35.17 ? 111 ILE A CG2 1 
ATOM   815  C  CD1 . ILE A 1 112 ? -15.579 2.809   1.305   1.00 46.24 ? 111 ILE A CD1 1 
ATOM   816  N  N   . VAL A 1 113 ? -13.002 4.111   -3.024  1.00 37.52 ? 112 VAL A N   1 
ATOM   817  C  CA  . VAL A 1 113 ? -12.272 4.127   -4.295  1.00 38.27 ? 112 VAL A CA  1 
ATOM   818  C  C   . VAL A 1 113 ? -11.425 2.859   -4.513  1.00 39.99 ? 112 VAL A C   1 
ATOM   819  O  O   . VAL A 1 113 ? -11.060 2.526   -5.642  1.00 40.37 ? 112 VAL A O   1 
ATOM   820  C  CB  . VAL A 1 113 ? -11.391 5.382   -4.426  1.00 37.94 ? 112 VAL A CB  1 
ATOM   821  C  CG1 . VAL A 1 113 ? -12.260 6.674   -4.393  1.00 35.83 ? 112 VAL A CG1 1 
ATOM   822  C  CG2 . VAL A 1 113 ? -10.315 5.399   -3.367  1.00 38.86 ? 112 VAL A CG2 1 
ATOM   823  N  N   . VAL A 1 114 ? -11.103 2.181   -3.418  1.00 39.93 ? 113 VAL A N   1 
ATOM   824  C  CA  . VAL A 1 114 ? -10.473 0.867   -3.472  1.00 38.38 ? 113 VAL A CA  1 
ATOM   825  C  C   . VAL A 1 114 ? -11.125 0.011   -2.409  1.00 38.81 ? 113 VAL A C   1 
ATOM   826  O  O   . VAL A 1 114 ? -11.292 0.433   -1.266  1.00 39.55 ? 113 VAL A O   1 
ATOM   827  C  CB  . VAL A 1 114 ? -8.941  0.911   -3.269  1.00 38.70 ? 113 VAL A CB  1 
ATOM   828  C  CG1 . VAL A 1 114 ? -8.368  -0.509  -3.178  1.00 37.88 ? 113 VAL A CG1 1 
ATOM   829  C  CG2 . VAL A 1 114 ? -8.257  1.705   -4.402  1.00 35.79 ? 113 VAL A CG2 1 
ATOM   830  N  N   . ASN A 1 115 ? -11.543 -1.184  -2.801  1.00 39.76 ? 114 ASN A N   1 
ATOM   831  C  CA  . ASN A 1 115 ? -12.087 -2.143  -1.873  1.00 40.57 ? 114 ASN A CA  1 
ATOM   832  C  C   . ASN A 1 115 ? -11.324 -3.439  -2.033  1.00 41.69 ? 114 ASN A C   1 
ATOM   833  O  O   . ASN A 1 115 ? -11.231 -3.945  -3.140  1.00 43.26 ? 114 ASN A O   1 
ATOM   834  C  CB  . ASN A 1 115 ? -13.560 -2.393  -2.166  1.00 40.58 ? 114 ASN A CB  1 
ATOM   835  C  CG  . ASN A 1 115 ? -14.169 -3.312  -1.175  1.00 40.72 ? 114 ASN A CG  1 
ATOM   836  O  OD1 . ASN A 1 115 ? -14.109 -3.049  0.017   1.00 42.32 ? 114 ASN A OD1 1 
ATOM   837  N  ND2 . ASN A 1 115 ? -14.728 -4.425  -1.642  1.00 39.37 ? 114 ASN A ND2 1 
ATOM   838  N  N   . LYS A 1 116 ? -10.793 -3.981  -0.941  1.00 41.95 ? 115 LYS A N   1 
ATOM   839  C  CA  . LYS A 1 116 ? -10.015 -5.227  -1.002  1.00 41.23 ? 115 LYS A CA  1 
ATOM   840  C  C   . LYS A 1 116 ? -10.311 -6.179  0.134   1.00 40.32 ? 115 LYS A C   1 
ATOM   841  O  O   . LYS A 1 116 ? -10.125 -5.833  1.300   1.00 40.16 ? 115 LYS A O   1 
ATOM   842  C  CB  . LYS A 1 116 ? -8.508  -4.915  -0.998  1.00 42.32 ? 115 LYS A CB  1 
ATOM   843  C  CG  . LYS A 1 116 ? -7.599  -6.163  -1.039  1.00 44.10 ? 115 LYS A CG  1 
ATOM   844  C  CD  . LYS A 1 116 ? -7.809  -6.982  -2.316  1.00 47.09 ? 115 LYS A CD  1 
ATOM   845  C  CE  . LYS A 1 116 ? -6.892  -8.186  -2.431  1.00 48.31 ? 115 LYS A CE  1 
ATOM   846  N  NZ  . LYS A 1 116 ? -7.133  -8.879  -3.723  1.00 47.47 ? 115 LYS A NZ  1 
ATOM   847  N  N   . GLN A 1 117 ? -10.758 -7.386  -0.205  1.00 40.15 ? 116 GLN A N   1 
ATOM   848  C  CA  . GLN A 1 117 ? -10.916 -8.436  0.793   1.00 41.11 ? 116 GLN A CA  1 
ATOM   849  C  C   . GLN A 1 117 ? -9.558  -9.112  0.883   1.00 41.01 ? 116 GLN A C   1 
ATOM   850  O  O   . GLN A 1 117 ? -9.152  -9.813  -0.040  1.00 40.97 ? 116 GLN A O   1 
ATOM   851  C  CB  . GLN A 1 117 ? -11.995 -9.462  0.399   1.00 41.30 ? 116 GLN A CB  1 
ATOM   852  C  CG  . GLN A 1 117 ? -13.450 -8.960  0.515   1.00 44.25 ? 116 GLN A CG  1 
ATOM   853  C  CD  . GLN A 1 117 ? -13.847 -8.560  1.933   1.00 46.72 ? 116 GLN A CD  1 
ATOM   854  O  OE1 . GLN A 1 117 ? -14.577 -7.579  2.125   1.00 46.68 ? 116 GLN A OE1 1 
ATOM   855  N  NE2 . GLN A 1 117 ? -13.332 -9.288  2.937   1.00 40.73 ? 116 GLN A NE2 1 
ATOM   856  N  N   . LEU A 1 118 ? -8.861  -8.888  1.991   1.00 41.15 ? 117 LEU A N   1 
ATOM   857  C  CA  . LEU A 1 118 ? -7.530  -9.458  2.206   1.00 41.00 ? 117 LEU A CA  1 
ATOM   858  C  C   . LEU A 1 118 ? -7.583  -10.888 2.713   1.00 40.23 ? 117 LEU A C   1 
ATOM   859  O  O   . LEU A 1 118 ? -8.357  -11.211 3.618   1.00 39.10 ? 117 LEU A O   1 
ATOM   860  C  CB  . LEU A 1 118 ? -6.751  -8.618  3.223   1.00 41.54 ? 117 LEU A CB  1 
ATOM   861  C  CG  . LEU A 1 118 ? -6.520  -7.144  2.883   1.00 39.93 ? 117 LEU A CG  1 
ATOM   862  C  CD1 . LEU A 1 118 ? -6.128  -6.378  4.142   1.00 37.48 ? 117 LEU A CD1 1 
ATOM   863  C  CD2 . LEU A 1 118 ? -5.451  -6.967  1.787   1.00 38.20 ? 117 LEU A CD2 1 
ATOM   864  N  N   . ARG A 1 119 ? -6.750  -11.736 2.121   1.00 39.54 ? 118 ARG A N   1 
ATOM   865  C  CA  . ARG A 1 119 ? -6.568  -13.107 2.593   1.00 40.05 ? 118 ARG A CA  1 
ATOM   866  C  C   . ARG A 1 119 ? -5.080  -13.435 2.596   1.00 38.65 ? 118 ARG A C   1 
ATOM   867  O  O   . ARG A 1 119 ? -4.301  -12.818 1.874   1.00 38.08 ? 118 ARG A O   1 
ATOM   868  C  CB  . ARG A 1 119 ? -7.350  -14.114 1.725   1.00 40.54 ? 118 ARG A CB  1 
ATOM   869  C  CG  . ARG A 1 119 ? -7.034  -13.997 0.234   1.00 41.86 ? 118 ARG A CG  1 
ATOM   870  N  N   . ASP A 1 120 ? -4.688  -14.377 3.447   1.00 38.74 ? 119 ASP A N   1 
ATOM   871  C  CA  . ASP A 1 120 ? -3.303  -14.852 3.497   1.00 38.20 ? 119 ASP A CA  1 
ATOM   872  C  C   . ASP A 1 120 ? -2.306  -13.712 3.646   1.00 38.78 ? 119 ASP A C   1 
ATOM   873  O  O   . ASP A 1 120 ? -1.239  -13.688 3.007   1.00 39.55 ? 119 ASP A O   1 
ATOM   874  C  CB  . ASP A 1 120 ? -3.014  -15.649 2.237   1.00 38.44 ? 119 ASP A CB  1 
ATOM   875  C  CG  . ASP A 1 120 ? -4.017  -16.781 2.032   1.00 37.11 ? 119 ASP A CG  1 
ATOM   876  O  OD1 . ASP A 1 120 ? -4.433  -17.411 3.023   1.00 38.11 ? 119 ASP A OD1 1 
ATOM   877  O  OD2 . ASP A 1 120 ? -4.404  -17.035 0.884   1.00 39.68 ? 119 ASP A OD2 1 
ATOM   878  N  N   . VAL A 1 121 ? -2.655  -12.766 4.508   1.00 38.28 ? 120 VAL A N   1 
ATOM   879  C  CA  . VAL A 1 121 ? -1.876  -11.540 4.655   1.00 37.56 ? 120 VAL A CA  1 
ATOM   880  C  C   . VAL A 1 121 ? -0.424  -11.817 5.059   1.00 36.23 ? 120 VAL A C   1 
ATOM   881  O  O   . VAL A 1 121 ? 0.472   -11.088 4.668   1.00 35.43 ? 120 VAL A O   1 
ATOM   882  C  CB  . VAL A 1 121 ? -2.616  -10.536 5.589   1.00 37.84 ? 120 VAL A CB  1 
ATOM   883  C  CG1 . VAL A 1 121 ? -1.746  -9.344  5.953   1.00 38.37 ? 120 VAL A CG1 1 
ATOM   884  C  CG2 . VAL A 1 121 ? -3.881  -10.056 4.898   1.00 34.18 ? 120 VAL A CG2 1 
ATOM   885  N  N   . HIS A 1 122 ? -0.186  -12.903 5.780   1.00 35.19 ? 121 HIS A N   1 
ATOM   886  C  CA  . HIS A 1 122 ? 1.174   -13.287 6.152   1.00 35.99 ? 121 HIS A CA  1 
ATOM   887  C  C   . HIS A 1 122 ? 2.113   -13.321 4.924   1.00 36.52 ? 121 HIS A C   1 
ATOM   888  O  O   . HIS A 1 122 ? 3.323   -13.098 5.047   1.00 34.98 ? 121 HIS A O   1 
ATOM   889  C  CB  . HIS A 1 122 ? 1.220   -14.677 6.791   1.00 34.89 ? 121 HIS A CB  1 
ATOM   890  C  CG  . HIS A 1 122 ? 0.232   -14.895 7.898   1.00 36.52 ? 121 HIS A CG  1 
ATOM   891  N  ND1 . HIS A 1 122 ? -1.131  -14.740 7.733   1.00 34.31 ? 121 HIS A ND1 1 
ATOM   892  C  CD2 . HIS A 1 122 ? 0.406   -15.350 9.163   1.00 33.98 ? 121 HIS A CD2 1 
ATOM   893  C  CE1 . HIS A 1 122 ? -1.747  -15.055 8.860   1.00 35.26 ? 121 HIS A CE1 1 
ATOM   894  N  NE2 . HIS A 1 122 ? -0.839  -15.432 9.742   1.00 35.92 ? 121 HIS A NE2 1 
ATOM   895  N  N   . ARG A 1 123 ? 1.544   -13.617 3.756   1.00 36.85 ? 122 ARG A N   1 
ATOM   896  C  CA  . ARG A 1 123 ? 2.306   -13.738 2.513   1.00 36.74 ? 122 ARG A CA  1 
ATOM   897  C  C   . ARG A 1 123 ? 2.395   -12.437 1.707   1.00 36.33 ? 122 ARG A C   1 
ATOM   898  O  O   . ARG A 1 123 ? 2.792   -12.467 0.554   1.00 36.25 ? 122 ARG A O   1 
ATOM   899  C  CB  . ARG A 1 123 ? 1.682   -14.841 1.631   1.00 37.26 ? 122 ARG A CB  1 
ATOM   900  C  CG  . ARG A 1 123 ? 1.579   -16.197 2.300   1.00 37.08 ? 122 ARG A CG  1 
ATOM   901  C  CD  . ARG A 1 123 ? 0.765   -17.203 1.497   1.00 36.26 ? 122 ARG A CD  1 
ATOM   902  N  NE  . ARG A 1 123 ? 0.653   -18.462 2.230   1.00 37.76 ? 122 ARG A NE  1 
ATOM   903  C  CZ  . ARG A 1 123 ? -0.021  -19.526 1.802   1.00 40.29 ? 122 ARG A CZ  1 
ATOM   904  N  NH1 . ARG A 1 123 ? -0.676  -19.488 0.647   1.00 41.43 ? 122 ARG A NH1 1 
ATOM   905  N  NH2 . ARG A 1 123 ? -0.055  -20.632 2.540   1.00 40.83 ? 122 ARG A NH2 1 
ATOM   906  N  N   . PHE A 1 124 ? 2.052   -11.302 2.301   1.00 36.87 ? 123 PHE A N   1 
ATOM   907  C  CA  . PHE A 1 124 ? 2.059   -10.029 1.579   1.00 37.70 ? 123 PHE A CA  1 
ATOM   908  C  C   . PHE A 1 124 ? 3.460   -9.734  1.064   1.00 37.80 ? 123 PHE A C   1 
ATOM   909  O  O   . PHE A 1 124 ? 4.420   -9.776  1.827   1.00 38.91 ? 123 PHE A O   1 
ATOM   910  C  CB  . PHE A 1 124 ? 1.584   -8.882  2.475   1.00 37.76 ? 123 PHE A CB  1 
ATOM   911  C  CG  . PHE A 1 124 ? 1.395   -7.573  1.746   1.00 36.19 ? 123 PHE A CG  1 
ATOM   912  C  CD1 . PHE A 1 124 ? 0.230   -7.319  1.049   1.00 41.12 ? 123 PHE A CD1 1 
ATOM   913  C  CD2 . PHE A 1 124 ? 2.377   -6.604  1.755   1.00 38.49 ? 123 PHE A CD2 1 
ATOM   914  C  CE1 . PHE A 1 124 ? 0.041   -6.117  0.374   1.00 43.15 ? 123 PHE A CE1 1 
ATOM   915  C  CE2 . PHE A 1 124 ? 2.207   -5.413  1.074   1.00 41.12 ? 123 PHE A CE2 1 
ATOM   916  C  CZ  . PHE A 1 124 ? 1.035   -5.164  0.383   1.00 37.57 ? 123 PHE A CZ  1 
ATOM   917  N  N   . GLY A 1 125 ? 3.577   -9.457  -0.233  1.00 37.74 ? 124 GLY A N   1 
ATOM   918  C  CA  . GLY A 1 125 ? 4.885   -9.171  -0.841  1.00 38.35 ? 124 GLY A CA  1 
ATOM   919  C  C   . GLY A 1 125 ? 4.868   -9.301  -2.352  1.00 38.58 ? 124 GLY A C   1 
ATOM   920  O  O   . GLY A 1 125 ? 3.896   -9.801  -2.926  1.00 38.29 ? 124 GLY A O   1 
ATOM   921  N  N   . PHE A 1 126 ? 5.973   -8.875  -2.971  1.00 37.26 ? 125 PHE A N   1 
ATOM   922  C  CA  . PHE A 1 126 ? 6.114   -8.781  -4.412  1.00 35.87 ? 125 PHE A CA  1 
ATOM   923  C  C   . PHE A 1 126 ? 7.428   -9.417  -4.871  1.00 35.24 ? 125 PHE A C   1 
ATOM   924  O  O   . PHE A 1 126 ? 8.407   -9.469  -4.116  1.00 33.74 ? 125 PHE A O   1 
ATOM   925  C  CB  . PHE A 1 126 ? 6.022   -7.298  -4.819  1.00 38.05 ? 125 PHE A CB  1 
ATOM   926  C  CG  . PHE A 1 126 ? 4.758   -6.663  -4.372  1.00 37.61 ? 125 PHE A CG  1 
ATOM   927  C  CD1 . PHE A 1 126 ? 3.606   -6.813  -5.110  1.00 37.89 ? 125 PHE A CD1 1 
ATOM   928  C  CD2 . PHE A 1 126 ? 4.681   -6.037  -3.146  1.00 38.05 ? 125 PHE A CD2 1 
ATOM   929  C  CE1 . PHE A 1 126 ? 2.421   -6.267  -4.664  1.00 37.03 ? 125 PHE A CE1 1 
ATOM   930  C  CE2 . PHE A 1 126 ? 3.483   -5.507  -2.697  1.00 37.77 ? 125 PHE A CE2 1 
ATOM   931  C  CZ  . PHE A 1 126 ? 2.367   -5.625  -3.458  1.00 35.71 ? 125 PHE A CZ  1 
ATOM   932  N  N   . PRO A 1 127 ? 7.440   -9.955  -6.103  1.00 33.32 ? 126 PRO A N   1 
ATOM   933  C  CA  . PRO A 1 127 ? 8.610   -10.618 -6.618  1.00 32.69 ? 126 PRO A CA  1 
ATOM   934  C  C   . PRO A 1 127 ? 9.812   -9.706  -6.955  1.00 31.32 ? 126 PRO A C   1 
ATOM   935  O  O   . PRO A 1 127 ? 10.937  -10.180 -6.987  1.00 28.26 ? 126 PRO A O   1 
ATOM   936  C  CB  . PRO A 1 127 ? 8.080   -11.340 -7.869  1.00 34.46 ? 126 PRO A CB  1 
ATOM   937  C  CG  . PRO A 1 127 ? 6.881   -10.641 -8.247  1.00 33.04 ? 126 PRO A CG  1 
ATOM   938  C  CD  . PRO A 1 127 ? 6.322   -9.955  -7.057  1.00 34.58 ? 126 PRO A CD  1 
ATOM   939  N  N   . SER A 1 128 ? 9.570   -8.420  -7.178  1.00 31.60 ? 127 SER A N   1 
ATOM   940  C  CA  . SER A 1 128 ? 10.633  -7.469  -7.523  1.00 31.46 ? 127 SER A CA  1 
ATOM   941  C  C   . SER A 1 128 ? 10.176  -6.054  -7.161  1.00 31.60 ? 127 SER A C   1 
ATOM   942  O  O   . SER A 1 128 ? 8.978   -5.796  -7.020  1.00 31.46 ? 127 SER A O   1 
ATOM   943  C  CB  . SER A 1 128 ? 10.923  -7.527  -9.020  1.00 31.90 ? 127 SER A CB  1 
ATOM   944  O  OG  . SER A 1 128 ? 9.864   -6.934  -9.736  1.00 28.99 ? 127 SER A OG  1 
HETATM 945  N  N   . MSE A 1 129 ? 11.134  -5.137  -7.050  1.00 31.08 ? 128 MSE A N   1 
HETATM 946  C  CA  . MSE A 1 129 ? 10.817  -3.737  -6.753  1.00 31.58 ? 128 MSE A CA  1 
HETATM 947  C  C   . MSE A 1 129 ? 9.974   -3.189  -7.895  1.00 30.99 ? 128 MSE A C   1 
HETATM 948  O  O   . MSE A 1 129 ? 9.019   -2.462  -7.646  1.00 32.34 ? 128 MSE A O   1 
HETATM 949  C  CB  . MSE A 1 129 ? 12.097  -2.917  -6.598  1.00 32.15 ? 128 MSE A CB  1 
HETATM 950  C  CG  . MSE A 1 129 ? 11.906  -1.586  -5.878  1.00 36.61 ? 128 MSE A CG  1 
HETATM 951  SE SE  . MSE A 1 129 ? 11.469  -1.822  -4.012  0.75 35.88 ? 128 MSE A SE  1 
HETATM 952  C  CE  . MSE A 1 129 ? 13.145  -2.645  -3.365  1.00 36.15 ? 128 MSE A CE  1 
ATOM   953  N  N   . GLU A 1 130 ? 10.314  -3.526  -9.140  1.00 32.58 ? 129 GLU A N   1 
ATOM   954  C  CA  . GLU A 1 130 ? 9.514   -3.048  -10.274 1.00 36.35 ? 129 GLU A CA  1 
ATOM   955  C  C   . GLU A 1 130 ? 8.058   -3.490  -10.148 1.00 35.58 ? 129 GLU A C   1 
ATOM   956  O  O   . GLU A 1 130 ? 7.139   -2.702  -10.398 1.00 35.60 ? 129 GLU A O   1 
ATOM   957  C  CB  . GLU A 1 130 ? 10.058  -3.519  -11.617 1.00 35.00 ? 129 GLU A CB  1 
ATOM   958  C  CG  . GLU A 1 130 ? 11.294  -2.769  -12.080 1.00 43.61 ? 129 GLU A CG  1 
ATOM   959  C  CD  . GLU A 1 130 ? 11.600  -3.000  -13.561 1.00 42.77 ? 129 GLU A CD  1 
ATOM   960  O  OE1 . GLU A 1 130 ? 10.890  -3.814  -14.210 1.00 56.84 ? 129 GLU A OE1 1 
ATOM   961  O  OE2 . GLU A 1 130 ? 12.546  -2.361  -14.067 1.00 53.34 ? 129 GLU A OE2 1 
ATOM   962  N  N   . LYS A 1 131 ? 7.855   -4.734  -9.739  1.00 36.59 ? 130 LYS A N   1 
ATOM   963  C  CA  . LYS A 1 131 ? 6.509   -5.280  -9.601  1.00 37.43 ? 130 LYS A CA  1 
ATOM   964  C  C   . LYS A 1 131 ? 5.747   -4.608  -8.453  1.00 36.18 ? 130 LYS A C   1 
ATOM   965  O  O   . LYS A 1 131 ? 4.554   -4.322  -8.568  1.00 36.68 ? 130 LYS A O   1 
ATOM   966  C  CB  . LYS A 1 131 ? 6.556   -6.811  -9.447  1.00 38.46 ? 130 LYS A CB  1 
ATOM   967  C  CG  . LYS A 1 131 ? 5.165   -7.475  -9.401  1.00 42.40 ? 130 LYS A CG  1 
ATOM   968  C  CD  . LYS A 1 131 ? 4.433   -7.384  -10.735 1.00 48.45 ? 130 LYS A CD  1 
ATOM   969  C  CE  . LYS A 1 131 ? 3.107   -8.137  -10.682 1.00 51.48 ? 130 LYS A CE  1 
ATOM   970  N  NZ  . LYS A 1 131 ? 2.226   -7.883  -11.882 1.00 52.74 ? 130 LYS A NZ  1 
ATOM   971  N  N   . LEU A 1 132 ? 6.433   -4.334  -7.352  1.00 35.55 ? 131 LEU A N   1 
ATOM   972  C  CA  . LEU A 1 132 ? 5.834   -3.575  -6.282  1.00 34.26 ? 131 LEU A CA  1 
ATOM   973  C  C   . LEU A 1 132 ? 5.275   -2.264  -6.822  1.00 35.70 ? 131 LEU A C   1 
ATOM   974  O  O   . LEU A 1 132 ? 4.125   -1.928  -6.563  1.00 35.83 ? 131 LEU A O   1 
ATOM   975  C  CB  . LEU A 1 132 ? 6.844   -3.303  -5.160  1.00 34.08 ? 131 LEU A CB  1 
ATOM   976  C  CG  . LEU A 1 132 ? 6.571   -2.200  -4.116  1.00 34.64 ? 131 LEU A CG  1 
ATOM   977  C  CD1 . LEU A 1 132 ? 5.336   -2.518  -3.280  1.00 33.78 ? 131 LEU A CD1 1 
ATOM   978  C  CD2 . LEU A 1 132 ? 7.776   -1.994  -3.192  1.00 32.61 ? 131 LEU A CD2 1 
ATOM   979  N  N   . ALA A 1 133 ? 6.094   -1.510  -7.554  1.00 35.27 ? 132 ALA A N   1 
ATOM   980  C  CA  . ALA A 1 133 ? 5.645   -0.219  -8.098  1.00 35.17 ? 132 ALA A CA  1 
ATOM   981  C  C   . ALA A 1 133 ? 4.468   -0.401  -9.043  1.00 34.65 ? 132 ALA A C   1 
ATOM   982  O  O   . ALA A 1 133 ? 3.491   0.346   -9.020  1.00 35.59 ? 132 ALA A O   1 
ATOM   983  C  CB  . ALA A 1 133 ? 6.803   0.473   -8.812  1.00 33.53 ? 132 ALA A CB  1 
ATOM   984  N  N   . GLU A 1 134 ? 4.559   -1.409  -9.886  1.00 34.46 ? 133 GLU A N   1 
ATOM   985  C  CA  . GLU A 1 134 ? 3.523   -1.646  -10.875 1.00 35.53 ? 133 GLU A CA  1 
ATOM   986  C  C   . GLU A 1 134 ? 2.181   -1.945  -10.220 1.00 36.29 ? 133 GLU A C   1 
ATOM   987  O  O   . GLU A 1 134 ? 1.133   -1.445  -10.664 1.00 34.90 ? 133 GLU A O   1 
ATOM   988  C  CB  . GLU A 1 134 ? 3.937   -2.798  -11.781 1.00 34.05 ? 133 GLU A CB  1 
ATOM   989  C  CG  . GLU A 1 134 ? 2.866   -3.240  -12.726 1.00 41.60 ? 133 GLU A CG  1 
ATOM   990  C  CD  . GLU A 1 134 ? 3.247   -4.488  -13.521 1.00 37.50 ? 133 GLU A CD  1 
ATOM   991  O  OE1 . GLU A 1 134 ? 4.412   -4.930  -13.433 1.00 49.39 ? 133 GLU A OE1 1 
ATOM   992  O  OE2 . GLU A 1 134 ? 2.361   -5.002  -14.241 1.00 53.34 ? 133 GLU A OE2 1 
ATOM   993  N  N   . GLU A 1 135 ? 2.195   -2.771  -9.177  1.00 36.00 ? 134 GLU A N   1 
ATOM   994  C  CA  . GLU A 1 135 ? 0.957   -3.097  -8.487  1.00 35.79 ? 134 GLU A CA  1 
ATOM   995  C  C   . GLU A 1 135 ? 0.382   -1.894  -7.717  1.00 36.93 ? 134 GLU A C   1 
ATOM   996  O  O   . GLU A 1 135 ? -0.818  -1.709  -7.657  1.00 36.99 ? 134 GLU A O   1 
ATOM   997  C  CB  . GLU A 1 135 ? 1.172   -4.314  -7.591  1.00 36.27 ? 134 GLU A CB  1 
ATOM   998  C  CG  . GLU A 1 135 ? 1.437   -5.585  -8.425  1.00 36.98 ? 134 GLU A CG  1 
ATOM   999  C  CD  . GLU A 1 135 ? 0.262   -5.912  -9.361  1.00 40.87 ? 134 GLU A CD  1 
ATOM   1000 O  OE1 . GLU A 1 135 ? -0.896  -5.792  -8.896  1.00 44.71 ? 134 GLU A OE1 1 
ATOM   1001 O  OE2 . GLU A 1 135 ? 0.493   -6.263  -10.551 1.00 43.21 ? 134 GLU A OE2 1 
ATOM   1002 N  N   . GLY A 1 136 ? 1.233   -1.089  -7.094  1.00 36.90 ? 135 GLY A N   1 
ATOM   1003 C  CA  . GLY A 1 136 ? 0.742   0.122   -6.461  1.00 36.20 ? 135 GLY A CA  1 
ATOM   1004 C  C   . GLY A 1 136 ? 0.109   1.099   -7.451  1.00 36.06 ? 135 GLY A C   1 
ATOM   1005 O  O   . GLY A 1 136 ? -0.959  1.663   -7.177  1.00 36.15 ? 135 GLY A O   1 
ATOM   1006 N  N   . ASP A 1 137 ? 0.772   1.282   -8.588  1.00 37.31 ? 136 ASP A N   1 
ATOM   1007 C  CA  . ASP A 1 137 ? 0.287   2.103   -9.702  1.00 37.86 ? 136 ASP A CA  1 
ATOM   1008 C  C   . ASP A 1 137 ? -1.081  1.628   -10.191 1.00 38.54 ? 136 ASP A C   1 
ATOM   1009 O  O   . ASP A 1 137 ? -1.938  2.449   -10.458 1.00 36.80 ? 136 ASP A O   1 
ATOM   1010 C  CB  . ASP A 1 137 ? 1.263   2.091   -10.890 1.00 37.95 ? 136 ASP A CB  1 
ATOM   1011 C  CG  . ASP A 1 137 ? 2.534   2.919   -10.650 1.00 41.13 ? 136 ASP A CG  1 
ATOM   1012 O  OD1 . ASP A 1 137 ? 2.643   3.642   -9.633  1.00 38.58 ? 136 ASP A OD1 1 
ATOM   1013 O  OD2 . ASP A 1 137 ? 3.433   2.825   -11.509 1.00 36.85 ? 136 ASP A OD2 1 
ATOM   1014 N  N   . LYS A 1 138 ? -1.291  0.318   -10.307 1.00 39.10 ? 137 LYS A N   1 
ATOM   1015 C  CA  . LYS A 1 138 ? -2.606  -0.187  -10.726 1.00 40.29 ? 137 LYS A CA  1 
ATOM   1016 C  C   . LYS A 1 138 ? -3.697  0.245   -9.776  1.00 38.71 ? 137 LYS A C   1 
ATOM   1017 O  O   . LYS A 1 138 ? -4.774  0.647   -10.216 1.00 37.84 ? 137 LYS A O   1 
ATOM   1018 C  CB  . LYS A 1 138 ? -2.642  -1.698  -10.838 1.00 41.23 ? 137 LYS A CB  1 
ATOM   1019 C  CG  . LYS A 1 138 ? -1.734  -2.277  -11.896 1.00 42.97 ? 137 LYS A CG  1 
ATOM   1020 C  CD  . LYS A 1 138 ? -1.986  -3.779  -12.004 1.00 43.36 ? 137 LYS A CD  1 
ATOM   1021 C  CE  . LYS A 1 138 ? -0.912  -4.504  -12.821 1.00 46.06 ? 137 LYS A CE  1 
ATOM   1022 N  NZ  . LYS A 1 138 ? -1.198  -5.982  -12.872 1.00 43.01 ? 137 LYS A NZ  1 
ATOM   1023 N  N   . LEU A 1 139 ? -3.417  0.172   -8.476  1.00 36.99 ? 138 LEU A N   1 
ATOM   1024 C  CA  . LEU A 1 139 ? -4.380  0.598   -7.458  1.00 37.13 ? 138 LEU A CA  1 
ATOM   1025 C  C   . LEU A 1 139 ? -4.716  2.096   -7.518  1.00 36.59 ? 138 LEU A C   1 
ATOM   1026 O  O   . LEU A 1 139 ? -5.872  2.493   -7.379  1.00 36.61 ? 138 LEU A O   1 
ATOM   1027 C  CB  . LEU A 1 139 ? -3.887  0.200   -6.048  1.00 36.08 ? 138 LEU A CB  1 
ATOM   1028 C  CG  . LEU A 1 139 ? -3.811  -1.329  -5.868  1.00 37.88 ? 138 LEU A CG  1 
ATOM   1029 C  CD1 . LEU A 1 139 ? -3.271  -1.717  -4.514  1.00 39.51 ? 138 LEU A CD1 1 
ATOM   1030 C  CD2 . LEU A 1 139 ? -5.168  -1.974  -6.087  1.00 41.76 ? 138 LEU A CD2 1 
ATOM   1031 N  N   . VAL A 1 140 ? -3.708  2.924   -7.739  1.00 36.33 ? 139 VAL A N   1 
ATOM   1032 C  CA  . VAL A 1 140 ? -3.922  4.353   -7.919  1.00 35.71 ? 139 VAL A CA  1 
ATOM   1033 C  C   . VAL A 1 140 ? -4.771  4.569   -9.154  1.00 35.51 ? 139 VAL A C   1 
ATOM   1034 O  O   . VAL A 1 140 ? -5.697  5.388   -9.129  1.00 34.22 ? 139 VAL A O   1 
ATOM   1035 C  CB  . VAL A 1 140 ? -2.563  5.108   -8.061  1.00 35.40 ? 139 VAL A CB  1 
ATOM   1036 C  CG1 . VAL A 1 140 ? -2.773  6.587   -8.415  1.00 38.24 ? 139 VAL A CG1 1 
ATOM   1037 C  CG2 . VAL A 1 140 ? -1.771  4.961   -6.778  1.00 30.21 ? 139 VAL A CG2 1 
ATOM   1038 N  N   . ALA A 1 141 ? -4.453  3.855   -10.243 1.00 35.69 ? 140 ALA A N   1 
ATOM   1039 C  CA  . ALA A 1 141 ? -5.223  3.998   -11.499 1.00 34.72 ? 140 ALA A CA  1 
ATOM   1040 C  C   . ALA A 1 141 ? -6.709  3.685   -11.242 1.00 35.46 ? 140 ALA A C   1 
ATOM   1041 O  O   . ALA A 1 141 ? -7.596  4.425   -11.652 1.00 35.90 ? 140 ALA A O   1 
ATOM   1042 C  CB  . ALA A 1 141 ? -4.636  3.098   -12.597 1.00 32.39 ? 140 ALA A CB  1 
ATOM   1043 N  N   . GLY A 1 142 ? -6.983  2.598   -10.526 1.00 35.60 ? 141 GLY A N   1 
ATOM   1044 C  CA  . GLY A 1 142 ? -8.361  2.231   -10.209 1.00 35.18 ? 141 GLY A CA  1 
ATOM   1045 C  C   . GLY A 1 142 ? -9.061  3.269   -9.355  1.00 34.45 ? 141 GLY A C   1 
ATOM   1046 O  O   . GLY A 1 142 ? -10.250 3.564   -9.567  1.00 35.16 ? 141 GLY A O   1 
ATOM   1047 N  N   . ALA A 1 143 ? -8.334  3.816   -8.383  1.00 32.33 ? 142 ALA A N   1 
ATOM   1048 C  CA  . ALA A 1 143 ? -8.888  4.799   -7.496  1.00 32.70 ? 142 ALA A CA  1 
ATOM   1049 C  C   . ALA A 1 143 ? -9.236  6.068   -8.277  1.00 33.21 ? 142 ALA A C   1 
ATOM   1050 O  O   . ALA A 1 143 ? -10.329 6.646   -8.096  1.00 33.96 ? 142 ALA A O   1 
ATOM   1051 C  CB  . ALA A 1 143 ? -7.949  5.090   -6.338  1.00 31.53 ? 142 ALA A CB  1 
ATOM   1052 N  N   . LEU A 1 144 ? -8.349  6.467   -9.189  1.00 34.73 ? 143 LEU A N   1 
ATOM   1053 C  CA  . LEU A 1 144 ? -8.606  7.647   -10.029 1.00 34.79 ? 143 LEU A CA  1 
ATOM   1054 C  C   . LEU A 1 144 ? -9.829  7.446   -10.912 1.00 34.84 ? 143 LEU A C   1 
ATOM   1055 O  O   . LEU A 1 144 ? -10.644 8.358   -11.084 1.00 34.54 ? 143 LEU A O   1 
ATOM   1056 C  CB  . LEU A 1 144 ? -7.371  7.993   -10.859 1.00 35.36 ? 143 LEU A CB  1 
ATOM   1057 C  CG  . LEU A 1 144 ? -6.154  8.472   -10.071 1.00 35.09 ? 143 LEU A CG  1 
ATOM   1058 C  CD1 . LEU A 1 144 ? -4.894  8.509   -11.005 1.00 29.01 ? 143 LEU A CD1 1 
ATOM   1059 C  CD2 . LEU A 1 144 ? -6.458  9.841   -9.424  1.00 38.10 ? 143 LEU A CD2 1 
ATOM   1060 N  N   . GLU A 1 145 ? -9.978  6.242   -11.457 1.00 35.77 ? 144 GLU A N   1 
ATOM   1061 C  CA  . GLU A 1 145 ? -11.138 5.922   -12.274 1.00 37.32 ? 144 GLU A CA  1 
ATOM   1062 C  C   . GLU A 1 145 ? -12.458 6.081   -11.521 1.00 35.16 ? 144 GLU A C   1 
ATOM   1063 O  O   . GLU A 1 145 ? -13.419 6.647   -12.053 1.00 31.81 ? 144 GLU A O   1 
ATOM   1064 C  CB  . GLU A 1 145 ? -11.001 4.524   -12.867 1.00 37.89 ? 144 GLU A CB  1 
ATOM   1065 C  CG  . GLU A 1 145 ? -12.264 4.018   -13.498 1.00 43.73 ? 144 GLU A CG  1 
ATOM   1066 C  CD  . GLU A 1 145 ? -12.064 2.719   -14.279 1.00 45.20 ? 144 GLU A CD  1 
ATOM   1067 O  OE1 . GLU A 1 145 ? -10.904 2.223   -14.346 1.00 59.78 ? 144 GLU A OE1 1 
ATOM   1068 O  OE2 . GLU A 1 145 ? -13.076 2.221   -14.840 1.00 59.62 ? 144 GLU A OE2 1 
HETATM 1069 N  N   . MSE A 1 146 ? -12.487 5.629   -10.268 1.00 34.92 ? 145 MSE A N   1 
HETATM 1070 C  CA  . MSE A 1 146 ? -13.655 5.817   -9.405  1.00 35.11 ? 145 MSE A CA  1 
HETATM 1071 C  C   . MSE A 1 146 ? -13.970 7.275   -9.084  1.00 34.73 ? 145 MSE A C   1 
HETATM 1072 O  O   . MSE A 1 146 ? -15.148 7.701   -9.169  1.00 34.61 ? 145 MSE A O   1 
HETATM 1073 C  CB  . MSE A 1 146 ? -13.477 5.021   -8.104  1.00 35.42 ? 145 MSE A CB  1 
HETATM 1074 C  CG  . MSE A 1 146 ? -13.476 3.527   -8.335  1.00 36.52 ? 145 MSE A CG  1 
HETATM 1075 SE SE  . MSE A 1 146 ? -15.216 2.810   -8.816  0.75 36.99 ? 145 MSE A SE  1 
HETATM 1076 C  CE  . MSE A 1 146 ? -16.281 3.623   -7.430  1.00 41.21 ? 145 MSE A CE  1 
ATOM   1077 N  N   . ILE A 1 147 ? -12.948 8.047   -8.721  1.00 34.01 ? 146 ILE A N   1 
ATOM   1078 C  CA  . ILE A 1 147 ? -13.129 9.469   -8.431  1.00 35.23 ? 146 ILE A CA  1 
ATOM   1079 C  C   . ILE A 1 147 ? -13.680 10.184  -9.671  1.00 37.19 ? 146 ILE A C   1 
ATOM   1080 O  O   . ILE A 1 147 ? -14.582 11.016  -9.565  1.00 34.28 ? 146 ILE A O   1 
ATOM   1081 C  CB  . ILE A 1 147 ? -11.820 10.120  -7.965  1.00 35.91 ? 146 ILE A CB  1 
ATOM   1082 C  CG1 . ILE A 1 147 ? -11.407 9.573   -6.589  1.00 36.36 ? 146 ILE A CG1 1 
ATOM   1083 C  CG2 . ILE A 1 147 ? -11.931 11.646  -7.923  1.00 38.08 ? 146 ILE A CG2 1 
ATOM   1084 C  CD1 . ILE A 1 147 ? -9.914  9.786   -6.319  1.00 35.48 ? 146 ILE A CD1 1 
ATOM   1085 N  N   . GLU A 1 148 ? -13.167 9.824   -10.846 1.00 39.22 ? 147 GLU A N   1 
ATOM   1086 C  CA  . GLU A 1 148 ? -13.643 10.425  -12.092 1.00 40.25 ? 147 GLU A CA  1 
ATOM   1087 C  C   . GLU A 1 148 ? -15.100 10.066  -12.371 1.00 39.43 ? 147 GLU A C   1 
ATOM   1088 O  O   . GLU A 1 148 ? -15.858 10.923  -12.799 1.00 39.04 ? 147 GLU A O   1 
ATOM   1089 C  CB  . GLU A 1 148 ? -12.762 10.045  -13.282 1.00 40.21 ? 147 GLU A CB  1 
ATOM   1090 C  CG  . GLU A 1 148 ? -13.253 10.686  -14.600 1.00 41.49 ? 147 GLU A CG  1 
ATOM   1091 C  CD  . GLU A 1 148 ? -12.384 10.347  -15.796 1.00 43.25 ? 147 GLU A CD  1 
ATOM   1092 O  OE1 . GLU A 1 148 ? -11.209 10.770  -15.824 1.00 37.95 ? 147 GLU A OE1 1 
ATOM   1093 O  OE2 . GLU A 1 148 ? -12.913 9.662   -16.702 1.00 50.40 ? 147 GLU A OE2 1 
ATOM   1094 N  N   . LYS A 1 149 ? -15.507 8.825   -12.130 1.00 38.98 ? 148 LYS A N   1 
ATOM   1095 C  CA  . LYS A 1 149 ? -16.898 8.458   -12.362 1.00 40.01 ? 148 LYS A CA  1 
ATOM   1096 C  C   . LYS A 1 149 ? -17.830 9.162   -11.407 1.00 38.21 ? 148 LYS A C   1 
ATOM   1097 O  O   . LYS A 1 149 ? -18.875 9.596   -11.820 1.00 37.32 ? 148 LYS A O   1 
ATOM   1098 C  CB  . LYS A 1 149 ? -17.158 6.966   -12.213 1.00 40.41 ? 148 LYS A CB  1 
ATOM   1099 C  CG  . LYS A 1 149 ? -16.485 6.071   -13.214 1.00 44.49 ? 148 LYS A CG  1 
ATOM   1100 C  CD  . LYS A 1 149 ? -16.877 4.615   -12.932 1.00 44.17 ? 148 LYS A CD  1 
ATOM   1101 C  CE  . LYS A 1 149 ? -16.084 3.658   -13.816 1.00 51.95 ? 148 LYS A CE  1 
ATOM   1102 N  NZ  . LYS A 1 149 ? -16.341 2.256   -13.451 1.00 54.42 ? 148 LYS A NZ  1 
ATOM   1103 N  N   . PHE A 1 150 ? -17.448 9.268   -10.136 1.00 36.51 ? 149 PHE A N   1 
ATOM   1104 C  CA  . PHE A 1 150 ? -18.335 9.793   -9.091  1.00 36.48 ? 149 PHE A CA  1 
ATOM   1105 C  C   . PHE A 1 150 ? -17.718 10.943  -8.279  1.00 35.95 ? 149 PHE A C   1 
ATOM   1106 O  O   . PHE A 1 150 ? -17.533 10.834  -7.053  1.00 34.67 ? 149 PHE A O   1 
ATOM   1107 C  CB  . PHE A 1 150 ? -18.731 8.643   -8.161  1.00 36.20 ? 149 PHE A CB  1 
ATOM   1108 C  CG  . PHE A 1 150 ? -19.290 7.421   -8.888  1.00 35.29 ? 149 PHE A CG  1 
ATOM   1109 C  CD1 . PHE A 1 150 ? -20.505 7.483   -9.534  1.00 34.11 ? 149 PHE A CD1 1 
ATOM   1110 C  CD2 . PHE A 1 150 ? -18.598 6.229   -8.908  1.00 35.40 ? 149 PHE A CD2 1 
ATOM   1111 C  CE1 . PHE A 1 150 ? -21.034 6.381   -10.169 1.00 38.83 ? 149 PHE A CE1 1 
ATOM   1112 C  CE2 . PHE A 1 150 ? -19.107 5.137   -9.545  1.00 37.49 ? 149 PHE A CE2 1 
ATOM   1113 C  CZ  . PHE A 1 150 ? -20.343 5.205   -10.171 1.00 37.61 ? 149 PHE A CZ  1 
ATOM   1114 N  N   . PRO A 1 151 ? -17.420 12.062  -8.955  1.00 35.51 ? 150 PRO A N   1 
ATOM   1115 C  CA  . PRO A 1 151 ? -16.696 13.151  -8.319  1.00 35.08 ? 150 PRO A CA  1 
ATOM   1116 C  C   . PRO A 1 151 ? -17.440 13.844  -7.159  1.00 35.77 ? 150 PRO A C   1 
ATOM   1117 O  O   . PRO A 1 151 ? -16.797 14.305  -6.221  1.00 35.39 ? 150 PRO A O   1 
ATOM   1118 C  CB  . PRO A 1 151 ? -16.428 14.123  -9.478  1.00 35.76 ? 150 PRO A CB  1 
ATOM   1119 C  CG  . PRO A 1 151 ? -17.511 13.829  -10.483 1.00 37.83 ? 150 PRO A CG  1 
ATOM   1120 C  CD  . PRO A 1 151 ? -17.731 12.344  -10.373 1.00 36.33 ? 150 PRO A CD  1 
ATOM   1121 N  N   . GLU A 1 152 ? -18.764 13.916  -7.205  1.00 36.14 ? 151 GLU A N   1 
ATOM   1122 C  CA  . GLU A 1 152 ? -19.494 14.564  -6.114  1.00 37.32 ? 151 GLU A CA  1 
ATOM   1123 C  C   . GLU A 1 152 ? -19.445 13.701  -4.854  1.00 36.01 ? 151 GLU A C   1 
ATOM   1124 O  O   . GLU A 1 152 ? -19.378 14.216  -3.741  1.00 36.53 ? 151 GLU A O   1 
ATOM   1125 C  CB  . GLU A 1 152 ? -20.940 14.905  -6.498  1.00 39.13 ? 151 GLU A CB  1 
ATOM   1126 C  CG  . GLU A 1 152 ? -21.057 15.914  -7.643  1.00 46.65 ? 151 GLU A CG  1 
ATOM   1127 C  CD  . GLU A 1 152 ? -20.611 15.344  -8.997  1.00 53.04 ? 151 GLU A CD  1 
ATOM   1128 O  OE1 . GLU A 1 152 ? -20.722 14.104  -9.191  1.00 56.75 ? 151 GLU A OE1 1 
ATOM   1129 O  OE2 . GLU A 1 152 ? -20.143 16.133  -9.859  1.00 55.93 ? 151 GLU A OE2 1 
ATOM   1130 N  N   . VAL A 1 153 ? -19.454 12.390  -5.023  1.00 35.04 ? 152 VAL A N   1 
ATOM   1131 C  CA  . VAL A 1 153 ? -19.328 11.492  -3.869  1.00 34.35 ? 152 VAL A CA  1 
ATOM   1132 C  C   . VAL A 1 153 ? -17.894 11.547  -3.294  1.00 34.53 ? 152 VAL A C   1 
ATOM   1133 O  O   . VAL A 1 153 ? -17.708 11.613  -2.075  1.00 35.16 ? 152 VAL A O   1 
ATOM   1134 C  CB  . VAL A 1 153 ? -19.756 10.069  -4.215  1.00 34.07 ? 152 VAL A CB  1 
ATOM   1135 C  CG1 . VAL A 1 153 ? -19.787 9.210   -2.942  1.00 32.88 ? 152 VAL A CG1 1 
ATOM   1136 C  CG2 . VAL A 1 153 ? -21.154 10.090  -4.895  1.00 32.18 ? 152 VAL A CG2 1 
ATOM   1137 N  N   . ALA A 1 154 ? -16.899 11.579  -4.180  1.00 34.63 ? 153 ALA A N   1 
ATOM   1138 C  CA  . ALA A 1 154 ? -15.486 11.668  -3.810  1.00 34.12 ? 153 ALA A CA  1 
ATOM   1139 C  C   . ALA A 1 154 ? -15.165 12.940  -2.999  1.00 35.54 ? 153 ALA A C   1 
ATOM   1140 O  O   . ALA A 1 154 ? -14.324 12.923  -2.098  1.00 34.81 ? 153 ALA A O   1 
ATOM   1141 C  CB  . ALA A 1 154 ? -14.624 11.603  -5.067  1.00 33.89 ? 153 ALA A CB  1 
ATOM   1142 N  N   . ARG A 1 155 ? -15.860 14.027  -3.298  1.00 36.60 ? 154 ARG A N   1 
ATOM   1143 C  CA  . ARG A 1 155 ? -15.631 15.308  -2.620  1.00 40.07 ? 154 ARG A CA  1 
ATOM   1144 C  C   . ARG A 1 155 ? -16.693 15.648  -1.588  1.00 40.62 ? 154 ARG A C   1 
ATOM   1145 O  O   . ARG A 1 155 ? -16.730 16.767  -1.089  1.00 40.19 ? 154 ARG A O   1 
ATOM   1146 C  CB  . ARG A 1 155 ? -15.583 16.424  -3.665  1.00 40.39 ? 154 ARG A CB  1 
ATOM   1147 C  CG  . ARG A 1 155 ? -14.335 16.388  -4.550  1.00 41.67 ? 154 ARG A CG  1 
ATOM   1148 C  CD  . ARG A 1 155 ? -14.588 17.230  -5.798  1.00 45.36 ? 154 ARG A CD  1 
ATOM   1149 N  NE  . ARG A 1 155 ? -13.377 17.625  -6.513  1.00 52.96 ? 154 ARG A NE  1 
ATOM   1150 C  CZ  . ARG A 1 155 ? -12.758 16.913  -7.458  1.00 59.46 ? 154 ARG A CZ  1 
ATOM   1151 N  NH1 . ARG A 1 155 ? -13.191 15.701  -7.827  1.00 62.33 ? 154 ARG A NH1 1 
ATOM   1152 N  NH2 . ARG A 1 155 ? -11.669 17.420  -8.030  1.00 58.43 ? 154 ARG A NH2 1 
ATOM   1153 N  N   . PHE A 1 156 ? -17.547 14.682  -1.254  1.00 41.85 ? 155 PHE A N   1 
ATOM   1154 C  CA  . PHE A 1 156 ? -18.677 14.924  -0.352  1.00 41.69 ? 155 PHE A CA  1 
ATOM   1155 C  C   . PHE A 1 156 ? -18.236 15.429  1.019   1.00 42.93 ? 155 PHE A C   1 
ATOM   1156 O  O   . PHE A 1 156 ? -17.383 14.814  1.664   1.00 42.91 ? 155 PHE A O   1 
ATOM   1157 C  CB  . PHE A 1 156 ? -19.485 13.633  -0.179  1.00 41.06 ? 155 PHE A CB  1 
ATOM   1158 C  CG  . PHE A 1 156 ? -20.782 13.818  0.538   1.00 36.13 ? 155 PHE A CG  1 
ATOM   1159 C  CD1 . PHE A 1 156 ? -20.828 13.848  1.922   1.00 35.00 ? 155 PHE A CD1 1 
ATOM   1160 C  CD2 . PHE A 1 156 ? -21.967 13.955  -0.170  1.00 38.88 ? 155 PHE A CD2 1 
ATOM   1161 C  CE1 . PHE A 1 156 ? -22.041 14.006  2.589   1.00 39.35 ? 155 PHE A CE1 1 
ATOM   1162 C  CE2 . PHE A 1 156 ? -23.184 14.124  0.492   1.00 38.77 ? 155 PHE A CE2 1 
ATOM   1163 C  CZ  . PHE A 1 156 ? -23.218 14.150  1.870   1.00 37.40 ? 155 PHE A CZ  1 
ATOM   1164 O  OXT . PHE A 1 156 ? -18.755 16.448  1.520   1.00 43.83 ? 155 PHE A OXT 1 
HETATM 1165 S  S   . SO4 B 2 .   ? 4.035   -13.828 -7.266  1.00 66.98 ? 156 SO4 A S   1 
HETATM 1166 O  O1  . SO4 B 2 .   ? 3.918   -14.809 -6.186  1.00 70.15 ? 156 SO4 A O1  1 
HETATM 1167 O  O2  . SO4 B 2 .   ? 5.457   -13.585 -7.505  1.00 63.67 ? 156 SO4 A O2  1 
HETATM 1168 O  O3  . SO4 B 2 .   ? 3.359   -12.597 -6.872  1.00 63.36 ? 156 SO4 A O3  1 
HETATM 1169 O  O4  . SO4 B 2 .   ? 3.440   -14.398 -8.476  1.00 66.67 ? 156 SO4 A O4  1 
HETATM 1170 S  S   A SO4 C 2 .   ? 10.433  -15.170 -9.241  0.50 39.17 ? 157 SO4 A S   1 
HETATM 1171 S  S   B SO4 C 2 .   ? 11.804  -13.325 -11.834 0.50 62.35 ? 157 SO4 A S   1 
HETATM 1172 O  O1  A SO4 C 2 .   ? 10.536  -14.491 -7.952  0.50 31.95 ? 157 SO4 A O1  1 
HETATM 1173 O  O1  B SO4 C 2 .   ? 10.994  -14.011 -10.829 0.50 60.94 ? 157 SO4 A O1  1 
HETATM 1174 O  O2  A SO4 C 2 .   ? 11.285  -14.549 -10.243 0.50 36.10 ? 157 SO4 A O2  1 
HETATM 1175 O  O2  B SO4 C 2 .   ? 12.028  -11.945 -11.404 0.50 60.37 ? 157 SO4 A O2  1 
HETATM 1176 O  O3  A SO4 C 2 .   ? 9.040   -15.060 -9.675  0.50 36.33 ? 157 SO4 A O3  1 
HETATM 1177 O  O3  B SO4 C 2 .   ? 11.103  -13.329 -13.115 0.50 61.06 ? 157 SO4 A O3  1 
HETATM 1178 O  O4  A SO4 C 2 .   ? 10.839  -16.576 -9.098  0.50 34.83 ? 157 SO4 A O4  1 
HETATM 1179 O  O4  B SO4 C 2 .   ? 13.078  -14.021 -12.003 0.50 59.50 ? 157 SO4 A O4  1 
HETATM 1180 S  S   . SO4 D 2 .   ? -18.680 13.135  6.641   1.00 78.62 ? 158 SO4 A S   1 
HETATM 1181 O  O1  . SO4 D 2 .   ? -19.368 12.515  7.786   1.00 74.18 ? 158 SO4 A O1  1 
HETATM 1182 O  O2  . SO4 D 2 .   ? -17.549 13.937  7.121   1.00 76.22 ? 158 SO4 A O2  1 
HETATM 1183 O  O3  . SO4 D 2 .   ? -19.605 14.006  5.905   1.00 70.66 ? 158 SO4 A O3  1 
HETATM 1184 O  O4  . SO4 D 2 .   ? -18.167 12.080  5.754   1.00 72.54 ? 158 SO4 A O4  1 
HETATM 1185 C  C1  . EDO E 3 .   ? 0.052   -9.310  -3.846  1.00 47.43 ? 159 EDO A C1  1 
HETATM 1186 O  O1  . EDO E 3 .   ? -0.893  -8.477  -3.165  1.00 48.56 ? 159 EDO A O1  1 
HETATM 1187 C  C2  . EDO E 3 .   ? 0.673   -10.272 -2.837  1.00 46.76 ? 159 EDO A C2  1 
HETATM 1188 O  O2  . EDO E 3 .   ? 0.897   -9.565  -1.613  1.00 34.67 ? 159 EDO A O2  1 
HETATM 1189 C  C1  . EDO F 3 .   ? -1.020  -1.133  11.780  1.00 58.45 ? 160 EDO A C1  1 
HETATM 1190 O  O1  . EDO F 3 .   ? -1.430  0.083   12.427  1.00 59.45 ? 160 EDO A O1  1 
HETATM 1191 C  C2  . EDO F 3 .   ? 0.034   -1.837  12.626  1.00 57.73 ? 160 EDO A C2  1 
HETATM 1192 O  O2  . EDO F 3 .   ? -0.476  -3.060  13.163  1.00 55.86 ? 160 EDO A O2  1 
HETATM 1193 C  C1  . PG6 G 4 .   ? 11.030  5.480   17.422  1.00 55.85 ? 161 PG6 A C1  1 
HETATM 1194 O  O1  . PG6 G 4 .   ? 11.499  4.919   18.650  1.00 60.24 ? 161 PG6 A O1  1 
HETATM 1195 C  C2  . PG6 G 4 .   ? 10.537  4.884   19.714  1.00 57.81 ? 161 PG6 A C2  1 
HETATM 1196 C  C3  . PG6 G 4 .   ? 10.577  3.540   20.447  1.00 59.50 ? 161 PG6 A C3  1 
HETATM 1197 O  O2  . PG6 G 4 .   ? 11.458  3.604   21.574  1.00 59.53 ? 161 PG6 A O2  1 
HETATM 1198 C  C4  . PG6 G 4 .   ? 11.974  2.352   22.042  1.00 61.93 ? 161 PG6 A C4  1 
HETATM 1199 C  C5  . PG6 G 4 .   ? 13.423  2.507   22.526  1.00 62.34 ? 161 PG6 A C5  1 
HETATM 1200 O  O3  . PG6 G 4 .   ? 13.562  3.432   23.618  1.00 62.47 ? 161 PG6 A O3  1 
HETATM 1201 C  C6  . PG6 G 4 .   ? 14.940  3.646   23.985  1.00 60.85 ? 161 PG6 A C6  1 
HETATM 1202 C  C7  . PG6 G 4 .   ? 15.148  4.888   24.859  1.00 60.12 ? 161 PG6 A C7  1 
HETATM 1203 O  O4  . PG6 G 4 .   ? 14.736  6.088   24.181  1.00 59.18 ? 161 PG6 A O4  1 
HETATM 1204 C  C8  . PG6 G 4 .   ? 15.694  7.152   24.076  1.00 57.48 ? 161 PG6 A C8  1 
HETATM 1205 C  C9  . PG6 G 4 .   ? 15.399  7.944   22.798  1.00 54.60 ? 161 PG6 A C9  1 
HETATM 1206 O  O5  . PG6 G 4 .   ? 16.415  8.901   22.502  1.00 54.11 ? 161 PG6 A O5  1 
HETATM 1207 C  C10 . PG6 G 4 .   ? 16.874  8.980   21.136  1.00 52.29 ? 161 PG6 A C10 1 
HETATM 1208 C  C11 . PG6 G 4 .   ? 18.238  8.295   20.958  1.00 52.53 ? 161 PG6 A C11 1 
HETATM 1209 O  O6  . PG6 G 4 .   ? 18.778  8.489   19.647  1.00 55.73 ? 161 PG6 A O6  1 
HETATM 1210 C  C12 . PG6 G 4 .   ? 19.377  7.311   19.112  1.00 53.16 ? 161 PG6 A C12 1 
HETATM 1211 O  O   . HOH H 5 .   ? 4.196   10.913  -5.344  1.00 22.23 ? 162 HOH A O   1 
HETATM 1212 O  O   . HOH H 5 .   ? 3.507   9.284   1.342   1.00 22.40 ? 163 HOH A O   1 
HETATM 1213 O  O   . HOH H 5 .   ? -4.614  11.413  0.573   1.00 27.95 ? 164 HOH A O   1 
HETATM 1214 O  O   . HOH H 5 .   ? 6.463   -8.030  2.598   1.00 23.91 ? 165 HOH A O   1 
HETATM 1215 O  O   . HOH H 5 .   ? 2.873   7.379   -11.651 1.00 25.64 ? 166 HOH A O   1 
HETATM 1216 O  O   . HOH H 5 .   ? -2.281  -4.260  -7.778  1.00 27.04 ? 167 HOH A O   1 
HETATM 1217 O  O   . HOH H 5 .   ? 21.225  0.997   0.122   1.00 28.16 ? 168 HOH A O   1 
HETATM 1218 O  O   . HOH H 5 .   ? 12.896  -4.745  -9.816  1.00 21.41 ? 169 HOH A O   1 
HETATM 1219 O  O   . HOH H 5 .   ? -3.521  7.710   2.666   1.00 33.71 ? 170 HOH A O   1 
HETATM 1220 O  O   . HOH H 5 .   ? 1.398   5.781   -8.973  1.00 29.83 ? 171 HOH A O   1 
HETATM 1221 O  O   . HOH H 5 .   ? 15.203  7.486   7.254   1.00 23.69 ? 172 HOH A O   1 
HETATM 1222 O  O   . HOH H 5 .   ? 0.880   -0.405  -13.240 1.00 29.28 ? 173 HOH A O   1 
HETATM 1223 O  O   . HOH H 5 .   ? 14.140  9.133   0.622   1.00 24.61 ? 174 HOH A O   1 
HETATM 1224 O  O   . HOH H 5 .   ? 13.579  5.927   14.212  1.00 31.06 ? 175 HOH A O   1 
HETATM 1225 O  O   . HOH H 5 .   ? -14.245 10.558  4.395   1.00 40.85 ? 176 HOH A O   1 
HETATM 1226 O  O   . HOH H 5 .   ? 15.294  9.989   -2.517  1.00 40.40 ? 177 HOH A O   1 
HETATM 1227 O  O   . HOH H 5 .   ? -11.041 -1.854  -5.466  1.00 30.39 ? 178 HOH A O   1 
HETATM 1228 O  O   . HOH H 5 .   ? -11.153 -8.199  -2.980  1.00 31.94 ? 179 HOH A O   1 
HETATM 1229 O  O   . HOH H 5 .   ? -0.518  13.654  -1.725  1.00 37.16 ? 180 HOH A O   1 
HETATM 1230 O  O   . HOH H 5 .   ? -16.749 -4.432  11.373  1.00 39.44 ? 181 HOH A O   1 
HETATM 1231 O  O   . HOH H 5 .   ? 13.904  -3.735  -15.732 1.00 43.66 ? 182 HOH A O   1 
HETATM 1232 O  O   . HOH H 5 .   ? 3.251   -13.016 9.891   1.00 42.74 ? 183 HOH A O   1 
HETATM 1233 O  O   . HOH H 5 .   ? -11.648 12.692  0.986   1.00 37.37 ? 184 HOH A O   1 
HETATM 1234 O  O   . HOH H 5 .   ? -3.725  4.183   7.741   1.00 34.01 ? 185 HOH A O   1 
HETATM 1235 O  O   . HOH H 5 .   ? -23.043 11.108  -8.732  1.00 49.06 ? 186 HOH A O   1 
HETATM 1236 O  O   . HOH H 5 .   ? 4.112   5.157   -12.801 1.00 33.31 ? 187 HOH A O   1 
HETATM 1237 O  O   . HOH H 5 .   ? -16.607 -5.411  6.178   1.00 53.75 ? 188 HOH A O   1 
HETATM 1238 O  O   . HOH H 5 .   ? -0.320  4.900   9.229   1.00 47.57 ? 189 HOH A O   1 
HETATM 1239 O  O   . HOH H 5 .   ? -10.474 0.780   -7.416  1.00 35.34 ? 190 HOH A O   1 
HETATM 1240 O  O   . HOH H 5 .   ? -10.954 14.457  -14.071 1.00 44.91 ? 191 HOH A O   1 
HETATM 1241 O  O   . HOH H 5 .   ? -7.731  0.007   -7.704  1.00 32.71 ? 192 HOH A O   1 
HETATM 1242 O  O   . HOH H 5 .   ? -10.615 16.117  -0.927  1.00 50.56 ? 193 HOH A O   1 
HETATM 1243 O  O   . HOH H 5 .   ? -5.969  -0.298  -12.491 1.00 39.13 ? 194 HOH A O   1 
HETATM 1244 O  O   . HOH H 5 .   ? 4.907   14.919  1.025   1.00 40.52 ? 195 HOH A O   1 
HETATM 1245 O  O   . HOH H 5 .   ? 7.097   10.450  -9.150  1.00 41.97 ? 196 HOH A O   1 
HETATM 1246 O  O   . HOH H 5 .   ? 2.849   1.160   -13.922 1.00 32.16 ? 197 HOH A O   1 
HETATM 1247 O  O   . HOH H 5 .   ? 13.794  -13.390 -3.256  1.00 30.59 ? 198 HOH A O   1 
HETATM 1248 O  O   . HOH H 5 .   ? 14.192  -8.172  1.348   1.00 34.43 ? 199 HOH A O   1 
HETATM 1249 O  O   . HOH H 5 .   ? 23.246  1.398   3.190   1.00 47.60 ? 200 HOH A O   1 
HETATM 1250 O  O   . HOH H 5 .   ? -4.536  18.247  -2.025  1.00 45.89 ? 201 HOH A O   1 
HETATM 1251 O  O   . HOH H 5 .   ? 5.100   -12.036 3.413   1.00 39.70 ? 202 HOH A O   1 
HETATM 1252 O  O   . HOH H 5 .   ? -9.485  18.037  -6.823  1.00 45.62 ? 203 HOH A O   1 
HETATM 1253 O  O   . HOH H 5 .   ? 13.183  -5.944  -12.158 1.00 35.37 ? 204 HOH A O   1 
HETATM 1254 O  O   . HOH H 5 .   ? 6.716   -13.958 -9.877  1.00 44.15 ? 205 HOH A O   1 
HETATM 1255 O  O   . HOH H 5 .   ? 4.052   11.409  3.543   1.00 41.77 ? 206 HOH A O   1 
HETATM 1256 O  O   . HOH H 5 .   ? -0.446  16.209  -3.091  1.00 43.12 ? 207 HOH A O   1 
HETATM 1257 O  O   . HOH H 5 .   ? 8.683   11.368  4.659   1.00 32.97 ? 208 HOH A O   1 
HETATM 1258 O  O   . HOH H 5 .   ? -11.811 1.538   -10.858 1.00 46.59 ? 209 HOH A O   1 
HETATM 1259 O  O   . HOH H 5 .   ? 13.282  -10.649 0.758   1.00 47.19 ? 210 HOH A O   1 
HETATM 1260 O  O   . HOH H 5 .   ? 2.455   13.264  -0.124  1.00 39.93 ? 211 HOH A O   1 
HETATM 1261 O  O   . HOH H 5 .   ? 10.758  -18.328 -6.735  1.00 49.95 ? 212 HOH A O   1 
HETATM 1262 O  O   . HOH H 5 .   ? -14.904 -5.551  8.206   1.00 43.45 ? 213 HOH A O   1 
HETATM 1263 O  O   . HOH H 5 .   ? -7.947  -4.214  -4.574  1.00 43.61 ? 214 HOH A O   1 
HETATM 1264 O  O   . HOH H 5 .   ? -1.363  1.173   -13.899 1.00 37.39 ? 215 HOH A O   1 
HETATM 1265 O  O   . HOH H 5 .   ? 3.279   5.993   12.854  1.00 43.10 ? 216 HOH A O   1 
HETATM 1266 O  O   . HOH H 5 .   ? -3.420  -6.251  -1.289  1.00 37.52 ? 217 HOH A O   1 
HETATM 1267 O  O   . HOH H 5 .   ? -9.448  -9.906  -3.370  1.00 52.01 ? 218 HOH A O   1 
HETATM 1268 O  O   . HOH H 5 .   ? -5.200  -10.690 0.047   1.00 43.16 ? 219 HOH A O   1 
HETATM 1269 O  O   . HOH H 5 .   ? -12.920 -7.237  8.205   1.00 35.73 ? 220 HOH A O   1 
HETATM 1270 O  O   . HOH H 5 .   ? -4.037  -0.162  -14.535 1.00 39.63 ? 221 HOH A O   1 
HETATM 1271 O  O   . HOH H 5 .   ? 2.864   -10.538 -5.329  1.00 32.15 ? 222 HOH A O   1 
HETATM 1272 O  O   . HOH H 5 .   ? 4.667   -12.969 7.501   1.00 43.55 ? 223 HOH A O   1 
HETATM 1273 O  O   . HOH H 5 .   ? 13.618  5.565   21.731  1.00 41.64 ? 224 HOH A O   1 
HETATM 1274 O  O   . HOH H 5 .   ? -4.867  -4.257  -8.634  1.00 43.54 ? 225 HOH A O   1 
HETATM 1275 O  O   . HOH H 5 .   ? 10.363  12.192  6.835   1.00 43.60 ? 226 HOH A O   1 
HETATM 1276 O  O   . HOH H 5 .   ? 11.838  10.519  0.290   1.00 43.47 ? 227 HOH A O   1 
HETATM 1277 O  O   . HOH H 5 .   ? -7.391  -4.382  12.429  1.00 41.37 ? 228 HOH A O   1 
HETATM 1278 O  O   . HOH H 5 .   ? -11.357 -11.136 3.435   1.00 44.42 ? 229 HOH A O   1 
HETATM 1279 O  O   . HOH H 5 .   ? 10.782  11.588  2.714   1.00 37.28 ? 230 HOH A O   1 
HETATM 1280 O  O   . HOH H 5 .   ? -3.567  -8.881  -1.330  1.00 43.06 ? 231 HOH A O   1 
HETATM 1281 O  O   . HOH H 5 .   ? 2.166   -9.246  -7.460  1.00 43.50 ? 232 HOH A O   1 
HETATM 1282 O  O   . HOH H 5 .   ? 13.056  11.997  6.000   1.00 55.85 ? 233 HOH A O   1 
HETATM 1283 O  O   . HOH H 5 .   ? 3.964   -11.593 -10.015 1.00 47.76 ? 234 HOH A O   1 
HETATM 1284 O  O   . HOH H 5 .   ? -13.101 14.471  -0.219  1.00 46.74 ? 235 HOH A O   1 
HETATM 1285 O  O   . HOH H 5 .   ? -10.964 10.364  3.177   1.00 43.91 ? 236 HOH A O   1 
HETATM 1286 O  O   . HOH H 5 .   ? 2.001   -13.372 -1.605  1.00 43.66 ? 237 HOH A O   1 
HETATM 1287 O  O   . HOH H 5 .   ? -6.104  5.882   7.811   1.00 50.76 ? 238 HOH A O   1 
HETATM 1288 O  O   . HOH H 5 .   ? 4.021   9.218   11.970  1.00 57.03 ? 239 HOH A O   1 
HETATM 1289 O  O   . HOH H 5 .   ? -2.832  8.427   5.065   1.00 43.89 ? 240 HOH A O   1 
HETATM 1290 O  O   . HOH H 5 .   ? -1.288  -10.871 0.312   1.00 42.67 ? 241 HOH A O   1 
HETATM 1291 O  O   . HOH H 5 .   ? -14.844 13.933  -13.289 1.00 50.84 ? 242 HOH A O   1 
HETATM 1292 O  O   . HOH H 5 .   ? -13.552 -8.799  6.205   1.00 44.89 ? 243 HOH A O   1 
HETATM 1293 O  O   . HOH H 5 .   ? -12.491 -11.100 6.098   1.00 50.00 ? 244 HOH A O   1 
HETATM 1294 O  O   . HOH H 5 .   ? -4.606  -8.987  12.648  1.00 46.88 ? 245 HOH A O   1 
HETATM 1295 O  O   . HOH H 5 .   ? -0.171  -9.022  14.853  1.00 46.10 ? 246 HOH A O   1 
HETATM 1296 O  O   . HOH H 5 .   ? 0.430   9.303   5.882   1.00 44.35 ? 247 HOH A O   1 
HETATM 1297 O  O   . HOH H 5 .   ? -3.249  14.526  2.520   1.00 46.45 ? 248 HOH A O   1 
HETATM 1298 O  O   . HOH H 5 .   ? -7.150  -1.964  -9.218  1.00 42.03 ? 249 HOH A O   1 
HETATM 1299 O  O   . HOH H 5 .   ? -4.164  -10.488 -3.775  1.00 50.81 ? 250 HOH A O   1 
HETATM 1300 O  O   . HOH H 5 .   ? 3.678   10.184  6.595   1.00 56.10 ? 251 HOH A O   1 
HETATM 1301 O  O   . HOH H 5 .   ? 14.160  -1.518  6.058   1.00 60.94 ? 252 HOH A O   1 
HETATM 1302 O  O   . HOH H 5 .   ? -5.785  -11.572 12.173  1.00 49.44 ? 253 HOH A O   1 
HETATM 1303 O  O   . HOH H 5 .   ? 6.729   -8.212  13.655  1.00 51.69 ? 254 HOH A O   1 
HETATM 1304 O  O   . HOH H 5 .   ? 0.803   -21.529 -1.125  1.00 37.94 ? 255 HOH A O   1 
HETATM 1305 O  O   . HOH H 5 .   ? -4.515  10.514  3.085   1.00 38.60 ? 256 HOH A O   1 
HETATM 1306 O  O   . HOH H 5 .   ? -5.892  -4.046  -3.113  1.00 33.71 ? 257 HOH A O   1 
HETATM 1307 O  O   . HOH H 5 .   ? 9.921   -1.421  5.143   1.00 37.26 ? 258 HOH A O   1 
HETATM 1308 O  O   . HOH H 5 .   ? -19.802 16.735  -3.357  1.00 36.34 ? 259 HOH A O   1 
HETATM 1309 O  O   . HOH H 5 .   ? 17.227  5.099   -9.179  1.00 63.63 ? 260 HOH A O   1 
HETATM 1310 O  O   . HOH H 5 .   ? 17.725  8.219   -0.243  1.00 41.55 ? 261 HOH A O   1 
HETATM 1311 O  O   . HOH H 5 .   ? 16.208  -3.154  4.084   1.00 42.89 ? 262 HOH A O   1 
HETATM 1312 O  O   . HOH H 5 .   ? 10.658  -9.619  3.299   1.00 43.12 ? 263 HOH A O   1 
HETATM 1313 O  O   . HOH H 5 .   ? -2.744  -7.426  -10.009 1.00 41.97 ? 264 HOH A O   1 
HETATM 1314 O  O   . HOH H 5 .   ? -9.932  11.712  -14.222 1.00 29.22 ? 265 HOH A O   1 
HETATM 1315 O  O   . HOH H 5 .   ? -20.981 11.804  -8.198  1.00 32.15 ? 266 HOH A O   1 
# 
